data_5N1A
#
_entry.id   5N1A
#
_cell.length_a   203.027
_cell.length_b   81.593
_cell.length_c   112.300
_cell.angle_alpha   90.000
_cell.angle_beta   110.550
_cell.angle_gamma   90.000
#
_symmetry.space_group_name_H-M   'C 1 2 1'
#
loop_
_entity.id
_entity.type
_entity.pdbx_description
1 polymer utp4
2 water water
#
_entity_poly.entity_id   1
_entity_poly.type   'polypeptide(L)'
_entity_poly.pdbx_seq_one_letter_code
;(MSE)GHHHHHHDYDIPTTENLYFQGAH(MSE)DIHRCRFVRYPASAINAVAFTHSALPVVSSSKKYLQKNIQVRLAIGR
ANGDIEIWNPLNGGWYQEVIIPGGKDRSVDGLVWVTDPDEE(MSE)ADGKIIHGKSRLFSIGYTTTITEWDLEKARAKKH
ASGQHGEIWCFGVQPLPHKANAAAAQNRKLVAGTVDGNLVLYSIEDGDLKFQKTLTRTPSKKTKFVSIAFQSHNIVIVGC
SNSTICAYDVRTGT(MSE)LRQ(MSE)TLGTDLTGGSKNIIVWAVKCLPNGDIVSGDSTGQVCIWDGKTYTQAQRIQSHT
QDVLCLSVSADGSKIISGG(MSE)DRRTAVYEP(MSE)AGQSGRWSKVFHRRYHQHDVKA(MSE)ASFEGKG(MSE)SVV
VSGGSDASPIVLPLRALGKEFHRTLPHLPQHPTVLSAPKARYILSWWENEIRIWHLLNSAQQFLDDPQAPLNLRKNRKFL
AQVLIKGASHITSASISEDGTLLAASTPTDVKVFHLDPAAAQRNGQLYIKKVN(MSE)TGTGLGATRVQISPDKRWICWA
EEGSKV(MSE)ISRVHATESADGISYTVSVPHKLHRLRRQIPKHILLGGLGSYDRNVSQIAFSADSR(MSE)LSVADLAG
YIDTWVLRGPGEGVNGTGGEDSDGESAASSSDSSDEKSEDIAGERWARNPKAA(MSE)IPKLSAAPVVLSFSPTPRDDGD
YDLLVVTTLKQLLIFNPLRG(MSE)LSEWSRRNTYPKLPEPFRDTRDQVKGIVWQGQRAWFYGVASLF(MSE)FDLSQDF
SPEKDLVETNGHKQGTKRKRGAHESGAGSKIEKHSLVPQRIRAASAPDGTKWEDIE(MSE)VDADDQKSVGVSSGVDDDD
DETDGSELQRLREENREANSSANAEKEGPSRAKWWHTYQFRPI(MSE)GIVPIEG(MSE)(MSE)EKKLGAVEGIPPLEV
ALIERPLSEDDLPERYFAEGEWER
;
_entity_poly.pdbx_strand_id   A,B
#
# COMPACT_ATOMS: atom_id res chain seq x y z
N THR A 14 -2.26 25.40 16.89
CA THR A 14 -1.01 24.71 16.59
C THR A 14 0.03 24.88 17.70
N THR A 15 -0.10 25.93 18.51
CA THR A 15 0.84 26.17 19.59
C THR A 15 0.11 26.34 20.91
N GLU A 16 0.79 25.94 21.98
CA GLU A 16 0.32 26.11 23.35
C GLU A 16 1.53 26.45 24.20
N ASN A 17 1.28 26.98 25.40
CA ASN A 17 2.37 27.36 26.27
C ASN A 17 1.93 27.16 27.71
N LEU A 18 2.66 26.32 28.43
CA LEU A 18 2.41 26.06 29.84
C LEU A 18 3.45 26.80 30.67
N TYR A 19 3.03 27.28 31.84
CA TYR A 19 3.92 27.90 32.80
C TYR A 19 3.49 27.47 34.19
N PHE A 20 4.39 26.81 34.91
CA PHE A 20 4.14 26.36 36.27
C PHE A 20 5.33 26.77 37.14
N GLN A 21 5.17 27.87 37.88
CA GLN A 21 6.16 28.32 38.86
C GLN A 21 7.57 28.36 38.28
N GLY A 22 7.73 29.01 37.13
CA GLY A 22 9.02 29.19 36.52
C GLY A 22 9.31 28.28 35.34
N ALA A 23 8.64 27.14 35.24
CA ALA A 23 8.90 26.17 34.18
C ALA A 23 8.04 26.48 32.97
N HIS A 24 8.69 26.77 31.85
CA HIS A 24 8.02 27.03 30.58
C HIS A 24 8.05 25.77 29.72
N MSE A 25 6.90 25.39 29.17
CA MSE A 25 6.86 24.39 28.11
C MSE A 25 6.22 24.97 26.86
O MSE A 25 5.04 25.31 26.87
CB MSE A 25 6.11 23.13 28.56
CG MSE A 25 6.19 22.00 27.52
SE MSE A 25 4.97 20.47 27.82
CE MSE A 25 6.22 19.24 28.66
N ASP A 26 7.01 25.10 25.80
CA ASP A 26 6.51 25.55 24.50
C ASP A 26 6.13 24.32 23.68
N ILE A 27 4.87 24.27 23.24
CA ILE A 27 4.30 23.07 22.63
C ILE A 27 3.94 23.36 21.19
N HIS A 28 4.39 22.49 20.29
CA HIS A 28 3.87 22.40 18.93
C HIS A 28 2.80 21.31 18.95
N ARG A 29 1.54 21.72 18.83
CA ARG A 29 0.43 20.77 18.87
C ARG A 29 0.25 20.19 17.48
N CYS A 30 0.61 18.91 17.32
CA CYS A 30 0.67 18.28 16.00
C CYS A 30 -0.42 17.24 15.86
N ARG A 31 -1.14 17.31 14.74
CA ARG A 31 -2.16 16.34 14.38
C ARG A 31 -1.91 15.74 13.00
N PHE A 32 -0.72 15.94 12.43
CA PHE A 32 -0.44 15.52 11.06
C PHE A 32 0.20 14.15 10.97
N VAL A 33 0.42 13.46 12.10
CA VAL A 33 0.93 12.10 12.09
C VAL A 33 -0.28 11.17 12.00
N ARG A 34 -0.54 10.66 10.79
CA ARG A 34 -1.77 9.90 10.51
C ARG A 34 -1.58 8.42 10.86
N TYR A 35 -1.35 8.17 12.15
CA TYR A 35 -1.22 6.80 12.61
C TYR A 35 -2.52 6.06 12.34
N PRO A 36 -2.51 4.96 11.59
CA PRO A 36 -3.76 4.32 11.18
C PRO A 36 -4.38 3.50 12.29
N ALA A 37 -5.70 3.46 12.28
CA ALA A 37 -6.46 2.58 13.15
C ALA A 37 -6.78 1.30 12.40
N SER A 38 -6.53 0.16 13.04
CA SER A 38 -6.87 -1.14 12.49
C SER A 38 -8.02 -1.72 13.29
N ALA A 39 -9.00 -2.27 12.57
CA ALA A 39 -10.20 -2.81 13.21
C ALA A 39 -9.84 -3.96 14.14
N ILE A 40 -10.56 -4.04 15.26
CA ILE A 40 -10.49 -5.22 16.12
C ILE A 40 -11.41 -6.30 15.56
N ASN A 41 -10.83 -7.41 15.14
CA ASN A 41 -11.59 -8.51 14.57
C ASN A 41 -11.83 -9.65 15.55
N ALA A 42 -11.06 -9.74 16.63
CA ALA A 42 -11.11 -10.90 17.50
C ALA A 42 -10.63 -10.51 18.89
N VAL A 43 -11.29 -11.07 19.90
CA VAL A 43 -11.02 -10.79 21.31
C VAL A 43 -11.11 -12.12 22.07
N ALA A 44 -10.11 -12.41 22.90
CA ALA A 44 -10.10 -13.70 23.59
C ALA A 44 -9.23 -13.65 24.85
N PHE A 45 -9.75 -14.21 25.93
CA PHE A 45 -9.08 -14.27 27.23
C PHE A 45 -8.38 -15.61 27.44
N THR A 46 -7.30 -15.59 28.23
CA THR A 46 -6.63 -16.83 28.62
C THR A 46 -7.59 -17.73 29.39
N HIS A 47 -8.40 -17.15 30.25
CA HIS A 47 -9.39 -17.87 31.05
C HIS A 47 -10.72 -17.16 30.87
N SER A 48 -11.78 -17.92 30.58
CA SER A 48 -13.11 -17.33 30.60
C SER A 48 -13.54 -17.03 32.03
N ALA A 49 -13.13 -17.86 32.98
CA ALA A 49 -13.59 -17.75 34.36
C ALA A 49 -12.59 -18.45 35.26
N LEU A 50 -12.38 -17.89 36.44
CA LEU A 50 -11.59 -18.54 37.46
C LEU A 50 -12.51 -19.06 38.56
N PRO A 51 -12.13 -20.14 39.25
CA PRO A 51 -12.95 -20.61 40.37
C PRO A 51 -13.10 -19.51 41.42
N VAL A 52 -14.24 -19.51 42.09
CA VAL A 52 -14.48 -18.56 43.17
C VAL A 52 -13.74 -19.04 44.39
N VAL A 53 -12.95 -18.16 45.00
CA VAL A 53 -12.22 -18.45 46.22
C VAL A 53 -12.47 -17.30 47.18
N SER A 54 -12.24 -17.57 48.46
CA SER A 54 -12.46 -16.55 49.48
C SER A 54 -11.15 -15.88 49.84
N SER A 55 -11.26 -14.73 50.51
CA SER A 55 -10.09 -13.99 50.99
C SER A 55 -9.08 -14.89 51.68
N SER A 56 -9.53 -15.97 52.33
CA SER A 56 -8.60 -16.88 52.97
C SER A 56 -7.83 -17.69 51.94
N LYS A 57 -8.39 -17.87 50.75
CA LYS A 57 -7.77 -18.63 49.67
C LYS A 57 -7.38 -17.75 48.49
N LYS A 58 -7.37 -16.43 48.67
CA LYS A 58 -6.99 -15.52 47.58
C LYS A 58 -5.59 -15.85 47.07
N TYR A 59 -4.65 -16.06 47.98
CA TYR A 59 -3.27 -16.37 47.60
C TYR A 59 -3.15 -17.63 46.76
N LEU A 60 -4.22 -18.39 46.56
CA LEU A 60 -4.11 -19.56 45.70
C LEU A 60 -4.26 -19.19 44.22
N GLN A 61 -4.58 -17.93 43.92
CA GLN A 61 -4.75 -17.49 42.55
C GLN A 61 -3.81 -16.34 42.20
N LYS A 62 -2.92 -15.94 43.11
CA LYS A 62 -2.02 -14.83 42.85
C LYS A 62 -1.15 -15.09 41.62
N ASN A 63 -0.67 -16.32 41.44
CA ASN A 63 0.23 -16.66 40.35
C ASN A 63 -0.47 -16.98 39.03
N ILE A 64 -1.81 -17.01 39.01
CA ILE A 64 -2.53 -17.17 37.75
C ILE A 64 -2.38 -15.90 36.91
N GLN A 65 -2.01 -16.07 35.64
CA GLN A 65 -1.77 -14.93 34.77
C GLN A 65 -2.87 -14.86 33.71
N VAL A 66 -3.81 -13.95 33.91
CA VAL A 66 -4.90 -13.70 32.97
C VAL A 66 -4.44 -12.65 31.97
N ARG A 67 -4.57 -12.95 30.69
CA ARG A 67 -4.29 -11.97 29.64
C ARG A 67 -5.43 -11.93 28.63
N LEU A 68 -5.60 -10.76 28.03
CA LEU A 68 -6.50 -10.57 26.90
C LEU A 68 -5.70 -10.47 25.62
N ALA A 69 -6.17 -11.16 24.58
CA ALA A 69 -5.59 -11.06 23.25
C ALA A 69 -6.54 -10.30 22.34
N ILE A 70 -6.01 -9.32 21.61
CA ILE A 70 -6.78 -8.53 20.66
C ILE A 70 -6.16 -8.70 19.29
N GLY A 71 -6.94 -9.20 18.33
CA GLY A 71 -6.47 -9.42 16.98
C GLY A 71 -6.99 -8.35 16.03
N ARG A 72 -6.08 -7.79 15.25
CA ARG A 72 -6.39 -6.67 14.37
C ARG A 72 -6.50 -7.12 12.91
N ALA A 73 -7.24 -6.31 12.14
CA ALA A 73 -7.36 -6.53 10.70
C ALA A 73 -6.01 -6.47 9.97
N ASN A 74 -5.01 -5.81 10.54
CA ASN A 74 -3.69 -5.76 9.91
C ASN A 74 -2.79 -6.90 10.36
N GLY A 75 -3.31 -7.85 11.14
CA GLY A 75 -2.56 -9.00 11.58
C GLY A 75 -1.90 -8.85 12.93
N ASP A 76 -1.83 -7.63 13.48
CA ASP A 76 -1.34 -7.44 14.84
C ASP A 76 -2.09 -8.32 15.83
N ILE A 77 -1.36 -8.83 16.82
CA ILE A 77 -1.97 -9.48 17.98
C ILE A 77 -1.41 -8.82 19.23
N GLU A 78 -2.28 -8.22 20.03
CA GLU A 78 -1.90 -7.46 21.22
C GLU A 78 -2.25 -8.25 22.48
N ILE A 79 -1.29 -8.32 23.41
CA ILE A 79 -1.48 -8.96 24.69
C ILE A 79 -1.72 -7.86 25.73
N TRP A 80 -2.87 -7.89 26.37
CA TRP A 80 -3.25 -6.92 27.39
C TRP A 80 -3.38 -7.61 28.74
N ASN A 81 -3.00 -6.90 29.80
CA ASN A 81 -3.17 -7.37 31.17
C ASN A 81 -4.31 -6.61 31.81
N PRO A 82 -5.39 -7.27 32.25
CA PRO A 82 -6.51 -6.53 32.83
C PRO A 82 -6.17 -5.82 34.14
N LEU A 83 -5.21 -6.32 34.91
CA LEU A 83 -4.67 -5.66 36.10
C LEU A 83 -5.75 -5.09 37.01
N ASN A 84 -6.77 -5.90 37.27
CA ASN A 84 -7.90 -5.54 38.14
C ASN A 84 -8.43 -4.14 37.83
N GLY A 85 -8.61 -3.86 36.53
CA GLY A 85 -9.17 -2.59 36.10
C GLY A 85 -8.16 -1.61 35.52
N GLY A 86 -6.88 -1.71 35.90
CA GLY A 86 -5.86 -0.90 35.26
C GLY A 86 -5.35 -1.58 34.02
N TRP A 87 -6.11 -1.49 32.93
CA TRP A 87 -5.77 -2.20 31.70
C TRP A 87 -4.48 -1.67 31.10
N TYR A 88 -3.57 -2.58 30.79
CA TYR A 88 -2.23 -2.24 30.34
C TYR A 88 -1.88 -3.08 29.13
N GLN A 89 -1.52 -2.42 28.02
CA GLN A 89 -1.12 -3.11 26.81
C GLN A 89 0.36 -3.46 26.89
N GLU A 90 0.66 -4.76 26.91
CA GLU A 90 2.00 -5.24 27.22
C GLU A 90 2.85 -5.44 25.97
N VAL A 91 2.37 -6.27 25.04
CA VAL A 91 3.15 -6.74 23.91
C VAL A 91 2.29 -6.67 22.66
N ILE A 92 2.89 -6.26 21.55
CA ILE A 92 2.23 -6.31 20.25
C ILE A 92 3.05 -7.22 19.35
N ILE A 93 2.46 -8.36 19.01
CA ILE A 93 3.07 -9.24 18.00
C ILE A 93 2.69 -8.70 16.62
N PRO A 94 3.66 -8.40 15.76
CA PRO A 94 3.33 -7.67 14.54
C PRO A 94 2.61 -8.53 13.51
N GLY A 95 1.65 -7.92 12.83
CA GLY A 95 1.11 -8.46 11.59
C GLY A 95 2.06 -8.17 10.46
N GLY A 96 1.51 -8.19 9.25
CA GLY A 96 2.34 -7.93 8.09
C GLY A 96 1.50 -7.68 6.86
N LYS A 97 2.19 -7.33 5.78
CA LYS A 97 1.54 -7.09 4.50
C LYS A 97 0.72 -8.31 4.10
N ASP A 98 -0.53 -8.08 3.68
CA ASP A 98 -1.42 -9.14 3.24
C ASP A 98 -1.65 -10.20 4.32
N ARG A 99 -1.59 -9.79 5.60
CA ARG A 99 -1.95 -10.65 6.71
C ARG A 99 -3.05 -10.00 7.52
N SER A 100 -4.00 -10.82 7.97
CA SER A 100 -5.07 -10.37 8.85
C SER A 100 -5.37 -11.45 9.88
N VAL A 101 -5.85 -11.03 11.04
CA VAL A 101 -6.32 -11.93 12.08
C VAL A 101 -7.84 -11.86 12.13
N ASP A 102 -8.49 -13.02 12.02
CA ASP A 102 -9.94 -13.10 11.99
C ASP A 102 -10.53 -13.84 13.18
N GLY A 103 -9.75 -14.65 13.87
CA GLY A 103 -10.24 -15.40 15.01
C GLY A 103 -9.10 -15.73 15.94
N LEU A 104 -9.39 -15.77 17.23
CA LEU A 104 -8.40 -16.09 18.25
C LEU A 104 -8.95 -17.15 19.19
N VAL A 105 -8.09 -18.09 19.58
CA VAL A 105 -8.45 -19.17 20.49
C VAL A 105 -7.30 -19.37 21.47
N TRP A 106 -7.60 -19.26 22.77
CA TRP A 106 -6.68 -19.69 23.81
C TRP A 106 -7.02 -21.12 24.21
N VAL A 107 -5.99 -21.93 24.44
CA VAL A 107 -6.15 -23.25 25.04
C VAL A 107 -5.36 -23.24 26.33
N THR A 108 -6.06 -23.31 27.46
CA THR A 108 -5.43 -23.28 28.77
C THR A 108 -5.66 -24.63 29.46
N ASP A 109 -4.57 -25.29 29.86
CA ASP A 109 -4.66 -26.59 30.48
C ASP A 109 -5.27 -26.49 31.88
N PRO A 110 -5.75 -27.61 32.43
CA PRO A 110 -6.09 -27.63 33.85
C PRO A 110 -4.84 -27.43 34.69
N ASP A 111 -5.03 -26.92 35.89
CA ASP A 111 -3.92 -26.88 36.83
C ASP A 111 -3.49 -28.31 37.13
N GLU A 112 -2.24 -28.47 37.53
CA GLU A 112 -1.73 -29.79 37.85
C GLU A 112 -0.94 -29.72 39.14
N GLU A 113 -1.17 -30.68 40.01
CA GLU A 113 -0.51 -30.76 41.31
C GLU A 113 0.68 -31.69 41.22
N MSE A 114 1.85 -31.18 41.55
CA MSE A 114 3.05 -32.00 41.56
C MSE A 114 3.00 -32.95 42.75
O MSE A 114 2.22 -32.72 43.68
CB MSE A 114 4.32 -31.13 41.59
CG MSE A 114 4.23 -29.92 40.67
SE MSE A 114 5.97 -29.24 40.07
CE MSE A 114 6.61 -28.39 41.70
N ALA A 115 3.83 -33.99 42.72
CA ALA A 115 3.85 -34.96 43.81
C ALA A 115 4.08 -34.30 45.17
N ASP A 116 4.81 -33.19 45.20
CA ASP A 116 5.06 -32.48 46.45
C ASP A 116 3.97 -31.48 46.80
N GLY A 117 2.84 -31.52 46.11
CA GLY A 117 1.71 -30.65 46.37
C GLY A 117 1.82 -29.23 45.84
N LYS A 118 2.84 -28.93 45.04
CA LYS A 118 2.93 -27.60 44.43
C LYS A 118 2.04 -27.52 43.20
N ILE A 119 1.36 -26.40 43.04
CA ILE A 119 0.40 -26.22 41.95
C ILE A 119 1.10 -25.57 40.76
N ILE A 120 1.15 -26.29 39.64
CA ILE A 120 1.49 -25.70 38.35
C ILE A 120 0.19 -25.23 37.71
N HIS A 121 0.04 -23.92 37.56
CA HIS A 121 -1.13 -23.40 36.86
C HIS A 121 -1.05 -23.75 35.38
N GLY A 122 -2.20 -24.12 34.80
CA GLY A 122 -2.19 -24.62 33.44
C GLY A 122 -1.57 -23.65 32.46
N LYS A 123 -0.81 -24.19 31.51
CA LYS A 123 -0.21 -23.37 30.47
C LYS A 123 -1.26 -22.89 29.48
N SER A 124 -1.03 -21.69 28.93
CA SER A 124 -1.92 -21.09 27.96
C SER A 124 -1.22 -20.98 26.61
N ARG A 125 -1.88 -21.48 25.56
CA ARG A 125 -1.41 -21.41 24.19
C ARG A 125 -2.40 -20.61 23.37
N LEU A 126 -1.89 -19.84 22.40
CA LEU A 126 -2.72 -18.93 21.61
C LEU A 126 -2.61 -19.27 20.13
N PHE A 127 -3.76 -19.39 19.46
CA PHE A 127 -3.85 -19.72 18.05
C PHE A 127 -4.71 -18.68 17.34
N SER A 128 -4.48 -18.54 16.03
CA SER A 128 -5.28 -17.62 15.24
C SER A 128 -5.55 -18.19 13.84
N ILE A 129 -6.59 -17.64 13.21
CA ILE A 129 -6.92 -17.90 11.80
C ILE A 129 -7.04 -16.56 11.10
N GLY A 130 -6.73 -16.55 9.80
CA GLY A 130 -6.74 -15.31 9.04
C GLY A 130 -7.20 -15.38 7.61
N TYR A 131 -8.41 -15.90 7.38
CA TYR A 131 -9.00 -16.00 6.04
C TYR A 131 -8.11 -16.78 5.09
N THR A 132 -7.33 -17.72 5.62
CA THR A 132 -6.53 -18.63 4.81
C THR A 132 -6.82 -20.07 5.21
N THR A 133 -6.07 -21.00 4.65
CA THR A 133 -6.15 -22.40 5.05
C THR A 133 -5.21 -22.73 6.21
N THR A 134 -4.60 -21.72 6.83
CA THR A 134 -3.55 -21.93 7.82
C THR A 134 -4.05 -21.53 9.21
N ILE A 135 -3.79 -22.40 10.19
CA ILE A 135 -3.90 -22.07 11.60
C ILE A 135 -2.50 -21.75 12.10
N THR A 136 -2.36 -20.67 12.87
CA THR A 136 -1.06 -20.26 13.40
C THR A 136 -1.09 -20.32 14.92
N GLU A 137 -0.08 -20.95 15.51
CA GLU A 137 0.17 -20.86 16.94
C GLU A 137 1.24 -19.81 17.18
N TRP A 138 1.05 -19.01 18.22
CA TRP A 138 1.91 -17.88 18.50
C TRP A 138 2.84 -18.18 19.67
N ASP A 139 4.11 -17.81 19.49
CA ASP A 139 5.14 -17.99 20.52
C ASP A 139 5.15 -16.71 21.35
N LEU A 140 4.49 -16.76 22.50
CA LEU A 140 4.44 -15.59 23.38
C LEU A 140 5.82 -15.27 23.96
N GLU A 141 6.67 -16.27 24.13
CA GLU A 141 7.99 -16.05 24.71
C GLU A 141 8.93 -15.38 23.71
N LYS A 142 8.69 -15.52 22.41
CA LYS A 142 9.51 -14.89 21.39
C LYS A 142 8.79 -13.79 20.62
N ALA A 143 7.53 -13.52 20.96
CA ALA A 143 6.72 -12.49 20.29
C ALA A 143 6.76 -12.64 18.78
N ARG A 144 6.55 -13.88 18.32
CA ARG A 144 6.60 -14.21 16.90
C ARG A 144 5.82 -15.50 16.70
N ALA A 145 5.65 -15.89 15.44
CA ALA A 145 4.91 -17.10 15.13
C ALA A 145 5.67 -18.34 15.61
N LYS A 146 4.96 -19.24 16.29
CA LYS A 146 5.57 -20.49 16.74
C LYS A 146 5.46 -21.58 15.69
N LYS A 147 4.30 -21.74 15.07
CA LYS A 147 4.12 -22.75 14.03
C LYS A 147 2.90 -22.42 13.18
N HIS A 148 2.99 -22.79 11.90
CA HIS A 148 1.90 -22.70 10.96
C HIS A 148 1.50 -24.12 10.56
N ALA A 149 0.19 -24.36 10.42
CA ALA A 149 -0.30 -25.65 9.94
C ALA A 149 -1.46 -25.42 8.98
N SER A 150 -1.42 -26.12 7.84
CA SER A 150 -2.52 -26.08 6.88
C SER A 150 -2.81 -27.50 6.40
N GLY A 151 -3.90 -27.64 5.64
CA GLY A 151 -4.28 -28.92 5.09
C GLY A 151 -5.06 -28.73 3.81
N GLN A 152 -5.49 -29.85 3.21
CA GLN A 152 -6.31 -29.75 2.01
C GLN A 152 -7.79 -29.66 2.41
N HIS A 153 -8.20 -28.41 2.55
CA HIS A 153 -9.55 -27.96 2.86
C HIS A 153 -9.61 -26.51 2.41
N GLY A 154 -10.82 -25.96 2.38
CA GLY A 154 -10.98 -24.58 2.01
C GLY A 154 -10.46 -23.66 3.10
N GLU A 155 -10.62 -22.36 2.85
CA GLU A 155 -10.18 -21.38 3.83
C GLU A 155 -10.95 -21.56 5.13
N ILE A 156 -10.24 -21.45 6.25
CA ILE A 156 -10.85 -21.61 7.57
C ILE A 156 -11.56 -20.32 7.94
N TRP A 157 -12.85 -20.43 8.26
CA TRP A 157 -13.63 -19.28 8.69
C TRP A 157 -13.99 -19.29 10.18
N CYS A 158 -13.80 -20.41 10.87
CA CYS A 158 -14.06 -20.47 12.30
C CYS A 158 -13.34 -21.67 12.89
N PHE A 159 -13.02 -21.59 14.19
CA PHE A 159 -12.41 -22.70 14.88
C PHE A 159 -12.55 -22.52 16.38
N GLY A 160 -12.38 -23.63 17.11
CA GLY A 160 -12.46 -23.65 18.55
C GLY A 160 -11.78 -24.89 19.08
N VAL A 161 -11.53 -24.90 20.39
CA VAL A 161 -10.87 -26.02 21.05
C VAL A 161 -11.94 -26.91 21.67
N GLN A 162 -11.81 -28.20 21.46
CA GLN A 162 -12.70 -29.17 22.08
C GLN A 162 -12.53 -29.10 23.60
N PRO A 163 -13.60 -28.94 24.36
CA PRO A 163 -13.45 -28.86 25.82
C PRO A 163 -13.11 -30.21 26.41
N LEU A 164 -12.54 -30.18 27.60
CA LEU A 164 -12.20 -31.41 28.29
C LEU A 164 -13.47 -32.17 28.67
N PRO A 165 -13.44 -33.50 28.64
CA PRO A 165 -14.58 -34.30 29.09
C PRO A 165 -14.74 -34.26 30.61
N ALA A 172 -6.67 -37.64 26.96
CA ALA A 172 -7.77 -36.74 26.65
C ALA A 172 -7.36 -35.30 26.91
N ALA A 173 -6.89 -35.03 28.13
CA ALA A 173 -6.41 -33.71 28.50
C ALA A 173 -5.01 -33.44 27.97
N GLN A 174 -4.25 -34.51 27.71
CA GLN A 174 -2.89 -34.42 27.18
C GLN A 174 -2.86 -34.50 25.67
N ASN A 175 -4.04 -34.64 25.05
CA ASN A 175 -4.20 -34.80 23.60
C ASN A 175 -5.35 -33.89 23.18
N ARG A 176 -5.08 -32.58 23.17
CA ARG A 176 -6.15 -31.62 22.93
C ARG A 176 -6.36 -31.47 21.43
N LYS A 177 -7.58 -31.07 21.05
CA LYS A 177 -7.94 -30.98 19.64
C LYS A 177 -8.58 -29.64 19.32
N LEU A 178 -8.28 -29.13 18.13
CA LEU A 178 -8.95 -27.98 17.55
C LEU A 178 -9.86 -28.46 16.43
N VAL A 179 -11.05 -27.88 16.33
CA VAL A 179 -11.98 -28.17 15.25
C VAL A 179 -12.19 -26.88 14.47
N ALA A 180 -12.03 -26.94 13.15
CA ALA A 180 -12.15 -25.78 12.29
C ALA A 180 -13.19 -26.02 11.21
N GLY A 181 -13.97 -24.99 10.90
CA GLY A 181 -14.92 -25.00 9.80
C GLY A 181 -14.42 -24.14 8.66
N THR A 182 -14.63 -24.62 7.42
CA THR A 182 -14.09 -23.97 6.24
C THR A 182 -15.19 -23.33 5.40
N VAL A 183 -14.74 -22.52 4.43
CA VAL A 183 -15.64 -21.82 3.53
C VAL A 183 -16.35 -22.76 2.56
N ASP A 184 -15.80 -23.95 2.29
CA ASP A 184 -16.47 -24.94 1.46
C ASP A 184 -17.16 -26.01 2.30
N GLY A 185 -17.52 -25.68 3.53
CA GLY A 185 -18.32 -26.55 4.38
C GLY A 185 -17.67 -27.83 4.91
N ASN A 186 -16.44 -27.75 5.37
CA ASN A 186 -15.77 -28.89 5.98
C ASN A 186 -15.48 -28.61 7.44
N LEU A 187 -15.70 -29.61 8.28
CA LEU A 187 -15.13 -29.64 9.62
C LEU A 187 -13.81 -30.37 9.54
N VAL A 188 -12.74 -29.72 9.98
CA VAL A 188 -11.43 -30.35 10.01
C VAL A 188 -10.93 -30.35 11.43
N LEU A 189 -10.11 -31.33 11.76
CA LEU A 189 -9.60 -31.51 13.10
C LEU A 189 -8.10 -31.31 13.07
N TYR A 190 -7.60 -30.55 14.04
CA TYR A 190 -6.17 -30.31 14.18
C TYR A 190 -5.74 -30.81 15.55
N SER A 191 -4.58 -31.44 15.60
CA SER A 191 -4.03 -31.92 16.86
C SER A 191 -3.01 -30.91 17.36
N ILE A 192 -3.10 -30.61 18.67
CA ILE A 192 -2.14 -29.73 19.32
C ILE A 192 -1.46 -30.55 20.41
N GLU A 193 -1.45 -31.87 20.20
CA GLU A 193 -0.83 -32.82 21.12
C GLU A 193 0.68 -32.62 21.23
N ASP A 194 1.21 -32.88 22.43
CA ASP A 194 2.62 -32.71 22.81
C ASP A 194 3.23 -31.42 22.25
N GLY A 195 2.46 -30.33 22.37
CA GLY A 195 2.97 -29.01 22.06
C GLY A 195 3.13 -28.69 20.60
N ASP A 196 2.63 -29.53 19.71
CA ASP A 196 2.75 -29.32 18.27
C ASP A 196 1.41 -28.82 17.71
N LEU A 197 1.38 -28.56 16.42
CA LEU A 197 0.15 -28.16 15.74
C LEU A 197 0.20 -28.72 14.32
N LYS A 198 -0.77 -29.58 13.99
CA LYS A 198 -0.76 -30.19 12.67
C LYS A 198 -2.17 -30.60 12.28
N PHE A 199 -2.45 -30.54 10.99
CA PHE A 199 -3.70 -31.05 10.46
C PHE A 199 -3.79 -32.54 10.69
N GLN A 200 -4.90 -32.99 11.25
CA GLN A 200 -5.12 -34.40 11.62
C GLN A 200 -6.11 -35.12 10.73
N LYS A 201 -7.30 -34.55 10.52
CA LYS A 201 -8.33 -35.29 9.81
C LYS A 201 -9.42 -34.34 9.34
N THR A 202 -10.04 -34.71 8.22
CA THR A 202 -11.25 -34.07 7.75
C THR A 202 -12.44 -34.84 8.33
N LEU A 203 -13.31 -34.14 9.04
CA LEU A 203 -14.43 -34.86 9.63
C LEU A 203 -15.62 -34.95 8.68
N THR A 204 -16.04 -33.83 8.10
CA THR A 204 -17.22 -33.79 7.27
C THR A 204 -16.94 -33.03 5.98
N ARG A 205 -17.66 -33.40 4.91
CA ARG A 205 -17.72 -32.60 3.69
C ARG A 205 -19.18 -32.42 3.38
N THR A 206 -19.68 -31.21 3.60
CA THR A 206 -21.04 -30.83 3.22
C THR A 206 -21.31 -31.18 1.75
N PRO A 207 -22.56 -31.49 1.39
CA PRO A 207 -22.84 -31.81 -0.02
C PRO A 207 -22.58 -30.65 -0.97
N SER A 208 -22.73 -29.41 -0.50
CA SER A 208 -22.60 -28.23 -1.34
C SER A 208 -21.36 -27.43 -0.96
N LYS A 209 -20.46 -27.26 -1.91
CA LYS A 209 -19.23 -26.51 -1.66
C LYS A 209 -19.47 -25.00 -1.54
N LYS A 210 -20.71 -24.57 -1.68
CA LYS A 210 -21.08 -23.17 -1.45
C LYS A 210 -21.59 -22.92 -0.04
N THR A 211 -21.77 -23.98 0.76
CA THR A 211 -22.20 -23.84 2.14
C THR A 211 -20.99 -23.58 3.03
N LYS A 212 -21.01 -22.47 3.75
CA LYS A 212 -19.86 -22.05 4.56
C LYS A 212 -20.14 -22.31 6.04
N PHE A 213 -19.12 -22.81 6.74
CA PHE A 213 -19.14 -22.92 8.20
C PHE A 213 -18.51 -21.65 8.76
N VAL A 214 -19.32 -20.80 9.40
CA VAL A 214 -18.88 -19.45 9.74
C VAL A 214 -18.77 -19.21 11.24
N SER A 215 -19.42 -20.00 12.09
CA SER A 215 -19.31 -19.85 13.54
C SER A 215 -19.34 -21.24 14.17
N ILE A 216 -18.66 -21.38 15.29
CA ILE A 216 -18.49 -22.67 15.92
C ILE A 216 -18.53 -22.50 17.44
N ALA A 217 -19.18 -23.45 18.12
CA ALA A 217 -19.20 -23.52 19.56
C ALA A 217 -19.45 -24.96 19.96
N PHE A 218 -18.93 -25.34 21.12
CA PHE A 218 -19.07 -26.71 21.63
C PHE A 218 -20.17 -26.76 22.67
N GLN A 219 -21.11 -27.70 22.50
CA GLN A 219 -22.13 -27.95 23.50
C GLN A 219 -21.67 -28.93 24.56
N SER A 220 -20.81 -29.88 24.17
CA SER A 220 -20.15 -30.79 25.09
C SER A 220 -18.83 -31.20 24.46
N HIS A 221 -18.16 -32.18 25.09
CA HIS A 221 -16.87 -32.62 24.58
C HIS A 221 -16.95 -33.13 23.14
N ASN A 222 -18.01 -33.86 22.81
CA ASN A 222 -18.11 -34.51 21.52
C ASN A 222 -19.10 -33.88 20.55
N ILE A 223 -19.84 -32.85 20.97
CA ILE A 223 -20.88 -32.25 20.12
C ILE A 223 -20.48 -30.82 19.78
N VAL A 224 -20.30 -30.56 18.49
CA VAL A 224 -19.92 -29.24 17.99
C VAL A 224 -21.17 -28.59 17.39
N ILE A 225 -21.38 -27.32 17.71
CA ILE A 225 -22.44 -26.53 17.09
C ILE A 225 -21.81 -25.60 16.07
N VAL A 226 -22.34 -25.60 14.84
CA VAL A 226 -21.76 -24.82 13.75
C VAL A 226 -22.85 -23.96 13.09
N GLY A 227 -22.62 -22.65 13.05
CA GLY A 227 -23.49 -21.76 12.30
C GLY A 227 -23.06 -21.69 10.85
N CYS A 228 -24.04 -21.72 9.95
CA CYS A 228 -23.79 -21.85 8.52
C CYS A 228 -24.32 -20.63 7.79
N SER A 229 -24.04 -20.59 6.48
CA SER A 229 -24.44 -19.48 5.62
C SER A 229 -25.71 -19.78 4.84
N ASN A 230 -26.32 -20.94 5.05
CA ASN A 230 -27.49 -21.38 4.29
C ASN A 230 -28.70 -21.52 5.20
N SER A 231 -28.83 -20.61 6.16
CA SER A 231 -29.98 -20.55 7.08
C SER A 231 -30.08 -21.79 7.97
N THR A 232 -28.95 -22.43 8.27
CA THR A 232 -28.94 -23.59 9.14
C THR A 232 -27.93 -23.45 10.27
N ILE A 233 -28.24 -24.10 11.38
CA ILE A 233 -27.28 -24.41 12.44
C ILE A 233 -27.24 -25.93 12.57
N CYS A 234 -26.03 -26.49 12.61
CA CYS A 234 -25.88 -27.94 12.60
C CYS A 234 -25.10 -28.41 13.82
N ALA A 235 -25.53 -29.52 14.39
CA ALA A 235 -24.83 -30.21 15.47
C ALA A 235 -24.14 -31.44 14.91
N TYR A 236 -22.83 -31.54 15.15
CA TYR A 236 -22.02 -32.65 14.64
C TYR A 236 -21.34 -33.35 15.80
N ASP A 237 -21.20 -34.67 15.66
CA ASP A 237 -20.41 -35.46 16.59
C ASP A 237 -18.94 -35.38 16.19
N VAL A 238 -18.09 -34.97 17.13
CA VAL A 238 -16.68 -34.72 16.80
C VAL A 238 -15.95 -36.00 16.43
N ARG A 239 -16.32 -37.13 17.05
CA ARG A 239 -15.60 -38.37 16.79
C ARG A 239 -15.86 -38.90 15.38
N THR A 240 -17.12 -38.95 14.97
CA THR A 240 -17.51 -39.54 13.70
C THR A 240 -17.63 -38.54 12.55
N GLY A 241 -17.95 -37.29 12.85
CA GLY A 241 -18.30 -36.35 11.80
C GLY A 241 -19.75 -36.44 11.36
N THR A 242 -20.57 -37.21 12.04
CA THR A 242 -21.96 -37.38 11.63
C THR A 242 -22.79 -36.18 12.06
N MSE A 243 -23.66 -35.72 11.16
CA MSE A 243 -24.61 -34.67 11.51
C MSE A 243 -25.72 -35.24 12.37
O MSE A 243 -26.48 -36.11 11.92
CB MSE A 243 -25.20 -34.00 10.28
CG MSE A 243 -26.32 -33.04 10.60
SE MSE A 243 -26.81 -31.85 9.15
CE MSE A 243 -27.33 -33.18 7.82
N LEU A 244 -25.81 -34.77 13.61
CA LEU A 244 -26.82 -35.28 14.54
C LEU A 244 -28.14 -34.55 14.40
N ARG A 245 -28.09 -33.22 14.25
CA ARG A 245 -29.29 -32.39 14.23
C ARG A 245 -29.04 -31.23 13.29
N GLN A 246 -30.08 -30.81 12.58
CA GLN A 246 -30.03 -29.63 11.72
C GLN A 246 -31.15 -28.68 12.11
N MSE A 247 -30.77 -27.46 12.47
CA MSE A 247 -31.72 -26.41 12.81
C MSE A 247 -31.86 -25.45 11.64
O MSE A 247 -30.85 -25.00 11.08
CB MSE A 247 -31.28 -25.65 14.06
CG MSE A 247 -31.45 -26.45 15.34
SE MSE A 247 -30.14 -25.99 16.71
CE MSE A 247 -28.61 -26.99 16.02
N THR A 248 -33.09 -25.11 11.26
CA THR A 248 -33.35 -24.26 10.12
C THR A 248 -33.95 -22.93 10.57
N LEU A 249 -33.54 -21.85 9.90
CA LEU A 249 -33.97 -20.49 10.21
C LEU A 249 -34.79 -19.92 9.07
N GLY A 250 -35.58 -18.90 9.40
CA GLY A 250 -36.38 -18.20 8.40
C GLY A 250 -37.65 -18.91 8.00
N SER A 257 -35.48 -16.58 4.20
CA SER A 257 -34.48 -16.70 3.14
C SER A 257 -33.73 -18.02 3.21
N LYS A 258 -32.99 -18.35 2.14
CA LYS A 258 -32.07 -19.47 2.13
C LYS A 258 -30.61 -19.03 2.25
N ASN A 259 -30.38 -17.74 2.51
CA ASN A 259 -29.04 -17.18 2.66
C ASN A 259 -28.92 -16.40 3.96
N ILE A 260 -29.59 -16.85 5.01
CA ILE A 260 -29.39 -16.28 6.34
C ILE A 260 -28.07 -16.82 6.87
N ILE A 261 -27.16 -15.91 7.23
CA ILE A 261 -25.84 -16.27 7.74
C ILE A 261 -25.87 -16.21 9.25
N VAL A 262 -25.44 -17.28 9.90
CA VAL A 262 -25.43 -17.38 11.36
C VAL A 262 -24.01 -17.03 11.80
N TRP A 263 -23.75 -15.73 11.97
CA TRP A 263 -22.41 -15.26 12.28
C TRP A 263 -21.91 -15.68 13.66
N ALA A 264 -22.81 -16.06 14.58
CA ALA A 264 -22.38 -16.31 15.95
C ALA A 264 -23.24 -17.37 16.60
N VAL A 265 -22.60 -18.32 17.28
CA VAL A 265 -23.28 -19.30 18.13
C VAL A 265 -22.55 -19.40 19.46
N LYS A 266 -23.32 -19.53 20.54
CA LYS A 266 -22.79 -19.78 21.88
C LYS A 266 -23.68 -20.83 22.55
N CYS A 267 -23.13 -21.51 23.55
CA CYS A 267 -23.89 -22.44 24.37
C CYS A 267 -23.95 -21.94 25.80
N LEU A 268 -25.16 -21.94 26.36
CA LEU A 268 -25.35 -21.61 27.76
C LEU A 268 -24.90 -22.80 28.62
N PRO A 269 -24.64 -22.56 29.91
CA PRO A 269 -24.27 -23.68 30.80
C PRO A 269 -25.23 -24.86 30.75
N ASN A 270 -26.52 -24.63 30.54
CA ASN A 270 -27.48 -25.73 30.50
C ASN A 270 -27.55 -26.42 29.14
N GLY A 271 -26.71 -26.03 28.18
CA GLY A 271 -26.70 -26.64 26.87
C GLY A 271 -27.55 -25.93 25.82
N ASP A 272 -28.37 -24.97 26.21
CA ASP A 272 -29.13 -24.19 25.24
C ASP A 272 -28.18 -23.41 24.31
N ILE A 273 -28.61 -23.22 23.07
CA ILE A 273 -27.81 -22.55 22.06
C ILE A 273 -28.34 -21.14 21.85
N VAL A 274 -27.42 -20.17 21.85
CA VAL A 274 -27.73 -18.79 21.46
C VAL A 274 -27.09 -18.54 20.11
N SER A 275 -27.87 -18.03 19.16
CA SER A 275 -27.38 -17.70 17.83
C SER A 275 -27.66 -16.24 17.49
N GLY A 276 -26.79 -15.68 16.67
CA GLY A 276 -26.99 -14.35 16.09
C GLY A 276 -26.81 -14.43 14.60
N ASP A 277 -27.70 -13.81 13.82
CA ASP A 277 -27.68 -14.02 12.38
C ASP A 277 -27.77 -12.70 11.61
N SER A 278 -27.61 -12.84 10.29
CA SER A 278 -27.51 -11.71 9.38
C SER A 278 -28.78 -10.87 9.30
N THR A 279 -29.92 -11.36 9.77
CA THR A 279 -31.15 -10.58 9.76
C THR A 279 -31.32 -9.75 11.01
N GLY A 280 -30.36 -9.80 11.93
CA GLY A 280 -30.45 -9.04 13.16
C GLY A 280 -31.12 -9.76 14.31
N GLN A 281 -31.38 -11.06 14.18
CA GLN A 281 -32.08 -11.81 15.21
C GLN A 281 -31.11 -12.53 16.13
N VAL A 282 -31.44 -12.53 17.42
CA VAL A 282 -30.84 -13.43 18.40
C VAL A 282 -31.88 -14.49 18.70
N CYS A 283 -31.51 -15.76 18.50
CA CYS A 283 -32.43 -16.86 18.76
C CYS A 283 -31.91 -17.74 19.89
N ILE A 284 -32.85 -18.33 20.63
CA ILE A 284 -32.55 -19.32 21.67
C ILE A 284 -33.06 -20.66 21.19
N TRP A 285 -32.19 -21.67 21.24
CA TRP A 285 -32.54 -23.03 20.83
C TRP A 285 -32.44 -23.95 22.04
N ASP A 286 -33.48 -24.77 22.23
CA ASP A 286 -33.48 -25.73 23.32
C ASP A 286 -32.35 -26.74 23.12
N GLY A 287 -31.52 -26.91 24.16
CA GLY A 287 -30.31 -27.71 24.04
C GLY A 287 -30.55 -29.20 23.87
N LYS A 288 -31.72 -29.69 24.25
CA LYS A 288 -32.00 -31.12 24.18
C LYS A 288 -32.82 -31.51 22.95
N THR A 289 -33.79 -30.69 22.55
CA THR A 289 -34.60 -30.97 21.37
C THR A 289 -34.05 -30.32 20.11
N TYR A 290 -33.16 -29.33 20.26
CA TYR A 290 -32.57 -28.61 19.13
C TYR A 290 -33.65 -27.94 18.29
N THR A 291 -34.63 -27.35 18.97
CA THR A 291 -35.72 -26.62 18.34
C THR A 291 -35.69 -25.17 18.80
N GLN A 292 -36.24 -24.31 17.96
CA GLN A 292 -36.23 -22.87 18.20
C GLN A 292 -37.21 -22.50 19.29
N ALA A 293 -36.69 -22.12 20.45
CA ALA A 293 -37.55 -21.71 21.56
C ALA A 293 -37.93 -20.23 21.51
N GLN A 294 -37.08 -19.38 20.92
CA GLN A 294 -37.35 -17.96 20.98
C GLN A 294 -36.60 -17.22 19.88
N ARG A 295 -37.20 -16.13 19.41
CA ARG A 295 -36.59 -15.24 18.42
C ARG A 295 -36.76 -13.81 18.90
N ILE A 296 -35.65 -13.07 18.94
CA ILE A 296 -35.62 -11.68 19.38
C ILE A 296 -35.05 -10.86 18.25
N GLN A 297 -35.86 -9.94 17.70
CA GLN A 297 -35.41 -9.02 16.66
C GLN A 297 -34.71 -7.86 17.37
N SER A 298 -33.44 -8.07 17.69
CA SER A 298 -32.70 -7.18 18.58
C SER A 298 -31.82 -6.19 17.85
N HIS A 299 -31.31 -6.54 16.67
CA HIS A 299 -30.49 -5.63 15.88
C HIS A 299 -31.19 -5.33 14.56
N THR A 300 -30.83 -4.20 13.95
CA THR A 300 -31.38 -3.83 12.66
C THR A 300 -30.48 -4.24 11.50
N GLN A 301 -29.28 -4.73 11.80
CA GLN A 301 -28.36 -5.27 10.80
C GLN A 301 -27.79 -6.56 11.33
N ASP A 302 -26.81 -7.15 10.63
CA ASP A 302 -26.24 -8.44 11.03
C ASP A 302 -25.81 -8.43 12.49
N VAL A 303 -26.16 -9.50 13.21
CA VAL A 303 -25.55 -9.78 14.50
C VAL A 303 -24.21 -10.44 14.23
N LEU A 304 -23.14 -9.87 14.77
CA LEU A 304 -21.80 -10.35 14.45
C LEU A 304 -21.17 -11.19 15.56
N CYS A 305 -21.56 -10.98 16.82
CA CYS A 305 -20.86 -11.62 17.92
C CYS A 305 -21.76 -11.72 19.13
N LEU A 306 -21.42 -12.65 20.01
CA LEU A 306 -22.17 -12.94 21.22
C LEU A 306 -21.21 -13.12 22.40
N SER A 307 -21.70 -12.84 23.59
CA SER A 307 -20.99 -13.20 24.82
C SER A 307 -22.00 -13.63 25.88
N VAL A 308 -21.59 -14.60 26.69
CA VAL A 308 -22.43 -15.16 27.74
C VAL A 308 -21.63 -15.17 29.04
N SER A 309 -22.26 -14.72 30.13
CA SER A 309 -21.61 -14.76 31.43
C SER A 309 -21.44 -16.21 31.90
N ALA A 310 -20.54 -16.40 32.85
CA ALA A 310 -20.21 -17.74 33.33
C ALA A 310 -21.40 -18.42 33.99
N ASP A 311 -22.20 -17.67 34.75
CA ASP A 311 -23.36 -18.27 35.40
C ASP A 311 -24.57 -18.41 34.48
N GLY A 312 -24.42 -18.05 33.20
CA GLY A 312 -25.52 -18.16 32.26
C GLY A 312 -26.67 -17.22 32.47
N SER A 313 -26.52 -16.19 33.29
CA SER A 313 -27.61 -15.27 33.56
C SER A 313 -27.61 -14.03 32.66
N LYS A 314 -26.55 -13.80 31.87
CA LYS A 314 -26.50 -12.63 31.01
C LYS A 314 -25.97 -12.99 29.63
N ILE A 315 -26.58 -12.39 28.62
CA ILE A 315 -26.17 -12.53 27.22
C ILE A 315 -25.87 -11.14 26.67
N ILE A 316 -24.81 -11.04 25.86
CA ILE A 316 -24.43 -9.80 25.20
C ILE A 316 -24.32 -10.09 23.71
N SER A 317 -24.80 -9.16 22.88
CA SER A 317 -24.69 -9.28 21.43
C SER A 317 -24.22 -7.97 20.83
N GLY A 318 -23.52 -8.09 19.71
CA GLY A 318 -23.03 -6.92 18.99
C GLY A 318 -23.28 -7.10 17.50
N GLY A 319 -23.55 -5.97 16.83
CA GLY A 319 -23.98 -6.03 15.45
C GLY A 319 -23.33 -4.97 14.58
N MSE A 320 -23.60 -5.10 13.27
CA MSE A 320 -23.14 -4.17 12.25
C MSE A 320 -23.89 -2.85 12.36
O MSE A 320 -23.52 -1.86 11.74
CB MSE A 320 -23.33 -4.77 10.86
CG MSE A 320 -22.21 -4.45 9.88
SE MSE A 320 -21.87 -5.97 8.69
CE MSE A 320 -23.36 -5.76 7.45
N ASP A 321 -24.98 -2.86 13.12
CA ASP A 321 -25.71 -1.63 13.43
C ASP A 321 -25.04 -0.83 14.55
N ARG A 322 -23.83 -1.22 14.95
CA ARG A 322 -22.98 -0.55 15.95
C ARG A 322 -23.53 -0.66 17.36
N ARG A 323 -24.61 -1.38 17.57
CA ARG A 323 -25.26 -1.46 18.87
C ARG A 323 -24.82 -2.69 19.66
N THR A 324 -24.76 -2.53 20.97
CA THR A 324 -24.55 -3.61 21.92
C THR A 324 -25.83 -3.82 22.71
N ALA A 325 -26.31 -5.05 22.76
CA ALA A 325 -27.56 -5.39 23.43
C ALA A 325 -27.31 -6.35 24.58
N VAL A 326 -28.10 -6.23 25.64
CA VAL A 326 -27.99 -7.04 26.84
C VAL A 326 -29.31 -7.76 27.09
N TYR A 327 -29.23 -9.05 27.40
CA TYR A 327 -30.41 -9.86 27.68
C TYR A 327 -30.27 -10.54 29.04
N GLU A 328 -31.40 -10.73 29.69
CA GLU A 328 -31.50 -11.40 30.98
C GLU A 328 -32.65 -12.39 30.94
N PRO A 329 -32.65 -13.39 31.82
CA PRO A 329 -33.75 -14.36 31.82
C PRO A 329 -35.08 -13.68 32.13
N MSE A 330 -36.09 -14.00 31.31
CA MSE A 330 -37.44 -13.48 31.49
C MSE A 330 -37.98 -13.91 32.85
O MSE A 330 -38.00 -15.10 33.17
CB MSE A 330 -38.35 -13.98 30.37
CG MSE A 330 -39.42 -13.00 29.96
SE MSE A 330 -40.48 -13.73 28.49
CE MSE A 330 -40.51 -12.17 27.33
N ALA A 331 -38.44 -12.94 33.63
CA ALA A 331 -39.00 -13.25 34.95
C ALA A 331 -40.15 -14.22 34.81
N GLY A 332 -40.14 -15.27 35.62
CA GLY A 332 -41.18 -16.30 35.56
C GLY A 332 -41.07 -17.35 34.48
N GLN A 333 -40.85 -16.96 33.23
CA GLN A 333 -40.83 -17.89 32.11
C GLN A 333 -39.50 -18.62 32.04
N SER A 334 -39.57 -19.95 32.08
CA SER A 334 -38.38 -20.79 32.18
C SER A 334 -37.64 -20.87 30.85
N GLY A 335 -36.34 -20.59 30.88
CA GLY A 335 -35.50 -20.74 29.71
C GLY A 335 -35.69 -19.71 28.62
N ARG A 336 -36.50 -18.68 28.86
CA ARG A 336 -36.68 -17.61 27.88
C ARG A 336 -36.03 -16.32 28.34
N TRP A 337 -35.72 -15.46 27.38
CA TRP A 337 -34.88 -14.30 27.58
C TRP A 337 -35.60 -13.03 27.17
N SER A 338 -35.28 -11.93 27.85
CA SER A 338 -35.82 -10.62 27.56
C SER A 338 -34.68 -9.62 27.42
N LYS A 339 -34.75 -8.81 26.37
CA LYS A 339 -33.76 -7.77 26.13
C LYS A 339 -33.89 -6.66 27.17
N VAL A 340 -32.82 -6.40 27.91
CA VAL A 340 -32.86 -5.39 28.97
C VAL A 340 -32.67 -4.00 28.39
N PHE A 341 -31.65 -3.82 27.56
CA PHE A 341 -31.39 -2.54 26.91
C PHE A 341 -30.44 -2.78 25.74
N HIS A 342 -30.34 -1.77 24.88
CA HIS A 342 -29.23 -1.71 23.94
C HIS A 342 -28.69 -0.29 23.90
N ARG A 343 -27.44 -0.17 23.48
CA ARG A 343 -26.75 1.11 23.45
C ARG A 343 -25.63 1.04 22.43
N ARG A 344 -25.36 2.17 21.79
CA ARG A 344 -24.21 2.30 20.90
C ARG A 344 -23.00 2.75 21.72
N TYR A 345 -22.07 1.82 21.96
CA TYR A 345 -20.80 2.17 22.59
C TYR A 345 -19.73 2.52 21.56
N HIS A 346 -19.68 1.77 20.46
CA HIS A 346 -18.66 1.93 19.44
C HIS A 346 -19.12 2.94 18.38
N GLN A 347 -18.14 3.47 17.65
CA GLN A 347 -18.42 4.37 16.55
C GLN A 347 -18.73 3.64 15.25
N HIS A 348 -18.34 2.38 15.14
CA HIS A 348 -18.63 1.57 13.97
C HIS A 348 -19.15 0.21 14.45
N ASP A 349 -19.02 -0.80 13.61
CA ASP A 349 -19.64 -2.10 13.90
C ASP A 349 -18.98 -2.77 15.10
N VAL A 350 -19.74 -3.66 15.74
CA VAL A 350 -19.26 -4.43 16.88
C VAL A 350 -18.94 -5.82 16.35
N LYS A 351 -17.65 -6.09 16.15
CA LYS A 351 -17.22 -7.30 15.45
C LYS A 351 -16.93 -8.47 16.38
N ALA A 352 -16.50 -8.21 17.61
CA ALA A 352 -16.05 -9.29 18.49
C ALA A 352 -16.20 -8.88 19.94
N MSE A 353 -16.40 -9.88 20.79
CA MSE A 353 -16.47 -9.68 22.23
C MSE A 353 -16.14 -10.96 23.00
O MSE A 353 -16.25 -12.06 22.45
CB MSE A 353 -17.86 -9.18 22.64
CG MSE A 353 -19.00 -10.02 22.13
SE MSE A 353 -20.74 -9.38 22.75
CE MSE A 353 -20.61 -7.52 22.18
N ALA A 354 -15.72 -10.81 24.25
CA ALA A 354 -15.40 -11.94 25.11
C ALA A 354 -15.48 -11.49 26.56
N SER A 355 -15.82 -12.42 27.44
CA SER A 355 -16.01 -12.11 28.85
C SER A 355 -14.90 -12.72 29.69
N PHE A 356 -14.63 -12.09 30.84
CA PHE A 356 -13.77 -12.65 31.87
C PHE A 356 -14.40 -12.42 33.24
N GLU A 357 -14.37 -13.44 34.08
CA GLU A 357 -14.91 -13.36 35.43
C GLU A 357 -13.96 -14.07 36.38
N GLY A 358 -13.38 -13.31 37.31
CA GLY A 358 -12.40 -13.87 38.23
C GLY A 358 -11.66 -12.80 39.01
N LYS A 359 -11.20 -13.14 40.22
CA LYS A 359 -10.43 -12.23 41.06
C LYS A 359 -11.16 -10.90 41.28
N GLY A 360 -12.48 -10.98 41.45
CA GLY A 360 -13.27 -9.78 41.67
C GLY A 360 -13.69 -9.04 40.42
N MSE A 361 -13.14 -9.40 39.26
CA MSE A 361 -13.50 -8.76 37.99
C MSE A 361 -14.64 -9.49 37.29
O MSE A 361 -14.72 -10.72 37.34
CB MSE A 361 -12.29 -8.70 37.06
CG MSE A 361 -11.54 -7.39 37.06
SE MSE A 361 -10.09 -7.51 35.79
CE MSE A 361 -11.13 -7.70 34.16
N SER A 362 -15.52 -8.72 36.64
CA SER A 362 -16.62 -9.30 35.87
C SER A 362 -16.90 -8.35 34.71
N VAL A 363 -16.33 -8.65 33.55
CA VAL A 363 -16.35 -7.73 32.41
C VAL A 363 -16.60 -8.50 31.12
N VAL A 364 -17.12 -7.77 30.13
CA VAL A 364 -17.07 -8.16 28.73
C VAL A 364 -16.33 -7.07 27.97
N VAL A 365 -15.43 -7.46 27.08
CA VAL A 365 -14.66 -6.56 26.25
C VAL A 365 -15.12 -6.71 24.81
N SER A 366 -15.52 -5.61 24.18
CA SER A 366 -15.97 -5.62 22.80
C SER A 366 -15.01 -4.81 21.92
N GLY A 367 -15.07 -5.07 20.61
CA GLY A 367 -14.21 -4.39 19.68
C GLY A 367 -14.79 -4.41 18.27
N GLY A 368 -14.32 -3.46 17.48
CA GLY A 368 -14.80 -3.35 16.11
C GLY A 368 -13.92 -2.45 15.27
N SER A 369 -14.52 -1.89 14.22
CA SER A 369 -13.78 -1.08 13.26
C SER A 369 -13.25 0.23 13.84
N ASP A 370 -13.82 0.74 14.92
CA ASP A 370 -13.32 1.98 15.49
C ASP A 370 -12.07 1.80 16.33
N ALA A 371 -11.57 0.56 16.46
CA ALA A 371 -10.25 0.23 16.98
C ALA A 371 -10.09 0.37 18.50
N SER A 372 -11.07 0.98 19.17
CA SER A 372 -10.96 1.06 20.63
C SER A 372 -11.56 -0.18 21.27
N PRO A 373 -10.83 -0.88 22.15
CA PRO A 373 -11.49 -1.87 23.01
C PRO A 373 -12.34 -1.17 24.05
N ILE A 374 -13.53 -1.72 24.29
CA ILE A 374 -14.48 -1.16 25.25
C ILE A 374 -14.81 -2.23 26.28
N VAL A 375 -14.72 -1.85 27.56
CA VAL A 375 -14.88 -2.77 28.68
C VAL A 375 -16.21 -2.45 29.37
N LEU A 376 -17.11 -3.43 29.43
CA LEU A 376 -18.36 -3.27 30.15
C LEU A 376 -18.33 -4.07 31.43
N PRO A 377 -18.75 -3.48 32.56
CA PRO A 377 -18.83 -4.23 33.83
C PRO A 377 -20.11 -5.05 33.90
N LEU A 378 -19.96 -6.37 33.90
CA LEU A 378 -21.11 -7.27 33.81
C LEU A 378 -22.10 -7.08 34.95
N ARG A 379 -21.64 -6.63 36.12
CA ARG A 379 -22.53 -6.46 37.27
C ARG A 379 -23.16 -5.08 37.34
N ALA A 380 -22.90 -4.19 36.40
CA ALA A 380 -23.50 -2.86 36.40
C ALA A 380 -23.68 -2.35 34.98
N LEU A 381 -24.22 -3.19 34.10
CA LEU A 381 -24.32 -2.82 32.69
C LEU A 381 -25.25 -1.64 32.47
N GLY A 382 -24.87 -0.76 31.54
CA GLY A 382 -25.71 0.35 31.15
C GLY A 382 -25.85 1.49 32.14
N LYS A 383 -24.95 1.57 33.13
CA LYS A 383 -25.03 2.61 34.15
C LYS A 383 -23.86 3.59 34.05
N GLU A 384 -23.32 3.76 32.85
CA GLU A 384 -22.24 4.70 32.56
C GLU A 384 -20.96 4.39 33.34
N PHE A 385 -20.72 3.11 33.62
CA PHE A 385 -19.47 2.66 34.21
C PHE A 385 -18.58 1.95 33.21
N HIS A 386 -18.95 1.96 31.94
CA HIS A 386 -18.10 1.36 30.91
C HIS A 386 -16.83 2.18 30.73
N ARG A 387 -15.82 1.55 30.14
CA ARG A 387 -14.57 2.24 29.87
C ARG A 387 -14.13 2.01 28.44
N THR A 388 -13.74 3.09 27.77
CA THR A 388 -13.18 3.04 26.43
C THR A 388 -11.66 3.07 26.54
N LEU A 389 -11.00 1.99 26.11
CA LEU A 389 -9.56 1.89 26.18
C LEU A 389 -8.92 2.60 24.98
N PRO A 390 -7.66 3.01 25.10
CA PRO A 390 -7.03 3.78 24.02
C PRO A 390 -6.96 2.98 22.72
N HIS A 391 -7.11 3.71 21.61
CA HIS A 391 -6.86 3.16 20.28
C HIS A 391 -5.42 3.34 19.83
N LEU A 392 -4.59 4.04 20.61
CA LEU A 392 -3.18 4.25 20.37
C LEU A 392 -2.34 3.28 21.19
N PRO A 393 -1.23 2.80 20.66
CA PRO A 393 -0.40 1.85 21.39
C PRO A 393 0.16 2.46 22.67
N GLN A 394 0.32 1.61 23.69
CA GLN A 394 0.94 2.04 24.94
C GLN A 394 2.33 2.61 24.70
N HIS A 395 3.10 1.98 23.82
CA HIS A 395 4.37 2.59 23.41
C HIS A 395 4.07 3.84 22.60
N PRO A 396 4.66 4.98 22.94
CA PRO A 396 4.38 6.23 22.21
C PRO A 396 4.41 6.09 20.70
N THR A 397 5.36 5.31 20.16
CA THR A 397 5.50 5.11 18.73
C THR A 397 5.77 6.44 18.02
N VAL A 398 6.32 7.39 18.76
CA VAL A 398 6.77 8.68 18.24
C VAL A 398 8.13 8.98 18.86
N LEU A 399 9.03 9.56 18.06
CA LEU A 399 10.37 9.92 18.52
C LEU A 399 10.73 11.31 18.05
N SER A 400 11.74 11.90 18.68
CA SER A 400 12.39 13.08 18.14
C SER A 400 13.90 12.90 18.08
N ALA A 401 14.50 13.61 17.13
CA ALA A 401 15.92 13.91 17.13
C ALA A 401 16.06 15.35 17.60
N PRO A 402 16.24 15.59 18.90
CA PRO A 402 16.11 16.96 19.42
C PRO A 402 17.05 17.97 18.78
N LYS A 403 18.31 17.61 18.54
CA LYS A 403 19.26 18.57 17.98
C LYS A 403 18.94 18.89 16.53
N ALA A 404 18.39 17.94 15.79
CA ALA A 404 17.99 18.14 14.40
C ALA A 404 16.58 18.70 14.25
N ARG A 405 15.79 18.71 15.33
CA ARG A 405 14.38 19.13 15.29
C ARG A 405 13.55 18.24 14.36
N TYR A 406 13.85 16.93 14.37
CA TYR A 406 13.07 15.94 13.66
C TYR A 406 12.04 15.32 14.60
N ILE A 407 10.85 15.05 14.08
CA ILE A 407 9.91 14.16 14.76
C ILE A 407 9.65 12.97 13.83
N LEU A 408 9.52 11.80 14.42
CA LEU A 408 9.46 10.55 13.69
C LEU A 408 8.36 9.67 14.24
N SER A 409 7.68 8.94 13.36
CA SER A 409 6.72 7.92 13.75
C SER A 409 6.81 6.78 12.75
N TRP A 410 6.21 5.64 13.09
CA TRP A 410 6.23 4.51 12.19
C TRP A 410 4.99 3.65 12.39
N TRP A 411 4.58 2.99 11.32
CA TRP A 411 3.49 2.02 11.36
C TRP A 411 3.62 1.13 10.13
N GLU A 412 3.10 -0.09 10.26
CA GLU A 412 3.25 -1.10 9.22
C GLU A 412 4.73 -1.20 8.87
N ASN A 413 5.13 -0.98 7.61
CA ASN A 413 6.53 -1.10 7.24
C ASN A 413 7.15 0.21 6.74
N GLU A 414 6.66 1.35 7.23
CA GLU A 414 7.22 2.64 6.80
C GLU A 414 7.50 3.53 8.00
N ILE A 415 8.66 4.18 7.97
CA ILE A 415 9.03 5.22 8.92
C ILE A 415 8.83 6.57 8.25
N ARG A 416 8.17 7.50 8.92
CA ARG A 416 8.01 8.85 8.42
C ARG A 416 8.75 9.84 9.32
N ILE A 417 9.41 10.81 8.69
CA ILE A 417 10.25 11.78 9.38
C ILE A 417 9.84 13.18 8.94
N TRP A 418 9.61 14.06 9.92
CA TRP A 418 9.28 15.45 9.67
C TRP A 418 10.33 16.34 10.33
N HIS A 419 10.48 17.56 9.79
CA HIS A 419 11.41 18.56 10.32
C HIS A 419 10.60 19.76 10.76
N LEU A 420 10.71 20.14 12.03
CA LEU A 420 10.06 21.33 12.56
C LEU A 420 11.02 22.49 12.41
N LEU A 421 10.73 23.40 11.48
CA LEU A 421 11.67 24.42 11.08
C LEU A 421 11.93 25.37 12.25
N ASN A 422 13.18 25.82 12.38
CA ASN A 422 13.57 26.64 13.52
C ASN A 422 13.15 28.09 13.34
N LYS A 439 4.58 27.14 6.93
CA LYS A 439 5.77 26.41 6.54
C LYS A 439 6.71 26.21 7.72
N ASN A 440 6.15 25.79 8.86
CA ASN A 440 7.00 25.37 9.96
C ASN A 440 7.19 23.86 9.95
N ARG A 441 6.69 23.18 8.91
CA ARG A 441 6.70 21.71 8.91
C ARG A 441 7.46 21.34 7.65
N LYS A 442 8.26 20.28 7.69
CA LYS A 442 8.69 19.78 6.39
C LYS A 442 8.74 18.26 6.45
N PHE A 443 8.15 17.62 5.45
CA PHE A 443 8.18 16.15 5.38
C PHE A 443 9.50 15.73 4.77
N LEU A 444 10.36 15.12 5.58
CA LEU A 444 11.73 14.80 5.19
C LEU A 444 11.87 13.46 4.48
N ALA A 445 11.26 12.40 4.99
CA ALA A 445 11.58 11.08 4.46
C ALA A 445 10.50 10.07 4.82
N GLN A 446 10.28 9.14 3.90
CA GLN A 446 9.49 7.92 4.13
C GLN A 446 10.44 6.75 3.93
N VAL A 447 10.85 6.11 5.01
CA VAL A 447 11.80 5.00 4.96
C VAL A 447 11.00 3.71 4.96
N LEU A 448 11.24 2.87 3.96
CA LEU A 448 10.58 1.58 3.84
C LEU A 448 11.48 0.48 4.40
N ILE A 449 10.91 -0.34 5.27
CA ILE A 449 11.60 -1.45 5.91
C ILE A 449 10.96 -2.72 5.35
N LYS A 450 11.70 -3.44 4.52
CA LYS A 450 11.15 -4.65 3.94
C LYS A 450 11.08 -5.75 4.97
N GLY A 451 10.09 -6.63 4.81
CA GLY A 451 9.88 -7.71 5.74
C GLY A 451 8.48 -8.29 5.65
N ALA A 452 8.34 -9.56 6.04
CA ALA A 452 7.01 -10.17 6.07
C ALA A 452 6.16 -9.61 7.21
N SER A 453 6.78 -8.97 8.20
CA SER A 453 6.08 -8.42 9.35
C SER A 453 6.33 -6.93 9.48
N HIS A 454 5.46 -6.28 10.26
CA HIS A 454 5.58 -4.85 10.54
C HIS A 454 6.85 -4.56 11.34
N ILE A 455 7.25 -3.28 11.27
CA ILE A 455 8.30 -2.74 12.14
C ILE A 455 7.88 -2.93 13.60
N THR A 456 8.80 -3.43 14.42
CA THR A 456 8.52 -3.60 15.84
C THR A 456 9.09 -2.47 16.70
N SER A 457 10.04 -1.70 16.18
CA SER A 457 10.73 -0.70 17.00
C SER A 457 11.63 0.14 16.11
N ALA A 458 11.91 1.36 16.57
CA ALA A 458 12.82 2.25 15.88
C ALA A 458 13.50 3.16 16.89
N SER A 459 14.64 3.71 16.48
CA SER A 459 15.42 4.63 17.30
C SER A 459 16.19 5.57 16.38
N ILE A 460 16.29 6.84 16.77
CA ILE A 460 17.06 7.83 16.03
C ILE A 460 18.02 8.55 16.97
N SER A 461 19.21 8.86 16.46
CA SER A 461 20.18 9.63 17.23
C SER A 461 19.69 11.07 17.45
N GLU A 462 20.25 11.71 18.47
CA GLU A 462 19.82 13.07 18.82
C GLU A 462 20.06 14.05 17.68
N ASP A 463 21.12 13.86 16.88
CA ASP A 463 21.41 14.76 15.77
C ASP A 463 20.75 14.34 14.46
N GLY A 464 19.94 13.29 14.48
CA GLY A 464 19.18 12.87 13.31
C GLY A 464 19.97 12.20 12.20
N THR A 465 21.22 11.83 12.44
CA THR A 465 22.04 11.23 11.39
C THR A 465 22.06 9.71 11.40
N LEU A 466 21.72 9.07 12.52
CA LEU A 466 21.75 7.62 12.64
C LEU A 466 20.36 7.11 13.00
N LEU A 467 19.82 6.19 12.19
CA LEU A 467 18.47 5.67 12.36
C LEU A 467 18.54 4.15 12.39
N ALA A 468 17.81 3.55 13.33
CA ALA A 468 17.73 2.10 13.45
C ALA A 468 16.28 1.66 13.55
N ALA A 469 15.95 0.52 12.94
CA ALA A 469 14.61 -0.03 12.98
C ALA A 469 14.68 -1.56 12.96
N SER A 470 13.70 -2.21 13.57
CA SER A 470 13.70 -3.66 13.68
C SER A 470 12.38 -4.26 13.19
N THR A 471 12.47 -5.53 12.78
CA THR A 471 11.37 -6.45 12.52
C THR A 471 11.71 -7.74 13.25
N PRO A 472 10.85 -8.76 13.23
CA PRO A 472 11.26 -10.06 13.81
C PRO A 472 12.38 -10.76 13.06
N THR A 473 12.77 -10.30 11.86
CA THR A 473 13.81 -10.95 11.10
C THR A 473 15.04 -10.08 10.84
N ASP A 474 14.98 -8.77 11.12
CA ASP A 474 16.08 -7.89 10.77
C ASP A 474 16.23 -6.79 11.81
N VAL A 475 17.47 -6.35 11.99
CA VAL A 475 17.79 -5.07 12.61
C VAL A 475 18.50 -4.23 11.55
N LYS A 476 17.86 -3.13 11.14
CA LYS A 476 18.35 -2.29 10.06
C LYS A 476 18.87 -0.97 10.61
N VAL A 477 19.95 -0.47 10.00
CA VAL A 477 20.58 0.78 10.40
C VAL A 477 20.78 1.66 9.17
N PHE A 478 20.56 2.96 9.31
CA PHE A 478 20.60 3.90 8.20
C PHE A 478 21.42 5.14 8.57
N HIS A 479 21.98 5.77 7.54
CA HIS A 479 22.77 7.00 7.67
C HIS A 479 22.02 8.12 6.97
N LEU A 480 21.69 9.16 7.74
CA LEU A 480 20.94 10.30 7.22
C LEU A 480 21.86 11.52 7.13
N ASP A 481 21.86 12.15 5.96
CA ASP A 481 22.62 13.37 5.73
C ASP A 481 21.65 14.46 5.30
N PRO A 482 21.48 15.53 6.09
CA PRO A 482 20.50 16.57 5.72
C PRO A 482 20.80 17.22 4.37
N ALA A 483 22.02 17.09 3.85
CA ALA A 483 22.36 17.61 2.53
C ALA A 483 22.06 16.63 1.39
N ALA A 484 21.78 15.37 1.70
CA ALA A 484 21.59 14.34 0.68
C ALA A 484 20.13 14.29 0.28
N ALA A 485 19.79 14.94 -0.83
CA ALA A 485 18.41 15.03 -1.30
C ALA A 485 18.22 14.23 -2.59
N GLN A 486 16.96 13.91 -2.87
CA GLN A 486 16.54 13.23 -4.07
C GLN A 486 15.60 14.14 -4.86
N ARG A 487 15.27 13.72 -6.08
CA ARG A 487 14.43 14.57 -6.94
C ARG A 487 13.03 14.74 -6.39
N ASN A 488 12.53 13.77 -5.63
CA ASN A 488 11.21 13.87 -5.03
C ASN A 488 11.18 14.78 -3.80
N GLY A 489 12.29 15.43 -3.46
CA GLY A 489 12.35 16.33 -2.33
C GLY A 489 12.82 15.69 -1.04
N GLN A 490 12.62 14.38 -0.89
CA GLN A 490 12.96 13.68 0.34
C GLN A 490 14.47 13.47 0.47
N LEU A 491 14.88 13.15 1.71
CA LEU A 491 16.27 12.84 2.01
C LEU A 491 16.70 11.54 1.33
N TYR A 492 17.97 11.50 0.94
CA TYR A 492 18.56 10.23 0.49
C TYR A 492 19.05 9.47 1.72
N ILE A 493 18.54 8.26 1.90
CA ILE A 493 18.84 7.44 3.07
C ILE A 493 19.83 6.36 2.65
N LYS A 494 20.99 6.31 3.30
CA LYS A 494 22.01 5.32 3.00
C LYS A 494 21.95 4.18 4.00
N LYS A 495 22.00 2.95 3.48
CA LYS A 495 22.03 1.77 4.34
C LYS A 495 23.40 1.61 4.98
N VAL A 496 23.40 1.16 6.24
CA VAL A 496 24.62 0.83 6.98
C VAL A 496 24.62 -0.68 7.22
N ASN A 497 25.65 -1.35 6.72
CA ASN A 497 25.71 -2.81 6.81
C ASN A 497 25.68 -3.26 8.28
N MSE A 498 24.77 -4.17 8.58
CA MSE A 498 24.75 -4.80 9.89
C MSE A 498 24.38 -6.27 9.76
O MSE A 498 23.27 -6.61 9.33
CB MSE A 498 23.77 -4.09 10.82
CG MSE A 498 24.01 -4.39 12.28
SE MSE A 498 22.61 -3.69 13.41
CE MSE A 498 23.52 -3.83 15.11
N THR A 499 25.32 -7.14 10.10
CA THR A 499 25.10 -8.57 10.08
C THR A 499 24.44 -9.02 11.37
N GLY A 500 23.63 -10.08 11.28
CA GLY A 500 22.99 -10.55 12.49
C GLY A 500 22.48 -11.96 12.39
N THR A 501 21.83 -12.38 13.47
CA THR A 501 21.24 -13.71 13.62
C THR A 501 20.00 -13.94 12.79
N GLY A 502 19.40 -12.90 12.23
CA GLY A 502 18.18 -13.05 11.48
C GLY A 502 16.95 -13.22 12.35
N LEU A 503 17.10 -13.05 13.67
CA LEU A 503 16.01 -13.14 14.63
C LEU A 503 15.46 -11.78 15.02
N GLY A 504 15.97 -10.70 14.41
CA GLY A 504 15.43 -9.37 14.55
C GLY A 504 15.44 -8.86 15.98
N ALA A 505 14.48 -7.99 16.28
CA ALA A 505 14.36 -7.43 17.62
C ALA A 505 12.91 -7.02 17.89
N THR A 506 12.60 -6.85 19.18
CA THR A 506 11.33 -6.29 19.61
C THR A 506 11.46 -4.86 20.12
N ARG A 507 12.67 -4.43 20.47
CA ARG A 507 12.99 -3.06 20.89
C ARG A 507 14.43 -2.76 20.48
N VAL A 508 14.66 -1.51 20.07
CA VAL A 508 16.00 -1.07 19.64
C VAL A 508 16.23 0.33 20.20
N GLN A 509 17.48 0.61 20.59
CA GLN A 509 17.83 1.89 21.21
C GLN A 509 19.26 2.25 20.87
N ILE A 510 19.45 3.45 20.30
CA ILE A 510 20.74 4.06 20.04
C ILE A 510 21.18 4.85 21.28
N SER A 511 22.45 4.70 21.66
CA SER A 511 23.00 5.46 22.77
C SER A 511 23.12 6.95 22.42
N PRO A 512 23.10 7.83 23.43
CA PRO A 512 23.19 9.27 23.13
C PRO A 512 24.42 9.69 22.36
N ASP A 513 25.58 9.08 22.60
CA ASP A 513 26.80 9.45 21.89
C ASP A 513 26.94 8.74 20.54
N LYS A 514 25.90 8.02 20.09
CA LYS A 514 25.86 7.32 18.81
C LYS A 514 26.88 6.19 18.71
N ARG A 515 27.46 5.75 19.82
CA ARG A 515 28.47 4.70 19.73
C ARG A 515 27.92 3.29 19.90
N TRP A 516 26.68 3.15 20.37
CA TRP A 516 26.14 1.82 20.65
C TRP A 516 24.71 1.72 20.16
N ILE A 517 24.36 0.54 19.65
CA ILE A 517 22.97 0.16 19.38
C ILE A 517 22.67 -1.07 20.23
N CYS A 518 21.69 -0.95 21.11
CA CYS A 518 21.24 -2.05 21.95
C CYS A 518 19.83 -2.46 21.52
N TRP A 519 19.59 -3.77 21.42
CA TRP A 519 18.26 -4.25 21.10
C TRP A 519 17.94 -5.52 21.89
N ALA A 520 16.64 -5.79 21.98
CA ALA A 520 16.12 -7.00 22.61
C ALA A 520 15.73 -7.97 21.50
N GLU A 521 16.47 -9.08 21.38
CA GLU A 521 16.19 -10.08 20.37
C GLU A 521 15.13 -11.05 20.89
N GLU A 522 14.01 -11.12 20.18
CA GLU A 522 12.89 -11.98 20.57
C GLU A 522 12.47 -11.71 22.02
N GLY A 523 12.51 -10.45 22.41
CA GLY A 523 12.08 -10.03 23.74
C GLY A 523 13.02 -10.23 24.90
N SER A 524 13.57 -11.43 25.06
CA SER A 524 14.28 -11.79 26.29
C SER A 524 15.80 -11.67 26.22
N LYS A 525 16.40 -11.63 25.02
CA LYS A 525 17.85 -11.60 24.86
C LYS A 525 18.34 -10.19 24.54
N VAL A 526 19.25 -9.67 25.36
CA VAL A 526 19.80 -8.33 25.17
C VAL A 526 21.07 -8.40 24.34
N MSE A 527 21.11 -7.62 23.26
CA MSE A 527 22.26 -7.55 22.37
C MSE A 527 22.80 -6.12 22.26
O MSE A 527 22.05 -5.16 22.45
CB MSE A 527 21.88 -8.06 20.97
CG MSE A 527 21.15 -9.38 20.97
SE MSE A 527 22.40 -10.84 21.24
CE MSE A 527 22.74 -11.28 19.38
N ILE A 528 24.09 -5.97 21.95
CA ILE A 528 24.65 -4.64 21.75
C ILE A 528 25.76 -4.70 20.70
N SER A 529 25.82 -3.67 19.87
CA SER A 529 26.86 -3.51 18.87
C SER A 529 27.52 -2.14 19.01
N ARG A 530 28.81 -2.10 18.71
CA ARG A 530 29.55 -0.85 18.63
C ARG A 530 29.33 -0.19 17.27
N VAL A 531 29.05 1.10 17.29
CA VAL A 531 28.93 1.89 16.06
C VAL A 531 30.23 2.65 15.86
N HIS A 532 30.94 2.34 14.79
CA HIS A 532 32.23 2.95 14.49
C HIS A 532 32.04 4.10 13.51
N ALA A 533 32.51 5.28 13.89
CA ALA A 533 32.46 6.46 13.03
C ALA A 533 33.86 6.72 12.46
N THR A 534 33.93 6.82 11.14
CA THR A 534 35.18 7.09 10.44
C THR A 534 35.10 8.48 9.82
N GLU A 535 36.16 9.26 9.96
CA GLU A 535 36.20 10.56 9.33
C GLU A 535 37.12 10.54 8.12
N SER A 536 36.78 11.35 7.13
CA SER A 536 37.55 11.50 5.90
C SER A 536 37.15 12.83 5.28
N ALA A 537 37.61 13.07 4.06
CA ALA A 537 37.18 14.28 3.35
C ALA A 537 35.67 14.28 3.15
N ASP A 538 35.06 13.09 3.07
CA ASP A 538 33.62 12.98 2.86
C ASP A 538 32.81 13.37 4.08
N GLY A 539 33.41 13.32 5.27
CA GLY A 539 32.62 13.48 6.46
C GLY A 539 32.66 12.18 7.23
N ILE A 540 31.56 11.83 7.86
CA ILE A 540 31.48 10.62 8.69
C ILE A 540 30.94 9.48 7.85
N SER A 541 31.50 8.29 8.06
CA SER A 541 30.94 7.04 7.57
C SER A 541 30.83 6.09 8.75
N TYR A 542 29.75 5.32 8.78
CA TYR A 542 29.44 4.47 9.92
C TYR A 542 29.57 3.00 9.54
N THR A 543 30.10 2.22 10.48
CA THR A 543 30.06 0.77 10.41
C THR A 543 29.64 0.25 11.77
N VAL A 544 29.14 -0.98 11.78
CA VAL A 544 28.59 -1.58 12.98
C VAL A 544 29.28 -2.93 13.21
N SER A 545 29.66 -3.19 14.46
CA SER A 545 30.31 -4.45 14.79
C SER A 545 29.29 -5.58 14.82
N VAL A 546 29.80 -6.80 14.92
CA VAL A 546 28.95 -7.98 15.06
C VAL A 546 28.24 -7.86 16.42
N PRO A 547 27.04 -8.41 16.57
CA PRO A 547 26.36 -8.29 17.86
C PRO A 547 27.14 -8.97 18.97
N HIS A 548 27.15 -8.33 20.12
CA HIS A 548 27.62 -8.96 21.36
C HIS A 548 26.40 -9.14 22.25
N LYS A 549 26.39 -10.29 22.95
CA LYS A 549 25.30 -10.75 23.82
C LYS A 549 25.51 -10.08 25.16
N LEU A 550 24.48 -9.45 25.71
CA LEU A 550 24.60 -8.99 27.11
C LEU A 550 23.74 -9.88 28.01
N HIS A 551 24.35 -10.46 29.04
CA HIS A 551 23.69 -11.45 29.89
C HIS A 551 22.97 -10.76 31.05
N ARG A 552 21.70 -11.11 31.25
CA ARG A 552 20.99 -10.61 32.42
C ARG A 552 21.19 -11.55 33.60
N LEU A 553 20.92 -11.03 34.79
CA LEU A 553 20.98 -11.83 36.00
C LEU A 553 19.99 -13.00 35.92
N ARG A 554 20.42 -14.16 36.39
CA ARG A 554 19.48 -15.25 36.65
C ARG A 554 18.64 -14.90 37.87
N ARG A 555 17.33 -15.09 37.76
CA ARG A 555 16.43 -14.79 38.86
C ARG A 555 15.93 -16.09 39.46
N GLN A 556 15.60 -16.05 40.75
CA GLN A 556 15.15 -17.24 41.46
C GLN A 556 13.63 -17.32 41.33
N ILE A 557 13.17 -18.13 40.39
CA ILE A 557 11.75 -18.31 40.12
C ILE A 557 11.45 -19.80 40.26
N PRO A 558 10.58 -20.18 41.20
CA PRO A 558 10.28 -21.61 41.41
C PRO A 558 9.83 -22.32 40.13
N LYS A 559 10.16 -23.61 40.06
CA LYS A 559 9.92 -24.36 38.83
C LYS A 559 8.42 -24.58 38.58
N HIS A 560 7.59 -24.57 39.63
CA HIS A 560 6.16 -24.69 39.40
C HIS A 560 5.56 -23.41 38.83
N ILE A 561 6.22 -22.27 39.03
CA ILE A 561 5.79 -21.04 38.38
C ILE A 561 6.28 -20.99 36.93
N LEU A 562 7.55 -21.35 36.71
CA LEU A 562 8.13 -21.29 35.37
C LEU A 562 7.43 -22.23 34.39
N LEU A 563 6.93 -23.36 34.89
CA LEU A 563 6.36 -24.41 34.05
C LEU A 563 4.87 -24.20 33.76
N GLY A 564 4.24 -23.20 34.38
CA GLY A 564 2.84 -22.95 34.20
C GLY A 564 2.54 -21.64 33.45
N GLY A 565 1.24 -21.43 33.23
CA GLY A 565 0.74 -20.22 32.63
C GLY A 565 1.41 -19.82 31.32
N LEU A 566 2.02 -18.63 31.33
CA LEU A 566 2.62 -18.06 30.14
C LEU A 566 4.12 -18.30 30.08
N GLY A 567 4.64 -19.17 30.94
CA GLY A 567 6.06 -19.52 30.89
C GLY A 567 6.93 -18.32 31.21
N SER A 568 7.85 -18.01 30.30
CA SER A 568 8.77 -16.89 30.45
C SER A 568 8.35 -15.68 29.61
N TYR A 569 7.07 -15.59 29.25
CA TYR A 569 6.55 -14.44 28.51
C TYR A 569 6.90 -13.13 29.21
N ASP A 570 6.79 -13.10 30.53
CA ASP A 570 6.97 -11.84 31.26
C ASP A 570 8.43 -11.43 31.42
N ARG A 571 9.38 -12.17 30.85
CA ARG A 571 10.76 -11.71 30.78
C ARG A 571 11.01 -10.86 29.53
N ASN A 572 9.95 -10.57 28.77
CA ASN A 572 10.04 -9.68 27.62
C ASN A 572 10.51 -8.29 28.05
N VAL A 573 11.59 -7.83 27.43
CA VAL A 573 12.18 -6.53 27.78
C VAL A 573 11.29 -5.41 27.21
N SER A 574 10.76 -4.59 28.10
CA SER A 574 9.88 -3.49 27.70
C SER A 574 10.59 -2.14 27.59
N GLN A 575 11.73 -1.96 28.24
CA GLN A 575 12.49 -0.72 28.11
C GLN A 575 13.98 -0.97 28.02
N ILE A 576 14.64 -0.13 27.24
CA ILE A 576 16.09 -0.06 27.14
C ILE A 576 16.47 1.40 27.35
N ALA A 577 17.35 1.66 28.30
CA ALA A 577 17.68 3.04 28.66
C ALA A 577 19.19 3.20 28.85
N PHE A 578 19.76 4.17 28.15
CA PHE A 578 21.13 4.61 28.37
C PHE A 578 21.13 5.85 29.25
N SER A 579 22.19 6.00 30.05
CA SER A 579 22.41 7.23 30.78
C SER A 579 22.89 8.34 29.83
N ALA A 580 22.79 9.58 30.29
CA ALA A 580 23.09 10.73 29.44
C ALA A 580 24.56 10.75 29.01
N ASP A 581 25.46 10.22 29.82
CA ASP A 581 26.88 10.15 29.44
C ASP A 581 27.21 8.89 28.65
N SER A 582 26.20 8.08 28.32
CA SER A 582 26.38 6.84 27.55
C SER A 582 27.33 5.87 28.23
N ARG A 583 27.44 5.93 29.57
CA ARG A 583 28.31 5.05 30.32
C ARG A 583 27.56 4.03 31.16
N MSE A 584 26.24 4.08 31.19
CA MSE A 584 25.45 3.06 31.87
C MSE A 584 24.27 2.63 31.01
O MSE A 584 23.74 3.43 30.24
CB MSE A 584 24.97 3.56 33.24
CG MSE A 584 25.93 3.26 34.38
SE MSE A 584 25.03 3.09 36.10
CE MSE A 584 24.51 1.22 35.99
N LEU A 585 23.88 1.38 31.15
CA LEU A 585 22.78 0.80 30.37
C LEU A 585 21.89 0.00 31.30
N SER A 586 20.57 0.14 31.13
CA SER A 586 19.61 -0.60 31.93
C SER A 586 18.46 -1.08 31.06
N VAL A 587 17.96 -2.27 31.39
CA VAL A 587 16.73 -2.80 30.81
C VAL A 587 15.82 -3.25 31.93
N ALA A 588 14.52 -3.27 31.65
CA ALA A 588 13.52 -3.78 32.56
C ALA A 588 12.49 -4.58 31.75
N ASP A 589 11.88 -5.58 32.39
CA ASP A 589 10.93 -6.43 31.69
C ASP A 589 9.56 -6.37 32.37
N LEU A 590 8.61 -7.09 31.77
CA LEU A 590 7.23 -7.06 32.24
C LEU A 590 7.12 -7.57 33.67
N ALA A 591 7.94 -8.56 34.03
CA ALA A 591 7.90 -9.13 35.38
C ALA A 591 8.43 -8.19 36.44
N GLY A 592 9.15 -7.13 36.05
CA GLY A 592 9.64 -6.15 37.00
C GLY A 592 11.11 -6.25 37.36
N TYR A 593 11.88 -7.05 36.63
CA TYR A 593 13.31 -7.17 36.86
C TYR A 593 14.07 -6.09 36.11
N ILE A 594 15.02 -5.44 36.80
CA ILE A 594 15.83 -4.36 36.25
C ILE A 594 17.27 -4.86 36.16
N ASP A 595 17.84 -4.87 34.97
CA ASP A 595 19.23 -5.25 34.78
C ASP A 595 20.06 -4.03 34.39
N THR A 596 21.32 -4.00 34.81
CA THR A 596 22.17 -2.84 34.65
C THR A 596 23.57 -3.24 34.25
N TRP A 597 24.17 -2.49 33.34
CA TRP A 597 25.55 -2.67 32.92
C TRP A 597 26.28 -1.33 32.98
N VAL A 598 27.61 -1.41 33.15
CA VAL A 598 28.46 -0.24 33.17
C VAL A 598 29.52 -0.39 32.08
N LEU A 599 29.88 0.74 31.48
CA LEU A 599 30.91 0.76 30.44
C LEU A 599 32.28 0.92 31.09
N ARG A 600 33.20 0.02 30.76
CA ARG A 600 34.55 0.10 31.32
C ARG A 600 35.46 0.70 30.26
N GLY A 601 36.12 1.80 30.64
CA GLY A 601 37.13 2.44 29.85
C GLY A 601 38.43 1.66 29.74
N PRO A 602 39.29 2.05 28.79
CA PRO A 602 40.60 1.43 28.58
C PRO A 602 41.60 1.78 29.69
N ALA A 634 39.53 -0.51 20.19
CA ALA A 634 38.35 -0.48 21.04
C ALA A 634 38.60 -1.20 22.36
N GLY A 635 39.24 -0.50 23.28
CA GLY A 635 39.57 -0.96 24.61
C GLY A 635 38.43 -1.00 25.60
N GLU A 636 37.23 -0.62 25.18
CA GLU A 636 36.07 -0.52 26.06
C GLU A 636 35.22 -1.79 25.99
N ARG A 637 34.56 -2.09 27.12
CA ARG A 637 33.67 -3.23 27.17
C ARG A 637 32.53 -2.91 28.13
N TRP A 638 31.33 -3.39 27.81
CA TRP A 638 30.23 -3.33 28.75
C TRP A 638 30.35 -4.46 29.75
N ALA A 639 30.24 -4.13 31.04
CA ALA A 639 30.39 -5.09 32.11
C ALA A 639 29.16 -5.04 33.01
N ARG A 640 28.94 -6.14 33.72
N ARG A 640 28.94 -6.14 33.73
CA ARG A 640 27.86 -6.21 34.69
CA ARG A 640 27.81 -6.21 34.65
C ARG A 640 28.02 -5.13 35.74
C ARG A 640 27.99 -5.19 35.77
N ASN A 641 26.94 -4.40 36.00
CA ASN A 641 26.95 -3.43 37.09
C ASN A 641 27.14 -4.20 38.39
N PRO A 642 28.22 -3.96 39.12
CA PRO A 642 28.52 -4.81 40.29
C PRO A 642 27.39 -4.99 41.28
N LYS A 643 26.63 -3.93 41.58
CA LYS A 643 25.53 -4.02 42.54
C LYS A 643 24.18 -4.27 41.86
N ALA A 644 24.19 -4.78 40.63
CA ALA A 644 22.96 -4.97 39.87
C ALA A 644 21.93 -5.80 40.64
N ALA A 645 22.37 -6.91 41.24
CA ALA A 645 21.46 -7.83 41.91
C ALA A 645 20.79 -7.22 43.13
N MSE A 646 21.29 -6.09 43.65
CA MSE A 646 20.70 -5.49 44.83
C MSE A 646 19.47 -4.67 44.52
O MSE A 646 18.67 -4.35 45.40
CB MSE A 646 21.72 -4.62 45.56
CG MSE A 646 22.65 -5.40 46.48
SE MSE A 646 24.00 -4.26 47.28
CE MSE A 646 22.82 -3.04 48.23
N ILE A 647 19.31 -4.28 43.25
CA ILE A 647 18.14 -3.52 42.84
C ILE A 647 16.93 -4.42 42.99
N PRO A 648 15.91 -4.00 43.75
CA PRO A 648 14.75 -4.87 43.99
C PRO A 648 13.96 -5.13 42.72
N LYS A 649 13.12 -6.16 42.79
CA LYS A 649 12.16 -6.43 41.74
C LYS A 649 10.94 -5.53 41.91
N LEU A 650 10.45 -4.99 40.80
CA LEU A 650 9.26 -4.16 40.87
C LEU A 650 8.03 -5.01 41.07
N SER A 651 7.06 -4.48 41.81
CA SER A 651 5.81 -5.19 42.05
C SER A 651 4.79 -4.97 40.93
N ALA A 652 5.17 -4.24 39.88
CA ALA A 652 4.31 -4.02 38.73
C ALA A 652 5.19 -3.64 37.55
N ALA A 653 4.65 -3.82 36.35
CA ALA A 653 5.42 -3.65 35.13
C ALA A 653 5.87 -2.19 34.98
N PRO A 654 7.10 -1.96 34.52
CA PRO A 654 7.57 -0.58 34.30
C PRO A 654 7.05 -0.01 32.99
N VAL A 655 6.46 1.18 33.06
CA VAL A 655 6.05 1.89 31.87
C VAL A 655 7.06 2.95 31.45
N VAL A 656 7.89 3.43 32.38
CA VAL A 656 8.97 4.36 32.09
C VAL A 656 10.24 3.87 32.78
N LEU A 657 11.36 3.93 32.06
CA LEU A 657 12.68 3.64 32.62
C LEU A 657 13.64 4.67 32.04
N SER A 658 14.13 5.57 32.88
CA SER A 658 14.82 6.76 32.36
C SER A 658 15.88 7.25 33.34
N PHE A 659 17.09 7.40 32.84
CA PHE A 659 18.17 8.04 33.60
C PHE A 659 17.95 9.53 33.64
N SER A 660 18.00 10.11 34.84
CA SER A 660 18.01 11.55 34.96
C SER A 660 19.26 12.12 34.29
N PRO A 661 19.15 13.19 33.50
CA PRO A 661 20.34 13.78 32.88
C PRO A 661 21.18 14.63 33.82
N THR A 662 20.73 14.87 35.05
CA THR A 662 21.46 15.74 35.97
C THR A 662 22.48 14.93 36.76
N PRO A 663 23.76 15.27 36.70
CA PRO A 663 24.77 14.53 37.47
C PRO A 663 24.52 14.60 38.97
N ARG A 664 24.91 13.54 39.66
CA ARG A 664 24.89 13.48 41.11
C ARG A 664 26.26 13.82 41.67
N ASP A 665 26.26 14.49 42.84
CA ASP A 665 27.52 14.83 43.49
C ASP A 665 28.33 13.60 43.84
N ASP A 666 27.67 12.52 44.24
CA ASP A 666 28.38 11.30 44.62
C ASP A 666 28.79 10.46 43.43
N GLY A 667 28.60 10.94 42.21
CA GLY A 667 28.97 10.22 41.00
C GLY A 667 28.05 9.09 40.60
N ASP A 668 26.99 8.84 41.35
CA ASP A 668 26.04 7.80 41.01
C ASP A 668 25.03 8.36 39.99
N TYR A 669 24.01 7.57 39.66
CA TYR A 669 22.99 7.97 38.72
C TYR A 669 21.62 7.90 39.37
N ASP A 670 20.69 8.70 38.85
CA ASP A 670 19.28 8.62 39.22
C ASP A 670 18.53 7.88 38.11
N LEU A 671 18.19 6.63 38.36
CA LEU A 671 17.47 5.80 37.41
C LEU A 671 16.01 5.75 37.83
N LEU A 672 15.14 6.40 37.06
CA LEU A 672 13.75 6.60 37.43
C LEU A 672 12.85 5.55 36.77
N VAL A 673 11.86 5.09 37.54
CA VAL A 673 10.89 4.10 37.06
C VAL A 673 9.48 4.57 37.43
N VAL A 674 8.54 4.41 36.49
CA VAL A 674 7.12 4.48 36.78
C VAL A 674 6.51 3.14 36.41
N THR A 675 5.59 2.64 37.24
CA THR A 675 4.95 1.35 37.02
C THR A 675 3.49 1.51 36.65
N THR A 676 2.87 0.37 36.30
CA THR A 676 1.45 0.34 35.99
C THR A 676 0.57 0.61 37.21
N LEU A 677 1.12 0.48 38.42
CA LEU A 677 0.42 0.83 39.64
C LEU A 677 0.64 2.28 40.03
N LYS A 678 1.28 3.06 39.15
CA LYS A 678 1.58 4.48 39.36
C LYS A 678 2.59 4.69 40.48
N GLN A 679 3.40 3.68 40.78
CA GLN A 679 4.55 3.89 41.65
C GLN A 679 5.61 4.71 40.91
N LEU A 680 6.26 5.60 41.65
CA LEU A 680 7.32 6.44 41.10
C LEU A 680 8.57 6.25 41.95
N LEU A 681 9.57 5.59 41.37
CA LEU A 681 10.76 5.19 42.11
C LEU A 681 12.02 5.67 41.40
N ILE A 682 13.02 6.03 42.19
CA ILE A 682 14.34 6.43 41.70
C ILE A 682 15.38 5.58 42.41
N PHE A 683 16.19 4.86 41.63
CA PHE A 683 17.24 4.02 42.16
C PHE A 683 18.61 4.64 41.88
N ASN A 684 19.55 4.43 42.80
CA ASN A 684 20.95 4.74 42.57
C ASN A 684 21.66 3.45 42.19
N PRO A 685 21.86 3.17 40.90
CA PRO A 685 22.27 1.81 40.50
C PRO A 685 23.69 1.41 40.89
N LEU A 686 24.64 2.34 40.92
CA LEU A 686 26.00 1.94 41.30
C LEU A 686 26.05 1.51 42.75
N ARG A 687 25.39 2.26 43.63
CA ARG A 687 25.21 1.88 45.01
C ARG A 687 24.21 0.75 45.18
N GLY A 688 23.44 0.44 44.13
CA GLY A 688 22.49 -0.65 44.11
C GLY A 688 21.24 -0.48 44.93
N MSE A 689 20.83 0.76 45.21
CA MSE A 689 19.70 0.95 46.12
C MSE A 689 18.74 2.08 45.76
O MSE A 689 19.05 2.99 44.99
CB MSE A 689 20.21 1.17 47.54
CG MSE A 689 20.72 -0.08 48.23
SE MSE A 689 21.39 0.26 50.02
CE MSE A 689 22.23 1.99 49.68
N LEU A 690 17.54 1.97 46.35
CA LEU A 690 16.57 3.06 46.31
C LEU A 690 17.21 4.35 46.82
N SER A 691 16.93 5.45 46.14
CA SER A 691 17.60 6.71 46.47
C SER A 691 16.97 7.33 47.72
N GLU A 692 17.70 8.30 48.28
CA GLU A 692 17.22 8.99 49.47
C GLU A 692 15.94 9.77 49.17
N TRP A 693 15.85 10.35 47.97
CA TRP A 693 14.62 11.03 47.56
C TRP A 693 13.44 10.07 47.56
N SER A 694 13.64 8.86 47.03
CA SER A 694 12.55 7.90 47.03
C SER A 694 12.24 7.44 48.44
N ARG A 695 13.22 7.48 49.34
CA ARG A 695 12.92 7.00 50.66
C ARG A 695 11.99 7.96 51.39
N ARG A 696 12.09 9.25 51.08
CA ARG A 696 11.19 10.24 51.66
C ARG A 696 9.85 10.30 50.91
N ASN A 697 9.90 10.26 49.58
CA ASN A 697 8.71 10.45 48.75
C ASN A 697 8.17 9.09 48.30
N THR A 698 7.50 8.41 49.23
CA THR A 698 6.92 7.10 48.98
C THR A 698 5.55 7.22 48.32
N TYR A 699 5.04 6.08 47.85
CA TYR A 699 3.75 6.00 47.15
C TYR A 699 2.62 6.77 47.82
N PRO A 700 2.35 6.64 49.13
CA PRO A 700 1.19 7.34 49.70
C PRO A 700 1.29 8.86 49.61
N LYS A 701 2.49 9.40 49.39
CA LYS A 701 2.66 10.84 49.28
C LYS A 701 2.51 11.36 47.85
N LEU A 702 2.38 10.48 46.87
CA LEU A 702 2.14 10.93 45.51
C LEU A 702 0.76 11.61 45.42
N PRO A 703 0.62 12.61 44.55
CA PRO A 703 -0.69 13.24 44.36
C PRO A 703 -1.75 12.21 44.01
N GLU A 704 -2.93 12.37 44.62
CA GLU A 704 -4.00 11.41 44.38
C GLU A 704 -4.37 11.25 42.91
N PRO A 705 -4.45 12.32 42.09
CA PRO A 705 -4.73 12.09 40.66
C PRO A 705 -3.69 11.21 39.96
N PHE A 706 -2.42 11.32 40.35
CA PHE A 706 -1.39 10.51 39.71
C PHE A 706 -1.54 9.02 40.03
N ARG A 707 -2.07 8.69 41.21
CA ARG A 707 -2.20 7.31 41.64
C ARG A 707 -3.37 6.58 40.99
N ASP A 708 -4.17 7.26 40.18
CA ASP A 708 -5.29 6.64 39.45
C ASP A 708 -4.75 5.69 38.38
N THR A 709 -4.96 4.39 38.56
CA THR A 709 -4.43 3.42 37.59
C THR A 709 -5.23 3.36 36.29
N ARG A 710 -6.33 4.10 36.16
CA ARG A 710 -6.98 4.22 34.86
C ARG A 710 -6.21 5.15 33.93
N ASP A 711 -5.22 5.87 34.46
CA ASP A 711 -4.42 6.85 33.74
C ASP A 711 -2.99 6.29 33.65
N GLN A 712 -2.74 5.50 32.60
CA GLN A 712 -1.44 4.85 32.44
C GLN A 712 -0.43 5.81 31.82
N VAL A 713 0.70 5.99 32.48
CA VAL A 713 1.78 6.81 31.94
C VAL A 713 2.41 6.12 30.75
N LYS A 714 2.71 6.89 29.70
CA LYS A 714 3.34 6.37 28.49
C LYS A 714 4.77 6.83 28.27
N GLY A 715 5.17 7.96 28.84
CA GLY A 715 6.46 8.55 28.50
C GLY A 715 6.85 9.64 29.46
N ILE A 716 8.07 10.14 29.27
CA ILE A 716 8.65 11.14 30.15
C ILE A 716 9.39 12.17 29.32
N VAL A 717 9.39 13.42 29.79
CA VAL A 717 10.18 14.50 29.21
C VAL A 717 10.90 15.20 30.35
N TRP A 718 12.22 15.24 30.29
CA TRP A 718 13.01 15.90 31.32
C TRP A 718 13.10 17.40 31.06
N GLN A 719 12.97 18.18 32.14
CA GLN A 719 13.28 19.63 32.14
C GLN A 719 14.19 19.88 33.34
N GLY A 720 15.49 19.66 33.15
CA GLY A 720 16.39 19.73 34.28
C GLY A 720 16.01 18.71 35.33
N GLN A 721 15.79 19.18 36.54
CA GLN A 721 15.35 18.31 37.63
C GLN A 721 13.84 18.20 37.71
N ARG A 722 13.12 18.84 36.80
CA ARG A 722 11.69 18.63 36.65
C ARG A 722 11.44 17.50 35.66
N ALA A 723 10.47 16.65 35.98
CA ALA A 723 10.07 15.54 35.12
C ALA A 723 8.62 15.69 34.72
N TRP A 724 8.35 15.61 33.41
CA TRP A 724 7.00 15.62 32.89
C TRP A 724 6.61 14.20 32.50
N PHE A 725 5.45 13.75 32.97
CA PHE A 725 4.91 12.43 32.66
C PHE A 725 3.56 12.60 31.95
N TYR A 726 3.40 11.91 30.83
CA TYR A 726 2.14 11.96 30.09
C TYR A 726 1.57 10.56 29.88
N GLY A 727 0.24 10.49 29.89
CA GLY A 727 -0.50 9.37 29.40
C GLY A 727 -1.23 9.72 28.11
N VAL A 728 -2.19 8.86 27.75
CA VAL A 728 -2.97 9.16 26.55
C VAL A 728 -3.82 10.41 26.74
N ALA A 729 -4.23 10.72 27.97
CA ALA A 729 -5.11 11.85 28.22
C ALA A 729 -4.67 12.68 29.42
N SER A 730 -3.38 12.71 29.74
CA SER A 730 -2.93 13.34 30.97
C SER A 730 -1.51 13.84 30.83
N LEU A 731 -1.17 14.83 31.65
CA LEU A 731 0.16 15.43 31.68
C LEU A 731 0.43 15.93 33.09
N PHE A 732 1.47 15.41 33.72
CA PHE A 732 1.89 15.80 35.06
C PHE A 732 3.29 16.41 35.01
N MSE A 733 3.56 17.32 35.94
CA MSE A 733 4.92 17.82 36.13
C MSE A 733 5.32 17.73 37.60
O MSE A 733 4.64 18.29 38.46
CB MSE A 733 5.07 19.26 35.64
CG MSE A 733 6.52 19.77 35.62
SE MSE A 733 6.80 21.51 36.49
CE MSE A 733 6.68 20.94 38.34
N PHE A 734 6.41 17.03 37.88
CA PHE A 734 6.97 16.96 39.23
C PHE A 734 8.35 17.61 39.25
N ASP A 735 8.60 18.41 40.27
CA ASP A 735 9.94 18.97 40.53
C ASP A 735 10.65 18.02 41.48
N LEU A 736 11.53 17.18 40.91
CA LEU A 736 12.15 16.11 41.68
C LEU A 736 13.27 16.60 42.59
N SER A 737 13.57 17.90 42.58
CA SER A 737 14.48 18.45 43.58
C SER A 737 13.75 18.79 44.86
N GLN A 738 12.45 18.50 44.94
CA GLN A 738 11.63 18.85 46.08
C GLN A 738 10.92 17.61 46.60
N ASP A 739 10.45 17.70 47.84
CA ASP A 739 9.67 16.66 48.48
C ASP A 739 8.18 16.96 48.37
N PHE A 740 7.39 15.90 48.25
CA PHE A 740 5.95 16.04 48.36
C PHE A 740 5.55 16.36 49.79
N SER A 741 4.34 16.89 49.95
CA SER A 741 3.79 17.17 51.27
C SER A 741 3.54 15.87 52.03
N ALA A 848 1.13 23.78 46.71
CA ALA A 848 1.59 22.56 46.06
C ALA A 848 2.58 22.88 44.95
N LYS A 849 3.61 22.05 44.80
CA LYS A 849 4.64 22.25 43.80
C LYS A 849 4.58 21.25 42.65
N TRP A 850 3.55 20.42 42.58
CA TRP A 850 3.28 19.58 41.43
C TRP A 850 2.10 20.13 40.65
N TRP A 851 2.07 19.84 39.35
CA TRP A 851 1.02 20.36 38.48
C TRP A 851 0.56 19.28 37.51
N HIS A 852 -0.65 19.44 36.98
CA HIS A 852 -1.13 18.52 35.97
C HIS A 852 -2.22 19.19 35.14
N THR A 853 -2.55 18.55 34.02
CA THR A 853 -3.63 19.00 33.15
C THR A 853 -4.15 17.81 32.34
N TYR A 854 -5.43 17.87 32.01
CA TYR A 854 -6.07 16.87 31.16
C TYR A 854 -6.51 17.46 29.82
N GLN A 855 -6.00 18.64 29.46
CA GLN A 855 -6.44 19.32 28.25
C GLN A 855 -5.92 18.70 26.97
N PHE A 856 -4.94 17.80 27.04
CA PHE A 856 -4.37 17.19 25.85
C PHE A 856 -4.77 15.72 25.78
N ARG A 857 -5.26 15.31 24.61
CA ARG A 857 -5.84 14.00 24.33
C ARG A 857 -6.22 13.89 22.85
N PRO A 858 -6.15 12.68 22.26
CA PRO A 858 -5.44 11.51 22.78
C PRO A 858 -3.96 11.55 22.38
N ILE A 859 -3.08 11.49 23.36
CA ILE A 859 -1.65 11.73 23.14
C ILE A 859 -0.98 10.46 22.63
N MSE A 860 -0.32 10.56 21.48
CA MSE A 860 0.62 9.54 21.04
C MSE A 860 1.89 9.66 21.86
O MSE A 860 2.29 8.73 22.56
CB MSE A 860 0.95 9.67 19.55
CG MSE A 860 -0.05 9.06 18.61
SE MSE A 860 0.68 8.98 16.80
CE MSE A 860 1.64 7.29 16.93
N GLY A 861 2.53 10.82 21.77
CA GLY A 861 3.72 11.07 22.55
C GLY A 861 4.05 12.55 22.60
N ILE A 862 4.96 12.88 23.52
CA ILE A 862 5.50 14.22 23.66
C ILE A 862 7.01 14.08 23.59
N VAL A 863 7.64 14.79 22.65
CA VAL A 863 9.06 14.63 22.40
C VAL A 863 9.76 15.98 22.35
N PRO A 864 10.93 16.12 22.98
CA PRO A 864 11.60 17.43 23.01
C PRO A 864 12.30 17.76 21.71
N ILE A 865 12.40 19.06 21.43
CA ILE A 865 13.23 19.59 20.36
C ILE A 865 14.01 20.77 20.91
N GLU A 866 15.20 21.00 20.34
CA GLU A 866 16.11 22.02 20.81
C GLU A 866 16.18 23.19 19.85
N GLY A 867 16.40 24.38 20.41
CA GLY A 867 16.49 25.61 19.64
C GLY A 867 17.29 26.69 20.37
N ILE A 879 16.01 27.98 35.24
CA ILE A 879 15.22 26.86 34.73
C ILE A 879 15.18 26.91 33.22
N PRO A 880 15.80 25.93 32.57
CA PRO A 880 15.82 25.91 31.11
C PRO A 880 14.42 25.70 30.55
N PRO A 881 13.99 26.54 29.60
CA PRO A 881 12.70 26.33 28.97
C PRO A 881 12.71 25.07 28.11
N LEU A 882 11.52 24.51 27.92
CA LEU A 882 11.37 23.24 27.24
C LEU A 882 10.48 23.45 26.02
N GLU A 883 10.95 22.98 24.87
CA GLU A 883 10.19 23.03 23.62
C GLU A 883 9.95 21.59 23.17
N VAL A 884 8.69 21.27 22.89
CA VAL A 884 8.30 19.89 22.58
C VAL A 884 7.32 19.89 21.41
N ALA A 885 7.21 18.73 20.80
CA ALA A 885 6.14 18.43 19.85
C ALA A 885 5.18 17.50 20.59
N LEU A 886 3.92 17.91 20.69
CA LEU A 886 2.90 17.10 21.34
C LEU A 886 2.01 16.57 20.23
N ILE A 887 2.03 15.27 20.03
CA ILE A 887 1.35 14.64 18.91
C ILE A 887 0.09 13.97 19.41
N GLU A 888 -1.06 14.47 18.95
CA GLU A 888 -2.36 13.91 19.24
C GLU A 888 -2.90 13.23 17.99
N ARG A 889 -3.63 12.14 18.18
CA ARG A 889 -4.16 11.36 17.08
C ARG A 889 -5.62 11.01 17.38
N PRO A 890 -6.52 11.99 17.27
CA PRO A 890 -7.93 11.69 17.45
C PRO A 890 -8.46 10.92 16.25
N LEU A 891 -9.42 10.05 16.52
CA LEU A 891 -10.15 9.36 15.45
C LEU A 891 -11.52 9.98 15.21
N SER A 892 -12.16 10.48 16.26
CA SER A 892 -13.55 10.93 16.19
C SER A 892 -13.75 12.20 17.01
N PRO B 13 -23.75 18.01 -7.54
CA PRO B 13 -24.98 17.24 -7.78
C PRO B 13 -24.70 15.81 -8.21
N THR B 14 -25.29 14.85 -7.51
CA THR B 14 -25.05 13.45 -7.83
C THR B 14 -25.80 12.98 -9.06
N THR B 15 -26.89 13.64 -9.45
CA THR B 15 -27.67 13.20 -10.60
C THR B 15 -27.88 14.33 -11.59
N GLU B 16 -27.98 13.93 -12.87
CA GLU B 16 -28.23 14.82 -13.99
C GLU B 16 -29.19 14.09 -14.92
N ASN B 17 -29.79 14.85 -15.84
CA ASN B 17 -30.74 14.27 -16.78
C ASN B 17 -30.65 15.01 -18.10
N LEU B 18 -30.32 14.28 -19.16
CA LEU B 18 -30.29 14.85 -20.50
C LEU B 18 -31.51 14.38 -21.27
N TYR B 19 -32.02 15.25 -22.13
CA TYR B 19 -33.13 14.92 -23.01
C TYR B 19 -32.86 15.59 -24.35
N PHE B 20 -32.74 14.79 -25.40
CA PHE B 20 -32.50 15.29 -26.76
C PHE B 20 -33.50 14.63 -27.69
N GLN B 21 -34.57 15.36 -28.04
CA GLN B 21 -35.56 14.94 -29.03
C GLN B 21 -36.03 13.51 -28.79
N GLY B 22 -36.47 13.23 -27.56
CA GLY B 22 -37.03 11.94 -27.21
C GLY B 22 -36.10 11.02 -26.44
N ALA B 23 -34.79 11.23 -26.53
CA ALA B 23 -33.82 10.35 -25.88
C ALA B 23 -33.54 10.85 -24.47
N HIS B 24 -33.84 10.01 -23.47
CA HIS B 24 -33.58 10.31 -22.07
C HIS B 24 -32.30 9.61 -21.63
N MSE B 25 -31.42 10.35 -20.97
CA MSE B 25 -30.28 9.75 -20.28
C MSE B 25 -30.30 10.16 -18.81
O MSE B 25 -30.08 11.33 -18.48
CB MSE B 25 -28.95 10.14 -20.92
CG MSE B 25 -27.77 9.33 -20.38
SE MSE B 25 -25.99 10.10 -20.75
CE MSE B 25 -25.47 8.98 -22.25
N ASP B 26 -30.56 9.20 -17.93
CA ASP B 26 -30.51 9.41 -16.49
C ASP B 26 -29.08 9.13 -16.03
N ILE B 27 -28.45 10.10 -15.39
CA ILE B 27 -27.01 10.04 -15.09
C ILE B 27 -26.79 10.01 -13.59
N HIS B 28 -26.00 9.05 -13.12
CA HIS B 28 -25.41 9.06 -11.79
C HIS B 28 -24.00 9.65 -11.91
N ARG B 29 -23.83 10.88 -11.41
CA ARG B 29 -22.55 11.57 -11.49
C ARG B 29 -21.69 11.13 -10.31
N CYS B 30 -20.65 10.35 -10.59
CA CYS B 30 -19.86 9.69 -9.55
C CYS B 30 -18.46 10.29 -9.48
N ARG B 31 -18.03 10.63 -8.27
CA ARG B 31 -16.68 11.11 -8.02
C ARG B 31 -15.95 10.29 -6.95
N PHE B 32 -16.47 9.12 -6.60
CA PHE B 32 -15.91 8.30 -5.54
C PHE B 32 -14.92 7.25 -6.05
N VAL B 33 -14.65 7.20 -7.35
CA VAL B 33 -13.66 6.27 -7.90
C VAL B 33 -12.33 7.00 -7.85
N ARG B 34 -11.53 6.68 -6.83
CA ARG B 34 -10.31 7.44 -6.51
C ARG B 34 -9.11 6.92 -7.30
N TYR B 35 -9.20 6.99 -8.63
CA TYR B 35 -8.10 6.55 -9.46
C TYR B 35 -6.89 7.43 -9.18
N PRO B 36 -5.75 6.86 -8.79
CA PRO B 36 -4.61 7.67 -8.36
C PRO B 36 -3.89 8.29 -9.54
N ALA B 37 -3.32 9.46 -9.29
CA ALA B 37 -2.43 10.10 -10.23
C ALA B 37 -1.00 9.73 -9.86
N SER B 38 -0.22 9.30 -10.86
CA SER B 38 1.19 8.99 -10.65
C SER B 38 2.03 10.07 -11.31
N ALA B 39 3.05 10.53 -10.59
CA ALA B 39 3.88 11.61 -11.09
C ALA B 39 4.59 11.21 -12.37
N ILE B 40 4.74 12.16 -13.28
CA ILE B 40 5.59 11.97 -14.45
C ILE B 40 7.03 12.27 -14.05
N ASN B 41 7.89 11.25 -14.10
CA ASN B 41 9.29 11.40 -13.72
C ASN B 41 10.22 11.53 -14.91
N ALA B 42 9.78 11.14 -16.11
CA ALA B 42 10.66 11.05 -17.26
C ALA B 42 9.86 11.20 -18.54
N VAL B 43 10.44 11.92 -19.51
CA VAL B 43 9.80 12.20 -20.79
C VAL B 43 10.87 12.05 -21.87
N ALA B 44 10.56 11.32 -22.94
CA ALA B 44 11.55 11.08 -23.98
C ALA B 44 10.89 10.69 -25.30
N PHE B 45 11.38 11.30 -26.38
CA PHE B 45 10.90 11.06 -27.74
C PHE B 45 11.82 10.08 -28.48
N THR B 46 11.23 9.33 -29.41
CA THR B 46 12.03 8.48 -30.29
C THR B 46 13.03 9.32 -31.09
N HIS B 47 12.62 10.50 -31.53
CA HIS B 47 13.46 11.41 -32.30
C HIS B 47 13.37 12.79 -31.67
N SER B 48 14.52 13.41 -31.42
CA SER B 48 14.50 14.81 -31.01
C SER B 48 14.12 15.73 -32.17
N ALA B 49 14.53 15.38 -33.39
CA ALA B 49 14.33 16.24 -34.54
C ALA B 49 14.40 15.38 -35.80
N LEU B 50 13.57 15.71 -36.78
CA LEU B 50 13.62 15.08 -38.08
C LEU B 50 14.20 16.06 -39.10
N PRO B 51 14.85 15.56 -40.15
CA PRO B 51 15.35 16.46 -41.19
C PRO B 51 14.22 17.25 -41.82
N VAL B 52 14.54 18.48 -42.24
CA VAL B 52 13.58 19.33 -42.92
C VAL B 52 13.48 18.91 -44.38
N VAL B 53 12.25 18.72 -44.86
CA VAL B 53 11.99 18.39 -46.26
C VAL B 53 10.86 19.28 -46.74
N SER B 54 10.76 19.43 -48.08
CA SER B 54 9.70 20.28 -48.62
C SER B 54 9.16 19.71 -49.94
N SER B 55 8.42 18.62 -49.86
CA SER B 55 7.65 18.11 -50.99
C SER B 55 6.17 18.27 -50.63
N SER B 56 5.75 19.53 -50.56
CA SER B 56 4.40 19.91 -50.15
C SER B 56 4.17 19.55 -48.69
N TYR B 59 8.15 14.21 -49.12
CA TYR B 59 7.40 13.47 -48.11
C TYR B 59 7.86 12.02 -48.07
N LEU B 60 9.16 11.86 -47.90
CA LEU B 60 9.87 10.61 -47.67
C LEU B 60 9.78 10.17 -46.22
N GLN B 61 8.91 10.82 -45.44
CA GLN B 61 8.86 10.67 -44.00
C GLN B 61 7.53 10.08 -43.47
N LYS B 62 6.63 9.50 -44.34
CA LYS B 62 5.44 8.79 -43.79
C LYS B 62 5.84 8.07 -42.56
N ASN B 63 6.71 7.08 -42.80
CA ASN B 63 6.98 5.83 -42.13
C ASN B 63 7.85 6.01 -40.94
N ILE B 64 8.33 7.23 -40.79
CA ILE B 64 8.98 7.60 -39.58
C ILE B 64 7.89 7.60 -38.53
N GLN B 65 8.12 6.86 -37.49
CA GLN B 65 7.13 6.69 -36.45
C GLN B 65 7.71 7.30 -35.19
N VAL B 66 7.26 8.51 -34.90
CA VAL B 66 7.67 9.25 -33.71
C VAL B 66 6.72 8.89 -32.59
N ARG B 67 7.27 8.50 -31.46
CA ARG B 67 6.46 8.26 -30.28
C ARG B 67 7.06 8.99 -29.09
N LEU B 68 6.20 9.36 -28.16
CA LEU B 68 6.62 9.89 -26.87
C LEU B 68 6.46 8.81 -25.81
N ALA B 69 7.47 8.66 -24.96
CA ALA B 69 7.41 7.76 -23.82
C ALA B 69 7.31 8.59 -22.55
N ILE B 70 6.37 8.24 -21.69
CA ILE B 70 6.17 8.91 -20.41
C ILE B 70 6.33 7.89 -19.30
N GLY B 71 7.29 8.13 -18.39
CA GLY B 71 7.57 7.24 -17.29
C GLY B 71 7.02 7.81 -15.99
N ARG B 72 6.30 6.96 -15.26
CA ARG B 72 5.61 7.36 -14.04
C ARG B 72 6.34 6.88 -12.79
N ALA B 73 6.08 7.57 -11.68
CA ALA B 73 6.60 7.18 -10.38
C ALA B 73 6.16 5.78 -9.96
N ASN B 74 5.05 5.27 -10.50
CA ASN B 74 4.61 3.92 -10.17
C ASN B 74 5.19 2.86 -11.10
N GLY B 75 6.08 3.25 -12.01
CA GLY B 75 6.72 2.33 -12.92
C GLY B 75 6.05 2.17 -14.27
N ASP B 76 4.82 2.63 -14.43
CA ASP B 76 4.17 2.64 -15.74
C ASP B 76 5.04 3.36 -16.77
N ILE B 77 5.04 2.85 -17.99
CA ILE B 77 5.64 3.52 -19.13
C ILE B 77 4.58 3.61 -20.22
N GLU B 78 4.24 4.82 -20.62
CA GLU B 78 3.18 5.08 -21.58
C GLU B 78 3.78 5.50 -22.92
N ILE B 79 3.30 4.90 -24.00
CA ILE B 79 3.70 5.25 -25.34
C ILE B 79 2.60 6.11 -25.96
N TRP B 80 2.94 7.35 -26.31
CA TRP B 80 2.00 8.31 -26.88
C TRP B 80 2.38 8.61 -28.33
N ASN B 81 1.35 8.81 -29.17
CA ASN B 81 1.56 9.21 -30.57
C ASN B 81 1.17 10.68 -30.72
N PRO B 82 2.10 11.57 -31.09
CA PRO B 82 1.75 12.99 -31.20
C PRO B 82 0.77 13.31 -32.32
N LEU B 83 0.77 12.55 -33.42
CA LEU B 83 -0.22 12.66 -34.51
C LEU B 83 -0.47 14.12 -34.92
N ASN B 84 0.61 14.87 -35.09
CA ASN B 84 0.60 16.29 -35.50
C ASN B 84 -0.49 17.09 -34.76
N GLY B 85 -0.49 16.96 -33.44
CA GLY B 85 -1.41 17.68 -32.58
C GLY B 85 -2.52 16.84 -31.99
N GLY B 86 -2.86 15.72 -32.62
CA GLY B 86 -3.80 14.80 -32.03
C GLY B 86 -3.12 13.81 -31.10
N TRP B 87 -2.81 14.24 -29.88
CA TRP B 87 -2.10 13.39 -28.95
C TRP B 87 -2.98 12.22 -28.53
N TYR B 88 -2.45 11.00 -28.67
CA TYR B 88 -3.20 9.79 -28.42
C TYR B 88 -2.32 8.84 -27.63
N GLN B 89 -2.82 8.40 -26.48
CA GLN B 89 -2.10 7.46 -25.64
C GLN B 89 -2.38 6.04 -26.14
N GLU B 90 -1.33 5.37 -26.62
CA GLU B 90 -1.49 4.10 -27.34
C GLU B 90 -1.38 2.89 -26.42
N VAL B 91 -0.27 2.76 -25.71
CA VAL B 91 0.07 1.55 -24.98
C VAL B 91 0.61 1.96 -23.61
N ILE B 92 0.20 1.25 -22.57
CA ILE B 92 0.75 1.43 -21.24
C ILE B 92 1.41 0.12 -20.81
N ILE B 93 2.74 0.16 -20.69
CA ILE B 93 3.50 -0.95 -20.13
C ILE B 93 3.42 -0.81 -18.62
N PRO B 94 2.92 -1.82 -17.91
CA PRO B 94 2.62 -1.62 -16.48
C PRO B 94 3.88 -1.59 -15.63
N GLY B 95 3.86 -0.72 -14.63
CA GLY B 95 4.79 -0.78 -13.54
C GLY B 95 4.39 -1.87 -12.57
N GLY B 96 4.86 -1.74 -11.33
CA GLY B 96 4.54 -2.73 -10.33
C GLY B 96 4.91 -2.25 -8.95
N LYS B 97 4.54 -3.07 -7.96
CA LYS B 97 4.88 -2.80 -6.58
C LYS B 97 6.40 -2.64 -6.41
N ASP B 98 6.78 -1.59 -5.68
CA ASP B 98 8.18 -1.28 -5.40
C ASP B 98 8.98 -1.05 -6.67
N ARG B 99 8.31 -0.58 -7.72
CA ARG B 99 8.97 -0.18 -8.96
C ARG B 99 8.62 1.25 -9.30
N SER B 100 9.60 1.98 -9.80
CA SER B 100 9.41 3.33 -10.31
C SER B 100 10.29 3.51 -11.54
N VAL B 101 9.84 4.39 -12.44
CA VAL B 101 10.65 4.80 -13.58
C VAL B 101 11.16 6.20 -13.28
N ASP B 102 12.47 6.38 -13.33
CA ASP B 102 13.07 7.66 -13.02
C ASP B 102 13.88 8.25 -14.17
N GLY B 103 14.17 7.47 -15.21
CA GLY B 103 14.88 7.97 -16.37
C GLY B 103 14.52 7.15 -17.59
N LEU B 104 14.43 7.80 -18.76
CA LEU B 104 14.10 7.13 -20.00
C LEU B 104 15.06 7.57 -21.09
N VAL B 105 15.49 6.62 -21.93
CA VAL B 105 16.41 6.91 -23.02
C VAL B 105 15.95 6.12 -24.25
N TRP B 106 15.68 6.83 -25.34
CA TRP B 106 15.49 6.20 -26.64
C TRP B 106 16.80 6.14 -27.39
N VAL B 107 17.04 5.03 -28.07
CA VAL B 107 18.16 4.89 -28.99
C VAL B 107 17.58 4.56 -30.36
N THR B 108 17.72 5.49 -31.31
CA THR B 108 17.19 5.33 -32.66
C THR B 108 18.34 5.28 -33.66
N ASP B 109 18.39 4.22 -34.46
CA ASP B 109 19.44 4.06 -35.45
C ASP B 109 19.28 5.07 -36.58
N PRO B 110 20.35 5.33 -37.34
CA PRO B 110 20.21 6.10 -38.58
C PRO B 110 19.46 5.32 -39.65
N ASP B 111 18.85 6.06 -40.57
CA ASP B 111 18.25 5.44 -41.74
C ASP B 111 19.34 4.80 -42.59
N GLU B 112 18.97 3.76 -43.35
CA GLU B 112 19.94 3.10 -44.21
C GLU B 112 19.28 2.64 -45.51
N GLU B 113 20.12 2.50 -46.54
CA GLU B 113 19.70 2.12 -47.88
C GLU B 113 19.68 0.61 -48.05
N MSE B 114 18.62 0.10 -48.69
CA MSE B 114 18.58 -1.28 -49.17
C MSE B 114 19.08 -1.30 -50.62
O MSE B 114 19.19 -0.25 -51.24
CB MSE B 114 17.16 -1.86 -49.09
CG MSE B 114 16.77 -2.37 -47.71
SE MSE B 114 14.99 -3.18 -47.69
CE MSE B 114 15.42 -4.91 -46.91
N ALA B 115 19.34 -2.50 -51.15
CA ALA B 115 20.02 -2.60 -52.43
C ALA B 115 19.29 -1.85 -53.55
N ASP B 116 17.97 -1.82 -53.50
CA ASP B 116 17.16 -1.12 -54.50
C ASP B 116 16.90 0.35 -54.14
N GLY B 117 17.65 0.91 -53.20
CA GLY B 117 17.40 2.28 -52.81
C GLY B 117 16.26 2.45 -51.84
N LYS B 118 15.76 1.37 -51.25
CA LYS B 118 14.67 1.46 -50.28
C LYS B 118 15.20 1.91 -48.93
N ILE B 119 14.42 2.77 -48.28
CA ILE B 119 14.80 3.36 -47.00
C ILE B 119 14.24 2.50 -45.88
N ILE B 120 15.14 1.89 -45.09
CA ILE B 120 14.76 1.34 -43.79
C ILE B 120 14.97 2.45 -42.77
N HIS B 121 13.88 2.94 -42.20
CA HIS B 121 13.99 3.94 -41.14
C HIS B 121 14.57 3.31 -39.88
N GLY B 122 15.43 4.07 -39.21
CA GLY B 122 16.16 3.52 -38.07
C GLY B 122 15.23 2.96 -37.01
N LYS B 123 15.64 1.82 -36.43
CA LYS B 123 14.91 1.20 -35.33
C LYS B 123 15.10 1.98 -34.05
N SER B 124 14.07 1.99 -33.20
CA SER B 124 14.09 2.69 -31.93
C SER B 124 14.00 1.69 -30.78
N ARG B 125 14.92 1.81 -29.82
CA ARG B 125 14.95 0.99 -28.62
C ARG B 125 14.75 1.88 -27.41
N LEU B 126 14.09 1.35 -26.38
CA LEU B 126 13.73 2.14 -25.20
C LEU B 126 14.31 1.48 -23.94
N PHE B 127 15.00 2.29 -23.14
CA PHE B 127 15.63 1.84 -21.90
C PHE B 127 15.16 2.72 -20.75
N SER B 128 15.23 2.17 -19.53
CA SER B 128 14.85 2.92 -18.35
C SER B 128 15.76 2.59 -17.18
N ILE B 129 15.80 3.50 -16.21
CA ILE B 129 16.41 3.29 -14.92
C ILE B 129 15.39 3.65 -13.85
N GLY B 130 15.51 2.99 -12.69
CA GLY B 130 14.57 3.24 -11.61
C GLY B 130 15.20 3.18 -10.24
N TYR B 131 16.29 3.94 -10.06
CA TYR B 131 17.03 4.05 -8.81
C TYR B 131 17.46 2.70 -8.25
N THR B 132 17.83 1.78 -9.12
CA THR B 132 18.48 0.54 -8.72
C THR B 132 19.80 0.46 -9.49
N THR B 133 20.48 -0.67 -9.36
CA THR B 133 21.70 -0.91 -10.12
C THR B 133 21.41 -1.51 -11.49
N THR B 134 20.14 -1.57 -11.89
CA THR B 134 19.71 -2.27 -13.09
C THR B 134 19.25 -1.29 -14.16
N ILE B 135 19.70 -1.52 -15.40
CA ILE B 135 19.13 -0.90 -16.59
C ILE B 135 18.20 -1.91 -17.24
N THR B 136 17.02 -1.44 -17.65
CA THR B 136 16.02 -2.29 -18.28
C THR B 136 15.77 -1.82 -19.71
N GLU B 137 15.77 -2.76 -20.65
CA GLU B 137 15.30 -2.51 -22.00
C GLU B 137 13.88 -3.06 -22.13
N TRP B 138 13.03 -2.30 -22.82
CA TRP B 138 11.62 -2.62 -22.93
C TRP B 138 11.27 -3.18 -24.30
N ASP B 139 10.46 -4.24 -24.30
CA ASP B 139 9.99 -4.88 -25.52
C ASP B 139 8.69 -4.19 -25.93
N LEU B 140 8.78 -3.27 -26.89
CA LEU B 140 7.59 -2.58 -27.36
C LEU B 140 6.60 -3.52 -28.03
N GLU B 141 7.10 -4.59 -28.66
CA GLU B 141 6.24 -5.53 -29.35
C GLU B 141 5.48 -6.46 -28.40
N LYS B 142 5.99 -6.68 -27.19
CA LYS B 142 5.31 -7.52 -26.21
C LYS B 142 4.82 -6.74 -25.00
N ALA B 143 5.02 -5.43 -24.98
CA ALA B 143 4.58 -4.55 -23.88
C ALA B 143 5.02 -5.09 -22.52
N ARG B 144 6.29 -5.46 -22.43
CA ARG B 144 6.87 -5.95 -21.19
C ARG B 144 8.38 -5.77 -21.26
N ALA B 145 9.06 -6.10 -20.16
CA ALA B 145 10.51 -5.98 -20.09
C ALA B 145 11.17 -6.96 -21.04
N LYS B 146 12.15 -6.48 -21.80
CA LYS B 146 12.90 -7.30 -22.73
C LYS B 146 14.14 -7.92 -22.08
N LYS B 147 14.91 -7.13 -21.34
CA LYS B 147 16.10 -7.67 -20.69
C LYS B 147 16.52 -6.71 -19.57
N HIS B 148 17.07 -7.28 -18.50
CA HIS B 148 17.62 -6.54 -17.38
C HIS B 148 19.13 -6.76 -17.32
N ALA B 149 19.88 -5.71 -17.00
CA ALA B 149 21.33 -5.80 -16.81
C ALA B 149 21.75 -4.94 -15.63
N SER B 150 22.61 -5.50 -14.77
CA SER B 150 23.22 -4.78 -13.66
C SER B 150 24.71 -5.07 -13.62
N GLY B 151 25.42 -4.39 -12.72
CA GLY B 151 26.83 -4.59 -12.54
C GLY B 151 27.20 -4.34 -11.09
N GLN B 152 28.49 -4.49 -10.79
CA GLN B 152 28.97 -4.24 -9.43
C GLN B 152 29.30 -2.76 -9.30
N HIS B 153 28.28 -1.99 -8.97
CA HIS B 153 28.37 -0.55 -8.79
C HIS B 153 27.15 -0.11 -8.00
N GLY B 154 27.14 1.14 -7.57
CA GLY B 154 26.02 1.68 -6.84
C GLY B 154 24.79 1.92 -7.71
N GLU B 155 23.75 2.47 -7.08
CA GLU B 155 22.51 2.77 -7.78
C GLU B 155 22.72 3.81 -8.87
N ILE B 156 22.09 3.59 -10.02
CA ILE B 156 22.18 4.49 -11.16
C ILE B 156 21.23 5.66 -10.95
N TRP B 157 21.75 6.88 -11.05
CA TRP B 157 20.93 8.08 -10.95
C TRP B 157 20.75 8.80 -12.27
N CYS B 158 21.53 8.46 -13.30
CA CYS B 158 21.39 9.08 -14.61
C CYS B 158 22.06 8.20 -15.64
N PHE B 159 21.62 8.32 -16.89
CA PHE B 159 22.26 7.61 -17.98
C PHE B 159 21.85 8.23 -19.30
N GLY B 160 22.65 7.96 -20.33
CA GLY B 160 22.39 8.45 -21.67
C GLY B 160 23.14 7.63 -22.68
N VAL B 161 22.76 7.79 -23.94
CA VAL B 161 23.38 7.07 -25.04
C VAL B 161 24.43 7.95 -25.68
N GLN B 162 25.59 7.37 -25.94
CA GLN B 162 26.65 8.05 -26.66
C GLN B 162 26.16 8.39 -28.06
N PRO B 163 26.30 9.64 -28.51
CA PRO B 163 25.85 9.98 -29.86
C PRO B 163 26.81 9.42 -30.91
N LEU B 164 26.31 9.33 -32.13
CA LEU B 164 27.13 8.84 -33.22
C LEU B 164 28.28 9.81 -33.51
N PRO B 165 29.44 9.31 -33.86
CA PRO B 165 30.51 10.20 -34.33
C PRO B 165 30.16 10.76 -35.70
N HIS B 166 30.85 11.82 -36.09
CA HIS B 166 30.32 12.69 -37.15
C HIS B 166 30.23 11.97 -38.48
N LYS B 167 31.32 11.35 -38.94
CA LYS B 167 31.23 10.48 -40.12
C LYS B 167 31.01 9.05 -39.61
N ALA B 168 29.75 8.78 -39.30
CA ALA B 168 29.34 7.52 -38.70
C ALA B 168 29.10 6.48 -39.78
N ASN B 169 29.72 5.31 -39.61
CA ASN B 169 29.49 4.18 -40.50
C ASN B 169 28.57 3.17 -39.81
N ALA B 170 28.41 2.01 -40.45
CA ALA B 170 27.51 0.99 -39.92
C ALA B 170 28.00 0.44 -38.58
N ALA B 171 29.32 0.32 -38.40
CA ALA B 171 29.85 -0.23 -37.16
C ALA B 171 29.60 0.68 -35.98
N ALA B 172 29.87 1.97 -36.14
CA ALA B 172 29.52 2.95 -35.12
C ALA B 172 28.05 2.85 -34.72
N ALA B 173 27.16 2.80 -35.72
CA ALA B 173 25.72 2.78 -35.44
C ALA B 173 25.21 1.43 -34.96
N GLN B 174 25.82 0.35 -35.36
CA GLN B 174 25.38 -0.95 -34.86
C GLN B 174 26.07 -1.28 -33.57
N ASN B 175 26.87 -0.35 -33.05
CA ASN B 175 27.65 -0.66 -31.87
C ASN B 175 27.79 0.51 -30.89
N ARG B 176 26.68 0.91 -30.28
CA ARG B 176 26.69 2.03 -29.36
C ARG B 176 26.62 1.60 -27.90
N LYS B 177 26.86 2.58 -27.03
CA LYS B 177 27.04 2.36 -25.60
C LYS B 177 26.11 3.25 -24.79
N LEU B 178 25.71 2.74 -23.64
CA LEU B 178 25.02 3.53 -22.62
C LEU B 178 26.03 3.85 -21.52
N VAL B 179 26.00 5.10 -21.05
CA VAL B 179 26.85 5.55 -19.96
C VAL B 179 25.95 5.94 -18.80
N ALA B 180 26.21 5.38 -17.63
CA ALA B 180 25.40 5.63 -16.45
C ALA B 180 26.27 6.18 -15.32
N GLY B 181 25.72 7.16 -14.61
CA GLY B 181 26.35 7.71 -13.42
C GLY B 181 25.64 7.20 -12.18
N THR B 182 26.43 6.89 -11.15
CA THR B 182 25.89 6.25 -9.96
C THR B 182 25.93 7.18 -8.76
N VAL B 183 25.25 6.74 -7.70
CA VAL B 183 25.22 7.47 -6.43
C VAL B 183 26.60 7.47 -5.79
N ASP B 184 27.50 6.56 -6.20
CA ASP B 184 28.86 6.52 -5.69
C ASP B 184 29.83 7.28 -6.59
N GLY B 185 29.34 8.14 -7.47
CA GLY B 185 30.23 8.95 -8.29
C GLY B 185 31.08 8.15 -9.25
N ASN B 186 30.52 7.10 -9.84
CA ASN B 186 31.20 6.33 -10.87
C ASN B 186 30.44 6.40 -12.18
N LEU B 187 31.19 6.53 -13.27
CA LEU B 187 30.68 6.33 -14.61
C LEU B 187 30.85 4.87 -14.98
N VAL B 188 29.75 4.22 -15.39
CA VAL B 188 29.81 2.84 -15.82
C VAL B 188 29.34 2.77 -17.26
N LEU B 189 29.83 1.77 -17.98
CA LEU B 189 29.54 1.63 -19.40
C LEU B 189 28.77 0.35 -19.63
N TYR B 190 27.71 0.44 -20.43
CA TYR B 190 26.91 -0.72 -20.82
C TYR B 190 26.94 -0.82 -22.34
N SER B 191 27.04 -2.04 -22.84
CA SER B 191 27.03 -2.29 -24.27
C SER B 191 25.65 -2.73 -24.70
N ILE B 192 25.17 -2.16 -25.81
CA ILE B 192 23.88 -2.56 -26.36
C ILE B 192 24.08 -3.07 -27.78
N GLU B 193 25.28 -3.60 -28.04
CA GLU B 193 25.62 -4.15 -29.34
C GLU B 193 24.71 -5.32 -29.70
N ASP B 194 24.45 -5.45 -31.00
CA ASP B 194 23.61 -6.48 -31.62
C ASP B 194 22.33 -6.79 -30.83
N GLY B 195 21.64 -5.75 -30.38
CA GLY B 195 20.33 -5.93 -29.77
C GLY B 195 20.32 -6.48 -28.36
N ASP B 196 21.46 -6.58 -27.71
CA ASP B 196 21.52 -7.06 -26.33
C ASP B 196 21.74 -5.88 -25.40
N LEU B 197 21.80 -6.16 -24.11
CA LEU B 197 22.07 -5.15 -23.09
C LEU B 197 22.91 -5.81 -22.02
N LYS B 198 24.13 -5.32 -21.81
CA LYS B 198 25.00 -5.95 -20.84
C LYS B 198 26.00 -4.96 -20.26
N PHE B 199 26.29 -5.14 -18.98
CA PHE B 199 27.32 -4.37 -18.30
C PHE B 199 28.68 -4.65 -18.92
N GLN B 200 29.46 -3.59 -19.17
CA GLN B 200 30.78 -3.78 -19.75
C GLN B 200 31.89 -3.50 -18.74
N LYS B 201 31.94 -2.30 -18.16
CA LYS B 201 33.02 -1.98 -17.23
C LYS B 201 32.73 -0.65 -16.54
N THR B 202 33.40 -0.45 -15.40
CA THR B 202 33.43 0.85 -14.74
C THR B 202 34.52 1.71 -15.38
N LEU B 203 34.15 2.93 -15.78
CA LEU B 203 35.06 3.82 -16.51
C LEU B 203 36.01 4.57 -15.58
N THR B 204 35.57 4.93 -14.39
CA THR B 204 36.30 5.84 -13.52
C THR B 204 36.83 5.11 -12.30
N ARG B 205 37.38 5.90 -11.37
CA ARG B 205 37.83 5.39 -10.07
C ARG B 205 37.14 6.12 -8.93
N THR B 206 37.39 7.42 -8.80
CA THR B 206 36.70 8.26 -7.82
C THR B 206 36.80 7.72 -6.40
N SER B 208 35.32 10.17 -4.16
CA SER B 208 34.35 10.35 -3.08
C SER B 208 33.11 9.49 -3.28
N LYS B 209 32.85 8.61 -2.30
CA LYS B 209 31.68 7.74 -2.35
C LYS B 209 30.39 8.46 -1.96
N LYS B 210 30.47 9.70 -1.47
CA LYS B 210 29.28 10.50 -1.20
C LYS B 210 28.95 11.48 -2.32
N THR B 211 29.82 11.61 -3.31
CA THR B 211 29.58 12.48 -4.46
C THR B 211 28.76 11.72 -5.49
N LYS B 212 27.59 12.26 -5.82
CA LYS B 212 26.64 11.59 -6.69
C LYS B 212 26.68 12.19 -8.09
N PHE B 213 26.63 11.32 -9.09
CA PHE B 213 26.44 11.75 -10.48
C PHE B 213 24.94 11.75 -10.75
N VAL B 214 24.36 12.93 -10.95
CA VAL B 214 22.91 13.07 -10.93
C VAL B 214 22.32 13.43 -12.31
N SER B 215 23.12 13.98 -13.21
CA SER B 215 22.64 14.30 -14.55
C SER B 215 23.78 14.10 -15.54
N ILE B 216 23.41 13.77 -16.78
CA ILE B 216 24.39 13.43 -17.81
C ILE B 216 23.94 14.01 -19.14
N ALA B 217 24.91 14.51 -19.91
CA ALA B 217 24.68 14.95 -21.28
C ALA B 217 26.00 14.82 -22.01
N PHE B 218 25.92 14.55 -23.31
CA PHE B 218 27.11 14.39 -24.14
C PHE B 218 27.39 15.65 -24.93
N GLN B 219 28.64 16.13 -24.86
CA GLN B 219 29.09 17.26 -25.66
C GLN B 219 29.58 16.82 -27.03
N SER B 220 30.14 15.62 -27.12
CA SER B 220 30.53 15.02 -28.39
C SER B 220 30.48 13.50 -28.23
N HIS B 221 30.99 12.78 -29.24
CA HIS B 221 31.00 11.33 -29.16
C HIS B 221 31.81 10.86 -27.95
N ASN B 222 32.91 11.53 -27.65
CA ASN B 222 33.85 11.09 -26.62
C ASN B 222 33.81 11.90 -25.33
N ILE B 223 33.05 12.98 -25.26
CA ILE B 223 33.05 13.84 -24.07
C ILE B 223 31.66 13.81 -23.43
N VAL B 224 31.59 13.29 -22.21
CA VAL B 224 30.35 13.23 -21.44
C VAL B 224 30.41 14.30 -20.37
N ILE B 225 29.33 15.05 -20.21
CA ILE B 225 29.18 16.05 -19.17
C ILE B 225 28.33 15.46 -18.05
N VAL B 226 28.77 15.58 -16.80
CA VAL B 226 28.07 14.98 -15.68
C VAL B 226 27.82 16.06 -14.61
N GLY B 227 26.55 16.24 -14.26
CA GLY B 227 26.21 17.12 -13.14
C GLY B 227 26.29 16.36 -11.84
N CYS B 228 26.89 16.98 -10.83
CA CYS B 228 27.19 16.30 -9.57
C CYS B 228 26.47 16.97 -8.41
N SER B 229 26.60 16.36 -7.23
CA SER B 229 25.95 16.83 -6.01
C SER B 229 26.86 17.66 -5.13
N ASN B 230 28.10 17.91 -5.55
CA ASN B 230 29.08 18.63 -4.73
C ASN B 230 29.47 19.96 -5.38
N SER B 231 28.49 20.62 -5.99
CA SER B 231 28.67 21.92 -6.62
C SER B 231 29.63 21.87 -7.80
N THR B 232 29.74 20.71 -8.45
CA THR B 232 30.62 20.58 -9.61
C THR B 232 29.90 19.98 -10.80
N ILE B 233 30.37 20.36 -11.98
CA ILE B 233 30.10 19.69 -13.23
C ILE B 233 31.43 19.21 -13.80
N CYS B 234 31.47 17.96 -14.27
CA CYS B 234 32.71 17.36 -14.74
C CYS B 234 32.57 16.89 -16.18
N ALA B 235 33.63 17.09 -16.96
CA ALA B 235 33.75 16.58 -18.31
C ALA B 235 34.69 15.39 -18.33
N TYR B 236 34.22 14.27 -18.88
CA TYR B 236 34.98 13.03 -18.90
C TYR B 236 35.16 12.51 -20.32
N ASP B 237 36.31 11.89 -20.56
CA ASP B 237 36.56 11.15 -21.78
C ASP B 237 35.96 9.75 -21.65
N VAL B 238 35.07 9.39 -22.58
CA VAL B 238 34.36 8.12 -22.47
C VAL B 238 35.31 6.93 -22.63
N ARG B 239 36.34 7.07 -23.47
CA ARG B 239 37.25 5.96 -23.71
C ARG B 239 38.12 5.66 -22.49
N THR B 240 38.71 6.70 -21.90
CA THR B 240 39.67 6.51 -20.82
C THR B 240 39.04 6.57 -19.43
N GLY B 241 37.93 7.29 -19.28
CA GLY B 241 37.41 7.56 -17.96
C GLY B 241 38.13 8.70 -17.26
N THR B 242 39.03 9.38 -17.96
CA THR B 242 39.80 10.46 -17.39
C THR B 242 38.97 11.73 -17.32
N MSE B 243 39.03 12.41 -16.18
CA MSE B 243 38.38 13.70 -16.03
C MSE B 243 39.18 14.77 -16.77
O MSE B 243 40.35 15.00 -16.48
CB MSE B 243 38.24 14.06 -14.56
CG MSE B 243 37.21 15.15 -14.29
SE MSE B 243 37.41 15.83 -12.47
CE MSE B 243 38.91 17.04 -12.79
N LEU B 244 38.53 15.43 -17.73
CA LEU B 244 39.17 16.43 -18.56
C LEU B 244 39.07 17.84 -17.97
N ARG B 245 37.91 18.17 -17.40
CA ARG B 245 37.65 19.51 -16.88
C ARG B 245 36.75 19.38 -15.66
N GLN B 246 36.96 20.25 -14.67
CA GLN B 246 36.08 20.33 -13.50
C GLN B 246 35.59 21.75 -13.36
N MSE B 247 34.28 21.93 -13.49
CA MSE B 247 33.64 23.23 -13.28
C MSE B 247 33.01 23.26 -11.90
O MSE B 247 32.35 22.30 -11.50
CB MSE B 247 32.60 23.50 -14.35
CG MSE B 247 33.14 23.57 -15.77
SE MSE B 247 31.83 23.03 -17.11
CE MSE B 247 32.30 21.13 -17.25
N THR B 248 33.20 24.36 -11.16
CA THR B 248 32.71 24.49 -9.81
C THR B 248 31.71 25.64 -9.74
N LEU B 249 30.68 25.46 -8.92
CA LEU B 249 29.61 26.44 -8.77
C LEU B 249 29.65 27.08 -7.40
N GLY B 250 29.07 28.27 -7.31
CA GLY B 250 28.99 28.99 -6.05
C GLY B 250 30.28 29.71 -5.69
N SER B 257 27.68 27.14 -1.11
CA SER B 257 27.96 25.87 -0.48
C SER B 257 28.72 24.94 -1.41
N LYS B 258 29.07 23.86 -0.73
CA LYS B 258 29.74 22.62 -1.10
C LYS B 258 28.79 21.56 -1.62
N ASN B 259 27.50 21.80 -1.48
CA ASN B 259 26.44 20.83 -1.69
C ASN B 259 25.40 21.30 -2.70
N ILE B 260 25.81 22.08 -3.71
CA ILE B 260 24.90 22.45 -4.79
C ILE B 260 24.74 21.27 -5.72
N ILE B 261 23.51 20.85 -5.96
CA ILE B 261 23.21 19.69 -6.79
C ILE B 261 22.85 20.19 -8.19
N VAL B 262 23.52 19.65 -9.20
CA VAL B 262 23.30 20.06 -10.59
C VAL B 262 22.33 19.03 -11.19
N TRP B 263 21.03 19.27 -10.99
CA TRP B 263 20.01 18.31 -11.41
C TRP B 263 19.91 18.15 -12.92
N ALA B 264 20.43 19.10 -13.69
CA ALA B 264 20.22 19.08 -15.14
C ALA B 264 21.41 19.67 -15.87
N VAL B 265 21.86 18.98 -16.90
CA VAL B 265 22.85 19.49 -17.85
C VAL B 265 22.37 19.20 -19.26
N LYS B 266 22.58 20.17 -20.16
CA LYS B 266 22.33 20.01 -21.58
C LYS B 266 23.47 20.66 -22.34
N CYS B 267 23.66 20.24 -23.59
CA CYS B 267 24.63 20.85 -24.48
C CYS B 267 23.93 21.50 -25.66
N LEU B 268 24.30 22.74 -25.95
CA LEU B 268 23.80 23.43 -27.13
C LEU B 268 24.48 22.86 -28.37
N PRO B 269 23.88 23.08 -29.56
CA PRO B 269 24.52 22.62 -30.80
C PRO B 269 25.97 23.06 -30.95
N ASN B 270 26.34 24.24 -30.44
CA ASN B 270 27.71 24.72 -30.55
C ASN B 270 28.63 24.16 -29.49
N GLY B 271 28.15 23.27 -28.61
CA GLY B 271 28.96 22.71 -27.57
C GLY B 271 28.90 23.39 -26.22
N ASP B 272 28.28 24.56 -26.13
CA ASP B 272 28.10 25.19 -24.81
C ASP B 272 27.23 24.32 -23.92
N ILE B 273 27.49 24.39 -22.62
CA ILE B 273 26.79 23.59 -21.61
C ILE B 273 25.78 24.47 -20.90
N VAL B 274 24.55 23.99 -20.77
CA VAL B 274 23.52 24.62 -19.96
C VAL B 274 23.30 23.75 -18.73
N SER B 275 23.31 24.38 -17.55
CA SER B 275 23.10 23.66 -16.30
C SER B 275 21.94 24.26 -15.52
N GLY B 276 21.26 23.40 -14.75
CA GLY B 276 20.24 23.82 -13.81
C GLY B 276 20.53 23.20 -12.46
N ASP B 277 20.47 23.97 -11.37
CA ASP B 277 20.93 23.47 -10.08
C ASP B 277 19.93 23.76 -8.97
N SER B 278 20.25 23.19 -7.80
CA SER B 278 19.41 23.22 -6.62
C SER B 278 19.18 24.61 -6.03
N THR B 279 19.99 25.60 -6.41
CA THR B 279 19.77 26.95 -5.92
C THR B 279 18.83 27.75 -6.82
N GLY B 280 18.31 27.14 -7.88
CA GLY B 280 17.42 27.82 -8.78
C GLY B 280 18.09 28.54 -9.93
N GLN B 281 19.39 28.34 -10.12
CA GLN B 281 20.15 29.04 -11.15
C GLN B 281 20.27 28.19 -12.40
N VAL B 282 20.12 28.84 -13.55
CA VAL B 282 20.49 28.28 -14.85
C VAL B 282 21.79 28.94 -15.28
N CYS B 283 22.80 28.14 -15.57
CA CYS B 283 24.10 28.68 -15.96
C CYS B 283 24.44 28.28 -17.40
N ILE B 284 25.21 29.14 -18.05
CA ILE B 284 25.77 28.89 -19.37
C ILE B 284 27.28 28.72 -19.21
N TRP B 285 27.81 27.62 -19.74
CA TRP B 285 29.24 27.35 -19.70
C TRP B 285 29.79 27.31 -21.12
N ASP B 286 30.88 28.03 -21.35
CA ASP B 286 31.53 28.02 -22.65
C ASP B 286 32.06 26.62 -22.97
N GLY B 287 31.69 26.10 -24.13
CA GLY B 287 31.98 24.71 -24.46
C GLY B 287 33.46 24.43 -24.70
N LYS B 288 34.26 25.45 -24.96
CA LYS B 288 35.67 25.27 -25.28
C LYS B 288 36.58 25.52 -24.08
N THR B 289 36.29 26.54 -23.29
CA THR B 289 37.09 26.87 -22.11
C THR B 289 36.55 26.22 -20.84
N TYR B 290 35.29 25.79 -20.85
CA TYR B 290 34.65 25.17 -19.69
C TYR B 290 34.67 26.11 -18.49
N THR B 291 34.36 27.38 -18.75
CA THR B 291 34.27 28.40 -17.72
C THR B 291 32.85 28.95 -17.68
N GLN B 292 32.47 29.48 -16.52
CA GLN B 292 31.11 29.96 -16.30
C GLN B 292 30.94 31.30 -17.02
N ALA B 293 30.18 31.29 -18.11
CA ALA B 293 29.93 32.49 -18.88
C ALA B 293 28.75 33.32 -18.36
N GLN B 294 27.77 32.69 -17.72
CA GLN B 294 26.58 33.42 -17.32
C GLN B 294 25.86 32.68 -16.20
N ARG B 295 25.22 33.46 -15.34
CA ARG B 295 24.43 32.95 -14.21
C ARG B 295 23.08 33.67 -14.21
N ILE B 296 22.00 32.90 -14.24
CA ILE B 296 20.64 33.43 -14.24
C ILE B 296 19.89 32.83 -13.07
N GLN B 297 19.48 33.68 -12.12
CA GLN B 297 18.66 33.24 -10.99
C GLN B 297 17.21 33.20 -11.45
N SER B 298 16.84 32.08 -12.07
CA SER B 298 15.58 31.98 -12.79
C SER B 298 14.46 31.32 -11.97
N HIS B 299 14.79 30.40 -11.08
CA HIS B 299 13.80 29.73 -10.25
C HIS B 299 14.06 30.05 -8.78
N THR B 300 13.01 29.90 -7.96
CA THR B 300 13.14 30.11 -6.53
C THR B 300 13.39 28.83 -5.77
N GLN B 301 13.33 27.69 -6.45
CA GLN B 301 13.64 26.39 -5.86
C GLN B 301 14.49 25.63 -6.88
N ASP B 302 14.79 24.36 -6.59
CA ASP B 302 15.66 23.55 -7.44
C ASP B 302 15.20 23.58 -8.90
N VAL B 303 16.15 23.79 -9.80
CA VAL B 303 15.90 23.54 -11.22
C VAL B 303 16.08 22.04 -11.45
N LEU B 304 15.03 21.39 -11.97
CA LEU B 304 15.04 19.94 -12.12
C LEU B 304 15.28 19.47 -13.53
N CYS B 305 14.96 20.26 -14.55
CA CYS B 305 15.03 19.75 -15.91
C CYS B 305 15.23 20.89 -16.89
N LEU B 306 15.77 20.53 -18.06
CA LEU B 306 16.07 21.47 -19.12
C LEU B 306 15.65 20.89 -20.46
N SER B 307 15.34 21.76 -21.41
CA SER B 307 15.13 21.36 -22.79
C SER B 307 15.71 22.43 -23.71
N VAL B 308 16.28 21.98 -24.83
CA VAL B 308 16.90 22.87 -25.81
C VAL B 308 16.34 22.54 -27.18
N SER B 309 15.95 23.57 -27.94
CA SER B 309 15.47 23.37 -29.28
C SER B 309 16.60 22.90 -30.20
N ALA B 310 16.21 22.31 -31.34
CA ALA B 310 17.19 21.74 -32.25
C ALA B 310 18.13 22.80 -32.81
N ASP B 311 17.60 23.97 -33.14
CA ASP B 311 18.46 25.02 -33.68
C ASP B 311 19.22 25.80 -32.61
N GLY B 312 19.10 25.42 -31.34
CA GLY B 312 19.80 26.13 -30.29
C GLY B 312 19.32 27.53 -30.01
N SER B 313 18.15 27.92 -30.50
CA SER B 313 17.65 29.27 -30.28
C SER B 313 16.77 29.40 -29.04
N LYS B 314 16.35 28.29 -28.43
CA LYS B 314 15.47 28.37 -27.27
C LYS B 314 15.90 27.37 -26.20
N ILE B 315 15.84 27.80 -24.95
CA ILE B 315 16.09 26.96 -23.79
C ILE B 315 14.84 26.98 -22.90
N ILE B 316 14.48 25.83 -22.34
CA ILE B 316 13.35 25.71 -21.43
C ILE B 316 13.86 25.08 -20.14
N SER B 317 13.38 25.58 -19.00
CA SER B 317 13.75 25.04 -17.71
C SER B 317 12.52 24.82 -16.85
N GLY B 318 12.60 23.82 -15.98
CA GLY B 318 11.52 23.51 -15.06
C GLY B 318 12.02 23.26 -13.65
N GLY B 319 11.26 23.65 -12.63
CA GLY B 319 11.74 23.59 -11.28
C GLY B 319 10.71 23.10 -10.28
N MSE B 320 11.20 22.89 -9.06
CA MSE B 320 10.37 22.51 -7.91
C MSE B 320 9.42 23.63 -7.51
O MSE B 320 8.46 23.41 -6.77
CB MSE B 320 11.24 22.13 -6.72
CG MSE B 320 11.28 20.63 -6.42
SE MSE B 320 12.65 20.16 -5.08
CE MSE B 320 12.42 21.67 -3.86
N ASP B 321 9.69 24.85 -7.98
CA ASP B 321 8.80 25.98 -7.74
C ASP B 321 7.61 25.99 -8.68
N ARG B 322 7.39 24.91 -9.43
CA ARG B 322 6.25 24.70 -10.33
C ARG B 322 6.35 25.59 -11.56
N ARG B 323 7.46 26.30 -11.72
CA ARG B 323 7.64 27.29 -12.77
C ARG B 323 8.29 26.68 -14.02
N THR B 324 7.84 27.12 -15.19
CA THR B 324 8.50 26.84 -16.47
C THR B 324 9.02 28.16 -17.03
N ALA B 325 10.30 28.19 -17.40
CA ALA B 325 10.94 29.40 -17.91
C ALA B 325 11.45 29.19 -19.32
N VAL B 326 11.44 30.26 -20.11
CA VAL B 326 11.90 30.25 -21.50
C VAL B 326 13.01 31.30 -21.64
N TYR B 327 14.09 30.91 -22.33
CA TYR B 327 15.22 31.80 -22.56
C TYR B 327 15.53 31.87 -24.05
N GLU B 328 15.99 33.03 -24.49
CA GLU B 328 16.39 33.27 -25.87
C GLU B 328 17.72 33.99 -25.89
N PRO B 329 18.45 33.93 -27.00
CA PRO B 329 19.76 34.60 -27.06
C PRO B 329 19.62 36.10 -26.87
N MSE B 330 20.54 36.67 -26.11
CA MSE B 330 20.56 38.10 -25.86
C MSE B 330 20.84 38.85 -27.16
O MSE B 330 21.77 38.51 -27.89
CB MSE B 330 21.63 38.45 -24.81
CG MSE B 330 21.27 39.63 -23.93
SE MSE B 330 22.51 39.78 -22.42
CE MSE B 330 21.28 40.48 -21.09
N ALA B 331 20.03 39.87 -27.44
CA ALA B 331 20.21 40.67 -28.63
C ALA B 331 21.59 41.32 -28.63
N GLY B 332 22.26 41.23 -29.76
CA GLY B 332 23.61 41.78 -29.91
C GLY B 332 24.76 40.96 -29.36
N GLN B 333 24.66 40.53 -28.10
CA GLN B 333 25.74 39.81 -27.44
C GLN B 333 25.64 38.32 -27.80
N SER B 334 26.65 37.81 -28.49
CA SER B 334 26.63 36.44 -28.99
C SER B 334 26.99 35.44 -27.90
N GLY B 335 26.23 34.35 -27.81
CA GLY B 335 26.49 33.33 -26.82
C GLY B 335 25.99 33.65 -25.43
N ARG B 336 25.27 34.75 -25.26
CA ARG B 336 24.57 35.20 -24.07
C ARG B 336 23.08 34.94 -24.20
N TRP B 337 22.42 34.69 -23.06
CA TRP B 337 21.02 34.30 -23.02
C TRP B 337 20.19 35.25 -22.16
N SER B 338 18.93 35.43 -22.56
CA SER B 338 18.00 36.27 -21.82
C SER B 338 16.71 35.51 -21.51
N LYS B 339 16.29 35.58 -20.25
CA LYS B 339 15.03 34.96 -19.85
C LYS B 339 13.88 35.78 -20.44
N VAL B 340 13.06 35.14 -21.28
CA VAL B 340 11.98 35.86 -21.93
C VAL B 340 10.77 35.96 -21.02
N PHE B 341 10.37 34.84 -20.42
CA PHE B 341 9.25 34.85 -19.49
C PHE B 341 9.30 33.56 -18.66
N HIS B 342 8.54 33.55 -17.58
CA HIS B 342 8.21 32.30 -16.91
C HIS B 342 6.73 32.29 -16.56
N ARG B 343 6.20 31.09 -16.36
CA ARG B 343 4.79 30.88 -16.09
C ARG B 343 4.64 29.55 -15.37
N ARG B 344 3.65 29.48 -14.49
CA ARG B 344 3.28 28.23 -13.83
C ARG B 344 2.24 27.53 -14.71
N TYR B 345 2.66 26.45 -15.39
CA TYR B 345 1.73 25.62 -16.13
C TYR B 345 1.19 24.48 -15.28
N HIS B 346 2.05 23.84 -14.49
CA HIS B 346 1.70 22.67 -13.72
C HIS B 346 1.19 23.07 -12.34
N GLN B 347 0.47 22.14 -11.70
CA GLN B 347 -0.01 22.35 -10.34
C GLN B 347 1.06 22.04 -9.30
N HIS B 348 2.04 21.23 -9.66
CA HIS B 348 3.11 20.86 -8.74
CA HIS B 348 3.11 20.85 -8.73
C HIS B 348 4.44 21.05 -9.47
N ASP B 349 5.48 20.38 -8.99
CA ASP B 349 6.82 20.59 -9.54
C ASP B 349 6.92 20.09 -10.97
N VAL B 350 7.86 20.66 -11.70
CA VAL B 350 8.15 20.30 -13.09
C VAL B 350 9.38 19.41 -13.06
N LYS B 351 9.16 18.09 -13.22
CA LYS B 351 10.23 17.12 -13.02
C LYS B 351 10.98 16.77 -14.30
N ALA B 352 10.34 16.84 -15.46
CA ALA B 352 10.96 16.35 -16.68
C ALA B 352 10.35 17.05 -17.88
N MSE B 353 11.14 17.10 -18.96
CA MSE B 353 10.70 17.68 -20.22
C MSE B 353 11.60 17.24 -21.38
O MSE B 353 12.73 16.80 -21.17
CB MSE B 353 10.68 19.20 -20.14
CG MSE B 353 11.99 19.84 -19.68
SE MSE B 353 11.98 21.79 -19.73
CE MSE B 353 10.48 22.13 -18.53
N ALA B 354 11.06 17.33 -22.59
CA ALA B 354 11.80 16.94 -23.79
C ALA B 354 11.12 17.60 -25.00
N SER B 355 11.90 17.86 -26.03
CA SER B 355 11.42 18.54 -27.22
C SER B 355 11.35 17.59 -28.41
N PHE B 356 10.44 17.90 -29.34
CA PHE B 356 10.38 17.24 -30.63
C PHE B 356 10.13 18.29 -31.71
N GLU B 357 10.86 18.16 -32.82
CA GLU B 357 10.71 19.06 -33.95
C GLU B 357 10.76 18.26 -35.24
N GLY B 358 9.68 18.25 -36.00
CA GLY B 358 9.60 17.47 -37.22
C GLY B 358 8.20 17.39 -37.78
N LYS B 359 8.10 17.21 -39.10
CA LYS B 359 6.82 17.09 -39.79
C LYS B 359 5.89 18.26 -39.45
N GLY B 360 6.48 19.46 -39.37
CA GLY B 360 5.74 20.66 -39.06
C GLY B 360 5.52 20.91 -37.58
N MSE B 361 5.76 19.93 -36.73
CA MSE B 361 5.59 20.07 -35.29
C MSE B 361 6.84 20.62 -34.61
O MSE B 361 7.96 20.32 -35.00
CB MSE B 361 5.24 18.72 -34.66
CG MSE B 361 3.75 18.46 -34.45
SE MSE B 361 3.53 16.80 -33.47
CE MSE B 361 4.36 17.33 -31.79
N SER B 362 6.63 21.45 -33.57
CA SER B 362 7.75 22.00 -32.80
C SER B 362 7.24 22.26 -31.38
N VAL B 363 7.50 21.30 -30.48
CA VAL B 363 6.91 21.30 -29.14
C VAL B 363 7.94 20.89 -28.11
N VAL B 364 7.70 21.31 -26.87
CA VAL B 364 8.31 20.72 -25.69
C VAL B 364 7.18 20.19 -24.80
N VAL B 365 7.37 18.99 -24.27
CA VAL B 365 6.39 18.35 -23.39
C VAL B 365 7.00 18.29 -22.00
N SER B 366 6.29 18.82 -21.00
CA SER B 366 6.77 18.78 -19.63
C SER B 366 5.84 17.92 -18.77
N GLY B 367 6.37 17.48 -17.63
CA GLY B 367 5.61 16.64 -16.73
C GLY B 367 6.14 16.72 -15.32
N GLY B 368 5.26 16.38 -14.38
CA GLY B 368 5.62 16.41 -12.97
C GLY B 368 4.64 15.68 -12.08
N SER B 369 4.59 16.09 -10.81
CA SER B 369 3.76 15.42 -9.82
C SER B 369 2.26 15.56 -10.09
N ASP B 370 1.84 16.57 -10.86
CA ASP B 370 0.41 16.69 -11.15
C ASP B 370 -0.08 15.75 -12.24
N ALA B 371 0.81 14.92 -12.80
CA ALA B 371 0.48 13.78 -13.65
C ALA B 371 -0.02 14.14 -15.04
N SER B 372 -0.32 15.41 -15.29
CA SER B 372 -0.73 15.79 -16.64
C SER B 372 0.48 16.14 -17.50
N PRO B 373 0.63 15.53 -18.67
CA PRO B 373 1.60 16.05 -19.65
C PRO B 373 1.09 17.35 -20.23
N ILE B 374 1.99 18.32 -20.38
CA ILE B 374 1.64 19.62 -20.94
C ILE B 374 2.53 19.90 -22.14
N VAL B 375 1.90 20.31 -23.24
CA VAL B 375 2.58 20.51 -24.52
C VAL B 375 2.66 22.00 -24.80
N LEU B 376 3.88 22.51 -24.97
CA LEU B 376 4.09 23.90 -25.33
C LEU B 376 4.53 24.02 -26.78
N PRO B 377 3.92 24.91 -27.58
CA PRO B 377 4.38 25.12 -28.96
C PRO B 377 5.60 26.02 -28.99
N LEU B 378 6.75 25.46 -29.40
CA LEU B 378 8.00 26.19 -29.35
C LEU B 378 7.98 27.46 -30.18
N ARG B 379 7.20 27.52 -31.25
CA ARG B 379 7.22 28.67 -32.11
C ARG B 379 6.26 29.77 -31.67
N ALA B 380 5.53 29.56 -30.58
CA ALA B 380 4.61 30.57 -30.05
C ALA B 380 4.50 30.45 -28.54
N LEU B 381 5.63 30.34 -27.85
CA LEU B 381 5.62 30.09 -26.41
C LEU B 381 4.99 31.25 -25.64
N GLY B 382 4.25 30.90 -24.59
CA GLY B 382 3.66 31.88 -23.69
C GLY B 382 2.51 32.68 -24.25
N LYS B 383 1.88 32.20 -25.32
CA LYS B 383 0.78 32.92 -25.97
C LYS B 383 -0.56 32.18 -25.83
N GLU B 384 -0.72 31.40 -24.76
CA GLU B 384 -1.96 30.69 -24.47
C GLU B 384 -2.35 29.69 -25.56
N PHE B 385 -1.35 29.12 -26.23
CA PHE B 385 -1.56 28.04 -27.18
C PHE B 385 -1.12 26.69 -26.64
N HIS B 386 -0.74 26.64 -25.36
CA HIS B 386 -0.35 25.39 -24.74
C HIS B 386 -1.55 24.46 -24.59
N ARG B 387 -1.27 23.18 -24.42
CA ARG B 387 -2.31 22.19 -24.22
C ARG B 387 -1.97 21.30 -23.04
N THR B 388 -2.95 21.10 -22.17
CA THR B 388 -2.82 20.17 -21.04
C THR B 388 -3.47 18.86 -21.45
N LEU B 389 -2.66 17.81 -21.51
CA LEU B 389 -3.17 16.50 -21.91
C LEU B 389 -3.81 15.82 -20.70
N PRO B 390 -4.71 14.86 -20.94
CA PRO B 390 -5.43 14.25 -19.82
C PRO B 390 -4.50 13.53 -18.86
N HIS B 391 -4.85 13.58 -17.57
CA HIS B 391 -4.21 12.78 -16.55
C HIS B 391 -4.86 11.42 -16.37
N LEU B 392 -5.96 11.16 -17.05
CA LEU B 392 -6.65 9.88 -17.03
C LEU B 392 -6.28 9.06 -18.27
N PRO B 393 -6.17 7.74 -18.13
CA PRO B 393 -5.78 6.91 -19.28
C PRO B 393 -6.81 6.99 -20.40
N GLN B 394 -6.32 6.86 -21.63
CA GLN B 394 -7.21 6.82 -22.79
C GLN B 394 -8.24 5.70 -22.65
N HIS B 395 -7.81 4.54 -22.17
CA HIS B 395 -8.76 3.48 -21.84
C HIS B 395 -9.59 3.93 -20.65
N PRO B 396 -10.93 3.89 -20.74
CA PRO B 396 -11.77 4.32 -19.62
C PRO B 396 -11.37 3.77 -18.26
N THR B 397 -10.95 2.51 -18.19
CA THR B 397 -10.57 1.87 -16.93
C THR B 397 -11.72 1.87 -15.93
N VAL B 398 -12.95 1.93 -16.44
CA VAL B 398 -14.16 1.77 -15.67
C VAL B 398 -15.10 0.86 -16.47
N LEU B 399 -15.83 0.00 -15.76
CA LEU B 399 -16.77 -0.91 -16.37
C LEU B 399 -18.06 -0.92 -15.57
N SER B 400 -19.13 -1.44 -16.17
CA SER B 400 -20.33 -1.79 -15.44
C SER B 400 -20.74 -3.23 -15.73
N ALA B 401 -21.39 -3.83 -14.75
CA ALA B 401 -22.22 -5.02 -14.97
C ALA B 401 -23.67 -4.53 -14.97
N PRO B 402 -24.22 -4.21 -16.15
CA PRO B 402 -25.51 -3.48 -16.18
C PRO B 402 -26.64 -4.16 -15.45
N LYS B 403 -26.79 -5.48 -15.59
CA LYS B 403 -27.91 -6.15 -14.95
C LYS B 403 -27.76 -6.22 -13.44
N ALA B 404 -26.52 -6.27 -12.93
CA ALA B 404 -26.28 -6.25 -11.50
C ALA B 404 -26.20 -4.85 -10.93
N ARG B 405 -26.12 -3.82 -11.78
CA ARG B 405 -25.93 -2.43 -11.35
C ARG B 405 -24.62 -2.26 -10.58
N TYR B 406 -23.58 -2.96 -11.04
CA TYR B 406 -22.24 -2.82 -10.50
C TYR B 406 -21.45 -1.80 -11.30
N ILE B 407 -20.60 -1.03 -10.61
CA ILE B 407 -19.57 -0.21 -11.23
C ILE B 407 -18.22 -0.75 -10.80
N LEU B 408 -17.28 -0.80 -11.74
CA LEU B 408 -15.98 -1.43 -11.48
C LEU B 408 -14.87 -0.55 -12.03
N SER B 409 -13.77 -0.48 -11.28
CA SER B 409 -12.56 0.18 -11.73
C SER B 409 -11.37 -0.58 -11.17
N TRP B 410 -10.19 -0.30 -11.71
CA TRP B 410 -8.99 -0.95 -11.22
C TRP B 410 -7.79 -0.04 -11.40
N TRP B 411 -6.80 -0.21 -10.53
CA TRP B 411 -5.51 0.46 -10.64
C TRP B 411 -4.51 -0.30 -9.78
N GLU B 412 -3.24 -0.19 -10.17
CA GLU B 412 -2.18 -0.96 -9.52
C GLU B 412 -2.60 -2.43 -9.55
N ASN B 413 -2.72 -3.08 -8.41
CA ASN B 413 -3.11 -4.49 -8.39
C ASN B 413 -4.43 -4.74 -7.67
N GLU B 414 -5.34 -3.77 -7.67
CA GLU B 414 -6.60 -3.94 -6.96
C GLU B 414 -7.78 -3.56 -7.85
N ILE B 415 -8.81 -4.41 -7.85
CA ILE B 415 -10.09 -4.13 -8.50
C ILE B 415 -11.07 -3.73 -7.42
N ARG B 416 -11.78 -2.63 -7.63
CA ARG B 416 -12.82 -2.17 -6.73
C ARG B 416 -14.18 -2.22 -7.42
N ILE B 417 -15.20 -2.68 -6.69
CA ILE B 417 -16.53 -2.87 -7.23
C ILE B 417 -17.55 -2.19 -6.31
N TRP B 418 -18.43 -1.39 -6.90
CA TRP B 418 -19.51 -0.72 -6.18
C TRP B 418 -20.86 -1.17 -6.74
N HIS B 419 -21.89 -1.05 -5.91
CA HIS B 419 -23.25 -1.40 -6.28
C HIS B 419 -24.13 -0.16 -6.22
N LEU B 420 -24.79 0.16 -7.32
CA LEU B 420 -25.70 1.31 -7.40
C LEU B 420 -27.11 0.82 -7.08
N LEU B 421 -27.60 1.15 -5.88
CA LEU B 421 -28.86 0.60 -5.38
C LEU B 421 -30.07 1.05 -6.18
N ASN B 422 -31.06 0.16 -6.23
CA ASN B 422 -32.33 0.25 -6.98
C ASN B 422 -32.17 -0.22 -8.41
N ASN B 440 -27.69 4.81 -1.45
CA ASN B 440 -27.52 5.06 -2.88
C ASN B 440 -26.47 4.12 -3.47
N ARG B 441 -25.30 4.05 -2.85
CA ARG B 441 -24.21 3.20 -3.32
C ARG B 441 -23.70 2.36 -2.16
N LYS B 442 -23.18 1.18 -2.49
CA LYS B 442 -22.46 0.38 -1.51
C LYS B 442 -21.19 -0.19 -2.14
N PHE B 443 -20.11 -0.17 -1.37
CA PHE B 443 -18.83 -0.74 -1.79
C PHE B 443 -18.87 -2.25 -1.60
N LEU B 444 -18.85 -3.00 -2.71
CA LEU B 444 -19.00 -4.45 -2.63
C LEU B 444 -17.69 -5.19 -2.41
N ALA B 445 -16.62 -4.85 -3.12
CA ALA B 445 -15.46 -5.73 -3.07
C ALA B 445 -14.19 -5.02 -3.50
N GLN B 446 -13.09 -5.40 -2.85
CA GLN B 446 -11.73 -5.06 -3.25
C GLN B 446 -10.98 -6.36 -3.54
N VAL B 447 -10.71 -6.63 -4.81
CA VAL B 447 -10.11 -7.87 -5.29
C VAL B 447 -8.62 -7.68 -5.57
N LEU B 448 -7.79 -8.55 -5.04
CA LEU B 448 -6.36 -8.56 -5.37
C LEU B 448 -5.97 -9.51 -6.46
N ILE B 449 -5.20 -8.96 -7.41
CA ILE B 449 -4.57 -9.69 -8.47
C ILE B 449 -3.08 -9.61 -8.15
N LYS B 450 -2.51 -10.71 -7.66
CA LYS B 450 -1.09 -10.71 -7.31
C LYS B 450 -0.27 -10.75 -8.57
N GLY B 451 0.92 -10.21 -8.48
CA GLY B 451 1.83 -10.13 -9.61
C GLY B 451 2.90 -9.10 -9.41
N ALA B 452 4.01 -9.29 -10.13
CA ALA B 452 5.09 -8.30 -10.09
C ALA B 452 4.71 -7.01 -10.79
N SER B 453 3.69 -7.04 -11.65
CA SER B 453 3.25 -5.88 -12.41
C SER B 453 1.77 -5.57 -12.12
N HIS B 454 1.38 -4.34 -12.44
CA HIS B 454 -0.01 -3.90 -12.30
C HIS B 454 -0.96 -4.69 -13.20
N ILE B 455 -2.23 -4.65 -12.83
CA ILE B 455 -3.31 -5.14 -13.70
C ILE B 455 -3.26 -4.40 -15.03
N THR B 456 -3.36 -5.15 -16.13
CA THR B 456 -3.39 -4.53 -17.46
C THR B 456 -4.78 -4.41 -18.04
N SER B 457 -5.75 -5.16 -17.52
CA SER B 457 -7.08 -5.21 -18.14
C SER B 457 -8.01 -5.99 -17.23
N ALA B 458 -9.30 -5.69 -17.36
CA ALA B 458 -10.33 -6.40 -16.63
C ALA B 458 -11.60 -6.43 -17.45
N SER B 459 -12.46 -7.39 -17.14
CA SER B 459 -13.73 -7.55 -17.81
C SER B 459 -14.68 -8.22 -16.82
N ILE B 460 -15.93 -7.76 -16.81
CA ILE B 460 -16.97 -8.37 -15.97
C ILE B 460 -18.20 -8.66 -16.83
N SER B 461 -18.84 -9.78 -16.54
CA SER B 461 -20.07 -10.16 -17.22
C SER B 461 -21.21 -9.19 -16.88
N GLU B 462 -22.21 -9.18 -17.75
CA GLU B 462 -23.34 -8.26 -17.59
C GLU B 462 -24.09 -8.51 -16.29
N ASP B 463 -24.16 -9.76 -15.82
CA ASP B 463 -24.87 -10.06 -14.58
C ASP B 463 -23.97 -9.99 -13.34
N GLY B 464 -22.71 -9.62 -13.51
CA GLY B 464 -21.82 -9.42 -12.39
C GLY B 464 -21.31 -10.67 -11.70
N THR B 465 -21.53 -11.86 -12.26
CA THR B 465 -21.11 -13.08 -11.61
C THR B 465 -19.75 -13.59 -12.07
N LEU B 466 -19.28 -13.17 -13.24
CA LEU B 466 -18.00 -13.64 -13.78
C LEU B 466 -17.07 -12.46 -14.03
N LEU B 467 -15.87 -12.53 -13.44
CA LEU B 467 -14.89 -11.45 -13.51
C LEU B 467 -13.55 -11.99 -13.99
N ALA B 468 -12.92 -11.26 -14.91
CA ALA B 468 -11.61 -11.61 -15.44
C ALA B 468 -10.67 -10.42 -15.33
N ALA B 469 -9.40 -10.69 -15.03
CA ALA B 469 -8.38 -9.65 -14.95
C ALA B 469 -7.05 -10.24 -15.38
N SER B 470 -6.19 -9.39 -15.96
CA SER B 470 -4.91 -9.86 -16.47
C SER B 470 -3.75 -9.00 -15.95
N THR B 471 -2.56 -9.61 -15.95
CA THR B 471 -1.26 -9.01 -15.75
C THR B 471 -0.37 -9.53 -16.87
N PRO B 472 0.90 -9.11 -16.98
CA PRO B 472 1.79 -9.70 -18.01
C PRO B 472 2.11 -11.16 -17.76
N THR B 473 1.79 -11.73 -16.59
CA THR B 473 2.09 -13.12 -16.31
C THR B 473 0.87 -14.01 -16.06
N ASP B 474 -0.32 -13.44 -15.90
CA ASP B 474 -1.48 -14.24 -15.53
C ASP B 474 -2.74 -13.69 -16.18
N VAL B 475 -3.66 -14.59 -16.47
CA VAL B 475 -5.06 -14.27 -16.73
C VAL B 475 -5.88 -14.94 -15.62
N LYS B 476 -6.51 -14.12 -14.78
CA LYS B 476 -7.24 -14.60 -13.62
C LYS B 476 -8.75 -14.47 -13.85
N VAL B 477 -9.50 -15.46 -13.36
CA VAL B 477 -10.96 -15.48 -13.49
C VAL B 477 -11.57 -15.75 -12.13
N PHE B 478 -12.68 -15.06 -11.83
CA PHE B 478 -13.32 -15.13 -10.53
C PHE B 478 -14.82 -15.31 -10.67
N HIS B 479 -15.42 -15.90 -9.64
CA HIS B 479 -16.86 -16.14 -9.57
C HIS B 479 -17.44 -15.33 -8.41
N LEU B 480 -18.40 -14.46 -8.72
CA LEU B 480 -19.00 -13.58 -7.73
C LEU B 480 -20.43 -14.01 -7.43
N ASP B 481 -20.75 -14.14 -6.14
CA ASP B 481 -22.09 -14.48 -5.68
C ASP B 481 -22.57 -13.36 -4.78
N PRO B 482 -23.62 -12.61 -5.16
CA PRO B 482 -24.07 -11.50 -4.32
C PRO B 482 -24.52 -11.91 -2.92
N ALA B 483 -24.82 -13.18 -2.70
CA ALA B 483 -25.18 -13.67 -1.38
C ALA B 483 -23.98 -14.07 -0.52
N ALA B 484 -22.79 -14.21 -1.12
CA ALA B 484 -21.62 -14.70 -0.40
C ALA B 484 -20.90 -13.50 0.21
N ALA B 485 -21.16 -13.26 1.49
CA ALA B 485 -20.59 -12.12 2.20
C ALA B 485 -19.58 -12.59 3.25
N GLN B 486 -18.71 -11.67 3.63
CA GLN B 486 -17.71 -11.87 4.67
C GLN B 486 -17.97 -10.93 5.83
N ARG B 487 -17.24 -11.14 6.92
CA ARG B 487 -17.43 -10.30 8.10
C ARG B 487 -17.03 -8.85 7.84
N ASN B 488 -16.07 -8.62 6.95
CA ASN B 488 -15.64 -7.25 6.64
C ASN B 488 -16.65 -6.51 5.76
N GLY B 489 -17.80 -7.12 5.45
CA GLY B 489 -18.83 -6.51 4.66
C GLY B 489 -18.75 -6.79 3.18
N GLN B 490 -17.54 -7.05 2.67
CA GLN B 490 -17.34 -7.28 1.24
C GLN B 490 -17.80 -8.68 0.83
N LEU B 491 -18.01 -8.83 -0.48
CA LEU B 491 -18.36 -10.14 -1.03
C LEU B 491 -17.17 -11.09 -0.99
N TYR B 492 -17.48 -12.39 -0.84
CA TYR B 492 -16.49 -13.44 -0.98
C TYR B 492 -16.33 -13.79 -2.45
N ILE B 493 -15.09 -13.69 -2.95
CA ILE B 493 -14.78 -13.91 -4.36
C ILE B 493 -14.11 -15.27 -4.49
N LYS B 494 -14.66 -16.14 -5.33
CA LYS B 494 -14.09 -17.47 -5.54
C LYS B 494 -13.26 -17.49 -6.82
N LYS B 495 -12.07 -18.08 -6.73
CA LYS B 495 -11.21 -18.24 -7.89
C LYS B 495 -11.78 -19.31 -8.82
N VAL B 496 -11.65 -19.09 -10.12
CA VAL B 496 -12.02 -20.07 -11.13
C VAL B 496 -10.73 -20.49 -11.82
N ASN B 497 -10.42 -21.78 -11.76
CA ASN B 497 -9.14 -22.28 -12.27
C ASN B 497 -8.99 -21.98 -13.75
N MSE B 498 -7.83 -21.45 -14.11
CA MSE B 498 -7.49 -21.25 -15.51
C MSE B 498 -6.03 -21.59 -15.75
O MSE B 498 -5.14 -21.10 -15.05
CB MSE B 498 -7.78 -19.82 -15.95
CG MSE B 498 -8.10 -19.72 -17.42
SE MSE B 498 -8.34 -17.90 -18.05
CE MSE B 498 -8.76 -18.32 -19.89
N THR B 499 -5.79 -22.44 -16.75
CA THR B 499 -4.44 -22.76 -17.17
C THR B 499 -4.09 -21.96 -18.40
N GLY B 500 -2.83 -21.58 -18.51
CA GLY B 500 -2.39 -20.85 -19.67
C GLY B 500 -0.89 -20.80 -19.71
N THR B 501 -0.37 -20.01 -20.65
CA THR B 501 1.05 -19.75 -20.67
C THR B 501 1.39 -18.86 -19.48
N GLY B 502 2.66 -18.57 -19.30
CA GLY B 502 3.02 -17.62 -18.28
C GLY B 502 3.05 -16.21 -18.80
N LEU B 503 2.51 -15.99 -20.00
CA LEU B 503 2.65 -14.73 -20.73
C LEU B 503 1.50 -13.75 -20.54
N GLY B 504 0.50 -14.06 -19.72
CA GLY B 504 -0.52 -13.09 -19.33
C GLY B 504 -1.29 -12.51 -20.50
N ALA B 505 -1.74 -11.27 -20.32
CA ALA B 505 -2.49 -10.57 -21.37
C ALA B 505 -2.34 -9.06 -21.21
N THR B 506 -2.63 -8.35 -22.31
CA THR B 506 -2.74 -6.90 -22.33
C THR B 506 -4.17 -6.41 -22.46
N ARG B 507 -5.08 -7.28 -22.91
CA ARG B 507 -6.49 -6.94 -23.07
C ARG B 507 -7.30 -8.23 -22.85
N VAL B 508 -8.43 -8.12 -22.16
CA VAL B 508 -9.28 -9.27 -21.86
C VAL B 508 -10.74 -8.88 -22.01
N GLN B 509 -11.56 -9.81 -22.51
CA GLN B 509 -12.98 -9.52 -22.77
C GLN B 509 -13.82 -10.77 -22.62
N ILE B 510 -14.83 -10.69 -21.75
CA ILE B 510 -15.84 -11.75 -21.60
C ILE B 510 -16.97 -11.52 -22.61
N SER B 511 -17.41 -12.60 -23.26
CA SER B 511 -18.52 -12.52 -24.19
C SER B 511 -19.83 -12.21 -23.46
N PRO B 512 -20.80 -11.62 -24.17
CA PRO B 512 -22.07 -11.27 -23.50
C PRO B 512 -22.80 -12.46 -22.87
N ASP B 513 -22.75 -13.63 -23.49
CA ASP B 513 -23.42 -14.81 -22.95
C ASP B 513 -22.58 -15.57 -21.93
N LYS B 514 -21.45 -15.01 -21.50
CA LYS B 514 -20.54 -15.58 -20.50
C LYS B 514 -19.91 -16.90 -20.93
N ARG B 515 -19.97 -17.25 -22.22
CA ARG B 515 -19.43 -18.53 -22.64
C ARG B 515 -17.98 -18.46 -23.11
N TRP B 516 -17.45 -17.27 -23.37
CA TRP B 516 -16.10 -17.14 -23.92
C TRP B 516 -15.35 -16.01 -23.23
N ILE B 517 -14.06 -16.23 -23.05
CA ILE B 517 -13.11 -15.20 -22.66
C ILE B 517 -12.07 -15.09 -23.77
N CYS B 518 -11.98 -13.91 -24.37
CA CYS B 518 -10.97 -13.63 -25.39
C CYS B 518 -9.96 -12.63 -24.83
N TRP B 519 -8.68 -12.89 -25.06
CA TRP B 519 -7.67 -11.95 -24.60
C TRP B 519 -6.55 -11.82 -25.63
N ALA B 520 -5.80 -10.73 -25.50
CA ALA B 520 -4.62 -10.46 -26.32
C ALA B 520 -3.38 -10.78 -25.49
N GLU B 521 -2.66 -11.82 -25.87
CA GLU B 521 -1.44 -12.22 -25.18
C GLU B 521 -0.28 -11.41 -25.75
N GLU B 522 0.37 -10.63 -24.90
CA GLU B 522 1.51 -9.79 -25.29
C GLU B 522 1.15 -8.93 -26.50
N GLY B 523 -0.07 -8.44 -26.53
CA GLY B 523 -0.53 -7.54 -27.58
C GLY B 523 -0.97 -8.11 -28.92
N SER B 524 -0.13 -8.95 -29.53
CA SER B 524 -0.35 -9.38 -30.92
C SER B 524 -1.04 -10.73 -31.07
N LYS B 525 -1.07 -11.56 -30.03
CA LYS B 525 -1.62 -12.91 -30.12
C LYS B 525 -3.03 -12.96 -29.54
N VAL B 526 -4.00 -13.39 -30.34
CA VAL B 526 -5.40 -13.47 -29.92
C VAL B 526 -5.68 -14.87 -29.39
N MSE B 527 -6.12 -14.94 -28.13
CA MSE B 527 -6.49 -16.20 -27.49
C MSE B 527 -7.96 -16.23 -27.09
O MSE B 527 -8.57 -15.18 -26.89
CB MSE B 527 -5.63 -16.46 -26.26
CG MSE B 527 -4.13 -16.30 -26.46
SE MSE B 527 -3.37 -17.82 -27.40
CE MSE B 527 -2.79 -16.88 -29.00
N ILE B 528 -8.55 -17.42 -26.94
CA ILE B 528 -9.93 -17.54 -26.50
C ILE B 528 -10.11 -18.87 -25.77
N SER B 529 -10.90 -18.83 -24.70
CA SER B 529 -11.26 -20.02 -23.93
C SER B 529 -12.77 -20.12 -23.80
N ARG B 530 -13.26 -21.36 -23.78
CA ARG B 530 -14.66 -21.64 -23.50
C ARG B 530 -14.88 -21.64 -22.00
N VAL B 531 -15.91 -20.95 -21.54
CA VAL B 531 -16.32 -20.96 -20.14
C VAL B 531 -17.50 -21.91 -20.04
N HIS B 532 -17.33 -23.01 -19.31
CA HIS B 532 -18.38 -24.01 -19.16
C HIS B 532 -19.14 -23.77 -17.87
N ALA B 533 -20.46 -23.65 -17.99
CA ALA B 533 -21.34 -23.49 -16.84
C ALA B 533 -22.01 -24.82 -16.53
N THR B 534 -21.85 -25.29 -15.31
CA THR B 534 -22.42 -26.53 -14.80
C THR B 534 -23.44 -26.16 -13.74
N GLU B 535 -24.60 -26.81 -13.77
CA GLU B 535 -25.64 -26.38 -12.85
C GLU B 535 -25.79 -27.48 -11.80
N SER B 536 -26.20 -27.13 -10.59
CA SER B 536 -26.46 -28.15 -9.57
C SER B 536 -27.49 -27.59 -8.61
N ALA B 537 -27.73 -28.29 -7.50
CA ALA B 537 -28.73 -27.82 -6.55
C ALA B 537 -28.34 -26.46 -5.97
N ASP B 538 -27.05 -26.22 -5.74
CA ASP B 538 -26.61 -24.94 -5.21
C ASP B 538 -26.59 -23.83 -6.25
N GLY B 539 -26.71 -24.16 -7.53
CA GLY B 539 -26.62 -23.18 -8.59
C GLY B 539 -25.51 -23.49 -9.57
N ILE B 540 -24.93 -22.42 -10.14
CA ILE B 540 -23.94 -22.50 -11.20
C ILE B 540 -22.53 -22.45 -10.62
N SER B 541 -21.65 -23.30 -11.16
CA SER B 541 -20.20 -23.20 -10.95
C SER B 541 -19.51 -23.33 -12.31
N TYR B 542 -18.39 -22.61 -12.45
CA TYR B 542 -17.72 -22.42 -13.73
C TYR B 542 -16.39 -23.14 -13.81
N THR B 543 -16.06 -23.61 -15.02
CA THR B 543 -14.71 -24.05 -15.38
C THR B 543 -14.34 -23.43 -16.73
N VAL B 544 -13.05 -23.39 -17.01
CA VAL B 544 -12.52 -22.73 -18.20
C VAL B 544 -11.62 -23.71 -18.95
N SER B 545 -11.78 -23.75 -20.27
CA SER B 545 -10.97 -24.62 -21.12
C SER B 545 -9.55 -24.07 -21.28
N VAL B 546 -8.68 -24.89 -21.85
CA VAL B 546 -7.32 -24.46 -22.19
C VAL B 546 -7.41 -23.42 -23.29
N PRO B 547 -6.47 -22.48 -23.37
CA PRO B 547 -6.54 -21.47 -24.43
C PRO B 547 -6.45 -22.09 -25.82
N HIS B 548 -7.23 -21.53 -26.73
CA HIS B 548 -7.10 -21.81 -28.16
C HIS B 548 -6.64 -20.55 -28.88
N LYS B 549 -5.78 -20.73 -29.88
CA LYS B 549 -5.24 -19.59 -30.62
C LYS B 549 -6.16 -19.28 -31.79
N LEU B 550 -6.50 -18.01 -31.93
CA LEU B 550 -7.25 -17.53 -33.09
C LEU B 550 -6.29 -16.76 -33.97
N HIS B 551 -6.17 -17.19 -35.22
CA HIS B 551 -5.16 -16.65 -36.12
C HIS B 551 -5.74 -15.46 -36.87
N ARG B 552 -4.96 -14.38 -36.89
CA ARG B 552 -5.29 -13.15 -37.59
C ARG B 552 -4.85 -13.27 -39.04
N LEU B 553 -5.45 -12.45 -39.90
CA LEU B 553 -5.02 -12.42 -41.28
C LEU B 553 -3.57 -11.96 -41.38
N ARG B 554 -2.82 -12.58 -42.28
CA ARG B 554 -1.53 -12.03 -42.66
C ARG B 554 -1.74 -10.76 -43.46
N ARG B 555 -1.02 -9.71 -43.12
CA ARG B 555 -1.10 -8.47 -43.86
C ARG B 555 0.16 -8.28 -44.69
N GLN B 556 -0.02 -7.63 -45.85
CA GLN B 556 1.06 -7.42 -46.81
C GLN B 556 1.70 -6.08 -46.49
N ILE B 557 2.83 -6.14 -45.78
CA ILE B 557 3.53 -4.96 -45.32
C ILE B 557 4.94 -5.01 -45.90
N PRO B 558 5.37 -4.01 -46.66
CA PRO B 558 6.72 -4.05 -47.24
C PRO B 558 7.76 -4.28 -46.13
N LYS B 559 8.74 -5.13 -46.41
CA LYS B 559 9.64 -5.57 -45.36
C LYS B 559 10.63 -4.49 -44.92
N HIS B 560 10.89 -3.48 -45.75
CA HIS B 560 11.71 -2.37 -45.26
C HIS B 560 10.95 -1.54 -44.23
N ILE B 561 9.62 -1.61 -44.25
CA ILE B 561 8.82 -0.98 -43.20
C ILE B 561 8.82 -1.86 -41.95
N LEU B 562 8.69 -3.17 -42.13
CA LEU B 562 8.67 -4.09 -40.99
C LEU B 562 10.00 -4.09 -40.24
N LEU B 563 11.11 -3.86 -40.93
CA LEU B 563 12.42 -3.96 -40.30
C LEU B 563 12.86 -2.66 -39.64
N GLY B 564 12.14 -1.57 -39.84
CA GLY B 564 12.52 -0.29 -39.29
C GLY B 564 11.59 0.18 -38.19
N GLY B 565 11.94 1.34 -37.64
CA GLY B 565 11.16 2.00 -36.61
C GLY B 565 10.83 1.11 -35.42
N LEU B 566 9.54 0.92 -35.17
CA LEU B 566 9.06 0.19 -34.01
C LEU B 566 8.71 -1.26 -34.34
N GLY B 567 9.10 -1.74 -35.52
CA GLY B 567 8.84 -3.13 -35.87
C GLY B 567 7.36 -3.39 -36.00
N SER B 568 6.88 -4.41 -35.28
CA SER B 568 5.46 -4.77 -35.28
C SER B 568 4.75 -4.26 -34.04
N TYR B 569 5.30 -3.24 -33.39
CA TYR B 569 4.64 -2.62 -32.23
C TYR B 569 3.20 -2.27 -32.53
N ASP B 570 2.92 -1.75 -33.72
CA ASP B 570 1.57 -1.28 -34.04
C ASP B 570 0.60 -2.41 -34.35
N ARG B 571 1.01 -3.67 -34.24
CA ARG B 571 0.09 -4.79 -34.33
C ARG B 571 -0.53 -5.12 -32.98
N ASN B 572 -0.25 -4.30 -31.96
CA ASN B 572 -0.86 -4.44 -30.64
C ASN B 572 -2.37 -4.29 -30.73
N VAL B 573 -3.09 -5.30 -30.22
CA VAL B 573 -4.54 -5.31 -30.29
C VAL B 573 -5.11 -4.30 -29.29
N SER B 574 -5.85 -3.31 -29.80
CA SER B 574 -6.40 -2.24 -28.97
C SER B 574 -7.83 -2.46 -28.55
N GLN B 575 -8.62 -3.24 -29.29
CA GLN B 575 -9.99 -3.53 -28.90
C GLN B 575 -10.35 -4.97 -29.21
N ILE B 576 -11.20 -5.52 -28.34
CA ILE B 576 -11.80 -6.84 -28.53
C ILE B 576 -13.30 -6.66 -28.36
N ALA B 577 -14.07 -7.07 -29.36
CA ALA B 577 -15.50 -6.80 -29.35
C ALA B 577 -16.28 -8.03 -29.80
N PHE B 578 -17.24 -8.44 -28.98
CA PHE B 578 -18.22 -9.45 -29.35
C PHE B 578 -19.51 -8.79 -29.82
N SER B 579 -20.20 -9.46 -30.73
CA SER B 579 -21.55 -9.02 -31.10
C SER B 579 -22.53 -9.41 -29.99
N ALA B 580 -23.71 -8.78 -30.03
CA ALA B 580 -24.67 -8.93 -28.95
C ALA B 580 -25.18 -10.37 -28.82
N ASP B 581 -25.22 -11.12 -29.93
CA ASP B 581 -25.64 -12.51 -29.86
C ASP B 581 -24.50 -13.46 -29.56
N SER B 582 -23.29 -12.93 -29.32
CA SER B 582 -22.10 -13.74 -29.03
C SER B 582 -21.77 -14.70 -30.15
N ARG B 583 -22.14 -14.36 -31.39
CA ARG B 583 -21.85 -15.22 -32.53
C ARG B 583 -20.79 -14.63 -33.45
N MSE B 584 -20.34 -13.41 -33.19
CA MSE B 584 -19.27 -12.79 -33.96
C MSE B 584 -18.22 -12.18 -33.03
O MSE B 584 -18.55 -11.65 -31.97
CB MSE B 584 -19.81 -11.73 -34.91
CG MSE B 584 -20.35 -12.28 -36.22
SE MSE B 584 -19.97 -11.11 -37.73
CE MSE B 584 -18.03 -11.32 -37.80
N LEU B 585 -16.96 -12.25 -33.45
CA LEU B 585 -15.85 -11.68 -32.68
C LEU B 585 -14.99 -10.83 -33.60
N SER B 586 -14.56 -9.67 -33.11
CA SER B 586 -13.71 -8.77 -33.87
C SER B 586 -12.64 -8.17 -32.97
N VAL B 587 -11.44 -8.00 -33.53
CA VAL B 587 -10.36 -7.25 -32.88
C VAL B 587 -9.79 -6.25 -33.87
N ALA B 588 -9.18 -5.20 -33.32
CA ALA B 588 -8.47 -4.21 -34.12
C ALA B 588 -7.19 -3.81 -33.41
N ASP B 589 -6.18 -3.42 -34.18
CA ASP B 589 -4.88 -3.04 -33.63
C ASP B 589 -4.55 -1.59 -33.97
N LEU B 590 -3.41 -1.14 -33.46
CA LEU B 590 -2.99 0.25 -33.64
C LEU B 590 -2.81 0.59 -35.12
N ALA B 591 -2.29 -0.35 -35.91
CA ALA B 591 -2.05 -0.09 -37.32
C ALA B 591 -3.34 0.05 -38.12
N GLY B 592 -4.48 -0.37 -37.57
CA GLY B 592 -5.74 -0.20 -38.22
C GLY B 592 -6.32 -1.43 -38.89
N TYR B 593 -5.76 -2.61 -38.63
CA TYR B 593 -6.27 -3.85 -39.21
C TYR B 593 -7.40 -4.39 -38.35
N ILE B 594 -8.48 -4.79 -39.01
CA ILE B 594 -9.67 -5.33 -38.35
C ILE B 594 -9.78 -6.81 -38.71
N ASP B 595 -9.76 -7.67 -37.70
CA ASP B 595 -9.95 -9.09 -37.90
C ASP B 595 -11.29 -9.53 -37.32
N THR B 596 -11.90 -10.53 -37.94
CA THR B 596 -13.25 -10.95 -37.61
C THR B 596 -13.36 -12.47 -37.63
N TRP B 597 -14.10 -13.01 -36.67
CA TRP B 597 -14.39 -14.44 -36.60
C TRP B 597 -15.90 -14.65 -36.45
N VAL B 598 -16.35 -15.83 -36.87
CA VAL B 598 -17.75 -16.23 -36.76
C VAL B 598 -17.84 -17.52 -35.95
N LEU B 599 -18.92 -17.65 -35.18
CA LEU B 599 -19.14 -18.84 -34.37
C LEU B 599 -19.88 -19.88 -35.20
N ARG B 600 -19.26 -21.05 -35.36
CA ARG B 600 -19.78 -22.17 -36.12
C ARG B 600 -20.23 -23.32 -35.22
N GLY B 601 -21.21 -24.07 -35.71
CA GLY B 601 -21.49 -25.39 -35.19
C GLY B 601 -22.89 -25.61 -34.66
N PRO B 602 -23.30 -26.89 -34.65
CA PRO B 602 -24.59 -27.38 -34.13
C PRO B 602 -24.64 -27.43 -32.61
N GLY B 635 -19.15 -28.81 -29.64
CA GLY B 635 -19.44 -28.86 -31.06
C GLY B 635 -19.37 -27.51 -31.74
N GLU B 636 -19.13 -26.47 -30.96
CA GLU B 636 -19.02 -25.12 -31.49
C GLU B 636 -17.55 -24.73 -31.63
N ARG B 637 -17.26 -23.93 -32.66
CA ARG B 637 -15.91 -23.51 -32.95
C ARG B 637 -15.94 -22.14 -33.63
N TRP B 638 -14.97 -21.31 -33.26
CA TRP B 638 -14.78 -20.03 -33.93
C TRP B 638 -14.01 -20.24 -35.23
N ALA B 639 -14.52 -19.66 -36.32
CA ALA B 639 -13.92 -19.78 -37.62
C ALA B 639 -13.69 -18.39 -38.19
N ARG B 640 -12.71 -18.28 -39.07
CA ARG B 640 -12.45 -17.00 -39.71
C ARG B 640 -13.67 -16.54 -40.50
N ASN B 641 -14.02 -15.27 -40.32
CA ASN B 641 -15.07 -14.67 -41.13
C ASN B 641 -14.68 -14.76 -42.59
N PRO B 642 -15.45 -15.46 -43.43
CA PRO B 642 -15.00 -15.72 -44.82
C PRO B 642 -14.58 -14.47 -45.59
N LYS B 643 -15.32 -13.37 -45.47
CA LYS B 643 -14.99 -12.13 -46.18
C LYS B 643 -14.16 -11.17 -45.33
N ALA B 644 -13.48 -11.67 -44.30
CA ALA B 644 -12.70 -10.82 -43.41
C ALA B 644 -11.70 -9.96 -44.17
N ALA B 645 -10.99 -10.56 -45.14
CA ALA B 645 -9.93 -9.83 -45.84
C ALA B 645 -10.46 -8.66 -46.65
N MSE B 646 -11.76 -8.60 -46.91
CA MSE B 646 -12.34 -7.51 -47.69
C MSE B 646 -12.51 -6.24 -46.87
O MSE B 646 -12.64 -5.15 -47.43
CB MSE B 646 -13.68 -7.92 -48.28
CG MSE B 646 -13.57 -8.76 -49.54
SE MSE B 646 -15.34 -9.26 -50.21
CE MSE B 646 -16.13 -7.48 -50.26
N ILE B 647 -12.54 -6.37 -45.55
CA ILE B 647 -12.67 -5.19 -44.69
C ILE B 647 -11.42 -4.33 -44.83
N PRO B 648 -11.54 -3.06 -45.16
CA PRO B 648 -10.36 -2.22 -45.39
C PRO B 648 -9.54 -2.01 -44.12
N LYS B 649 -8.30 -1.57 -44.34
CA LYS B 649 -7.46 -1.12 -43.25
C LYS B 649 -7.82 0.32 -42.89
N LEU B 650 -7.88 0.59 -41.59
CA LEU B 650 -8.17 1.95 -41.15
C LEU B 650 -6.96 2.84 -41.36
N SER B 651 -7.22 4.10 -41.71
CA SER B 651 -6.15 5.07 -41.93
C SER B 651 -5.70 5.74 -40.64
N ALA B 652 -6.26 5.34 -39.51
CA ALA B 652 -5.88 5.86 -38.20
C ALA B 652 -6.30 4.86 -37.15
N ALA B 653 -5.68 4.95 -35.97
CA ALA B 653 -5.88 3.95 -34.94
C ALA B 653 -7.33 3.96 -34.46
N PRO B 654 -7.93 2.79 -34.21
CA PRO B 654 -9.31 2.74 -33.71
C PRO B 654 -9.37 3.00 -32.21
N VAL B 655 -10.22 3.95 -31.83
CA VAL B 655 -10.48 4.21 -30.41
C VAL B 655 -11.76 3.53 -29.93
N VAL B 656 -12.68 3.20 -30.84
CA VAL B 656 -13.89 2.46 -30.52
C VAL B 656 -14.08 1.36 -31.56
N LEU B 657 -14.43 0.17 -31.10
CA LEU B 657 -14.80 -0.95 -31.95
C LEU B 657 -15.98 -1.62 -31.27
N SER B 658 -17.17 -1.54 -31.87
CA SER B 658 -18.38 -1.88 -31.16
C SER B 658 -19.45 -2.38 -32.11
N PHE B 659 -20.00 -3.56 -31.82
CA PHE B 659 -21.15 -4.08 -32.55
C PHE B 659 -22.42 -3.38 -32.10
N SER B 660 -23.21 -2.90 -33.06
CA SER B 660 -24.54 -2.40 -32.76
C SER B 660 -25.40 -3.51 -32.18
N PRO B 661 -26.15 -3.26 -31.10
CA PRO B 661 -27.03 -4.30 -30.54
C PRO B 661 -28.31 -4.52 -31.34
N THR B 662 -28.58 -3.71 -32.35
CA THR B 662 -29.83 -3.80 -33.11
C THR B 662 -29.66 -4.75 -34.29
N PRO B 663 -30.48 -5.80 -34.41
CA PRO B 663 -30.37 -6.70 -35.57
C PRO B 663 -30.66 -5.98 -36.88
N ARG B 664 -30.01 -6.46 -37.94
CA ARG B 664 -30.25 -6.01 -39.31
C ARG B 664 -31.22 -6.95 -40.03
N ASP B 665 -32.02 -6.37 -40.93
CA ASP B 665 -32.95 -7.18 -41.73
C ASP B 665 -32.20 -8.22 -42.57
N ASP B 666 -31.04 -7.85 -43.12
CA ASP B 666 -30.30 -8.74 -44.00
C ASP B 666 -29.47 -9.78 -43.23
N GLY B 667 -29.61 -9.85 -41.91
CA GLY B 667 -28.87 -10.81 -41.12
C GLY B 667 -27.42 -10.47 -40.87
N ASP B 668 -26.92 -9.37 -41.42
CA ASP B 668 -25.54 -8.97 -41.19
C ASP B 668 -25.44 -8.20 -39.87
N TYR B 669 -24.27 -7.66 -39.59
CA TYR B 669 -24.01 -6.91 -38.36
C TYR B 669 -23.54 -5.50 -38.71
N ASP B 670 -23.77 -4.58 -37.78
CA ASP B 670 -23.23 -3.22 -37.86
C ASP B 670 -22.06 -3.13 -36.90
N LEU B 671 -20.84 -3.15 -37.44
CA LEU B 671 -19.62 -3.06 -36.66
C LEU B 671 -19.08 -1.64 -36.77
N LEU B 672 -19.17 -0.88 -35.68
CA LEU B 672 -18.87 0.55 -35.69
C LEU B 672 -17.45 0.81 -35.20
N VAL B 673 -16.79 1.78 -35.84
CA VAL B 673 -15.44 2.19 -35.49
C VAL B 673 -15.36 3.70 -35.40
N VAL B 674 -14.66 4.20 -34.38
CA VAL B 674 -14.20 5.58 -34.33
C VAL B 674 -12.68 5.56 -34.27
N THR B 675 -12.03 6.47 -34.99
CA THR B 675 -10.58 6.54 -35.04
C THR B 675 -10.07 7.80 -34.36
N THR B 676 -8.74 7.89 -34.22
CA THR B 676 -8.10 9.07 -33.65
C THR B 676 -8.26 10.28 -34.54
N LEU B 677 -8.57 10.10 -35.82
CA LEU B 677 -8.85 11.21 -36.71
C LEU B 677 -10.33 11.59 -36.71
N LYS B 678 -11.11 11.00 -35.80
CA LYS B 678 -12.53 11.26 -35.63
C LYS B 678 -13.35 10.78 -36.81
N GLN B 679 -12.85 9.80 -37.56
CA GLN B 679 -13.67 9.10 -38.54
C GLN B 679 -14.68 8.22 -37.82
N LEU B 680 -15.89 8.16 -38.37
CA LEU B 680 -16.96 7.32 -37.85
C LEU B 680 -17.43 6.40 -38.97
N LEU B 681 -17.12 5.11 -38.84
CA LEU B 681 -17.36 4.14 -39.88
C LEU B 681 -18.16 2.98 -39.33
N ILE B 682 -19.03 2.43 -40.17
CA ILE B 682 -19.81 1.23 -39.85
C ILE B 682 -19.60 0.22 -40.97
N PHE B 683 -19.12 -0.96 -40.61
CA PHE B 683 -18.87 -2.03 -41.57
C PHE B 683 -19.90 -3.14 -41.41
N ASN B 684 -20.26 -3.78 -42.53
CA ASN B 684 -21.03 -5.01 -42.51
C ASN B 684 -20.07 -6.18 -42.68
N PRO B 685 -19.64 -6.84 -41.60
CA PRO B 685 -18.51 -7.78 -41.72
C PRO B 685 -18.84 -9.02 -42.52
N LEU B 686 -20.09 -9.52 -42.47
CA LEU B 686 -20.41 -10.72 -43.24
C LEU B 686 -20.34 -10.45 -44.74
N ARG B 687 -20.89 -9.33 -45.20
CA ARG B 687 -20.66 -8.93 -46.58
C ARG B 687 -19.24 -8.43 -46.80
N GLY B 688 -18.53 -8.12 -45.71
CA GLY B 688 -17.16 -7.66 -45.82
C GLY B 688 -17.02 -6.27 -46.37
N MSE B 689 -18.00 -5.39 -46.13
CA MSE B 689 -18.00 -4.08 -46.76
C MSE B 689 -18.44 -2.94 -45.84
O MSE B 689 -19.10 -3.14 -44.81
CB MSE B 689 -18.90 -4.08 -48.01
CG MSE B 689 -18.31 -4.86 -49.19
SE MSE B 689 -19.24 -4.60 -50.89
CE MSE B 689 -20.47 -3.19 -50.39
N LEU B 690 -18.03 -1.73 -46.22
CA LEU B 690 -18.60 -0.51 -45.66
C LEU B 690 -20.10 -0.50 -45.91
N SER B 691 -20.86 -0.08 -44.90
CA SER B 691 -22.31 -0.13 -44.98
C SER B 691 -22.87 1.04 -45.79
N GLU B 692 -24.14 0.91 -46.18
CA GLU B 692 -24.81 1.98 -46.93
C GLU B 692 -24.94 3.25 -46.12
N TRP B 693 -25.19 3.12 -44.81
CA TRP B 693 -25.20 4.30 -43.97
C TRP B 693 -23.85 5.00 -44.02
N SER B 694 -22.76 4.23 -43.97
CA SER B 694 -21.43 4.81 -44.05
C SER B 694 -21.14 5.37 -45.44
N ARG B 695 -21.71 4.77 -46.49
CA ARG B 695 -21.50 5.31 -47.84
C ARG B 695 -22.18 6.65 -48.00
N ARG B 696 -23.31 6.86 -47.31
CA ARG B 696 -24.00 8.14 -47.35
C ARG B 696 -23.40 9.15 -46.38
N ASN B 697 -23.08 8.72 -45.15
CA ASN B 697 -22.61 9.63 -44.11
C ASN B 697 -21.09 9.57 -44.02
N THR B 698 -20.45 10.25 -44.97
CA THR B 698 -19.00 10.29 -45.08
C THR B 698 -18.42 11.33 -44.12
N TYR B 699 -17.09 11.27 -43.96
CA TYR B 699 -16.37 12.16 -43.05
C TYR B 699 -16.75 13.64 -43.17
N PRO B 700 -16.78 14.25 -44.36
CA PRO B 700 -17.06 15.70 -44.42
C PRO B 700 -18.44 16.07 -43.89
N LYS B 701 -19.36 15.10 -43.77
CA LYS B 701 -20.70 15.37 -43.27
C LYS B 701 -20.79 15.26 -41.76
N LEU B 702 -19.74 14.80 -41.08
CA LEU B 702 -19.76 14.75 -39.63
C LEU B 702 -19.79 16.15 -39.05
N PRO B 703 -20.44 16.34 -37.91
CA PRO B 703 -20.46 17.66 -37.26
C PRO B 703 -19.04 18.18 -37.01
N GLU B 704 -18.86 19.48 -37.29
CA GLU B 704 -17.55 20.08 -37.12
C GLU B 704 -16.97 19.94 -35.72
N PRO B 705 -17.71 20.12 -34.62
CA PRO B 705 -17.10 19.89 -33.30
C PRO B 705 -16.57 18.47 -33.12
N PHE B 706 -17.25 17.48 -33.70
CA PHE B 706 -16.81 16.09 -33.56
C PHE B 706 -15.50 15.84 -34.28
N ARG B 707 -15.24 16.55 -35.38
CA ARG B 707 -14.04 16.34 -36.18
C ARG B 707 -12.79 16.95 -35.56
N ASP B 708 -12.92 17.66 -34.43
CA ASP B 708 -11.78 18.22 -33.71
C ASP B 708 -10.96 17.09 -33.10
N THR B 709 -9.75 16.87 -33.62
CA THR B 709 -8.90 15.79 -33.13
C THR B 709 -8.26 16.07 -31.78
N ARG B 710 -8.46 17.27 -31.22
CA ARG B 710 -8.03 17.52 -29.84
C ARG B 710 -8.97 16.87 -28.84
N ASP B 711 -10.11 16.35 -29.30
CA ASP B 711 -11.15 15.74 -28.49
C ASP B 711 -11.20 14.26 -28.83
N GLN B 712 -10.40 13.46 -28.13
CA GLN B 712 -10.29 12.04 -28.43
C GLN B 712 -11.43 11.26 -27.77
N VAL B 713 -12.19 10.52 -28.57
CA VAL B 713 -13.25 9.68 -28.03
C VAL B 713 -12.63 8.51 -27.26
N LYS B 714 -13.24 8.19 -26.12
CA LYS B 714 -12.78 7.11 -25.26
C LYS B 714 -13.73 5.92 -25.20
N GLY B 715 -15.01 6.12 -25.49
CA GLY B 715 -15.98 5.05 -25.27
C GLY B 715 -17.30 5.36 -25.94
N ILE B 716 -18.19 4.37 -25.90
CA ILE B 716 -19.48 4.44 -26.55
C ILE B 716 -20.54 3.86 -25.62
N VAL B 717 -21.75 4.42 -25.68
CA VAL B 717 -22.91 3.89 -24.97
C VAL B 717 -24.07 3.82 -25.95
N TRP B 718 -24.61 2.63 -26.16
CA TRP B 718 -25.73 2.44 -27.07
C TRP B 718 -27.05 2.78 -26.39
N GLN B 719 -27.94 3.44 -27.15
CA GLN B 719 -29.34 3.65 -26.77
C GLN B 719 -30.20 3.28 -27.98
N GLY B 720 -30.49 1.99 -28.12
CA GLY B 720 -31.16 1.54 -29.33
C GLY B 720 -30.29 1.84 -30.53
N GLN B 721 -30.86 2.55 -31.51
CA GLN B 721 -30.09 2.96 -32.68
C GLN B 721 -29.39 4.30 -32.48
N ARG B 722 -29.50 4.91 -31.31
CA ARG B 722 -28.70 6.08 -30.95
C ARG B 722 -27.39 5.63 -30.31
N ALA B 723 -26.30 6.31 -30.68
CA ALA B 723 -24.99 6.06 -30.11
C ALA B 723 -24.47 7.32 -29.43
N TRP B 724 -24.03 7.17 -28.19
CA TRP B 724 -23.40 8.25 -27.43
C TRP B 724 -21.90 8.01 -27.41
N PHE B 725 -21.12 9.03 -27.76
CA PHE B 725 -19.66 8.98 -27.73
C PHE B 725 -19.15 10.02 -26.75
N TYR B 726 -18.25 9.61 -25.86
CA TYR B 726 -17.65 10.52 -24.91
C TYR B 726 -16.13 10.50 -24.99
N GLY B 727 -15.54 11.67 -24.75
CA GLY B 727 -14.13 11.80 -24.47
C GLY B 727 -13.90 12.19 -23.02
N VAL B 728 -12.68 12.65 -22.75
CA VAL B 728 -12.38 13.10 -21.39
C VAL B 728 -13.20 14.33 -21.03
N ALA B 729 -13.57 15.15 -22.03
CA ALA B 729 -14.29 16.39 -21.74
C ALA B 729 -15.46 16.63 -22.70
N SER B 730 -16.05 15.58 -23.25
CA SER B 730 -17.04 15.76 -24.31
C SER B 730 -18.02 14.61 -24.35
N LEU B 731 -19.21 14.89 -24.90
CA LEU B 731 -20.27 13.89 -25.03
C LEU B 731 -21.10 14.23 -26.25
N PHE B 732 -21.14 13.32 -27.23
CA PHE B 732 -21.94 13.48 -28.44
C PHE B 732 -23.01 12.40 -28.51
N MSE B 733 -24.14 12.74 -29.13
CA MSE B 733 -25.17 11.74 -29.43
C MSE B 733 -25.57 11.81 -30.90
O MSE B 733 -25.97 12.86 -31.39
CB MSE B 733 -26.40 11.94 -28.55
CG MSE B 733 -27.42 10.79 -28.63
SE MSE B 733 -29.26 11.32 -29.00
CE MSE B 733 -29.06 11.84 -30.88
N PHE B 734 -25.44 10.69 -31.60
CA PHE B 734 -25.87 10.57 -32.98
C PHE B 734 -26.99 9.54 -33.10
N ASP B 735 -28.02 9.88 -33.85
CA ASP B 735 -29.09 8.94 -34.18
C ASP B 735 -28.71 8.27 -35.48
N LEU B 736 -28.18 7.05 -35.38
CA LEU B 736 -27.59 6.38 -36.53
C LEU B 736 -28.63 5.79 -37.48
N SER B 737 -29.91 5.93 -37.17
CA SER B 737 -30.97 5.60 -38.12
C SER B 737 -31.28 6.75 -39.07
N GLN B 738 -30.55 7.86 -38.94
CA GLN B 738 -30.77 9.06 -39.72
C GLN B 738 -29.47 9.43 -40.44
N ASP B 739 -29.61 10.24 -41.49
CA ASP B 739 -28.47 10.74 -42.22
C ASP B 739 -28.13 12.14 -41.71
N PHE B 740 -26.84 12.45 -41.72
CA PHE B 740 -26.44 13.82 -41.48
C PHE B 740 -26.85 14.69 -42.67
N SER B 741 -26.91 16.00 -42.43
CA SER B 741 -27.24 16.93 -43.50
C SER B 741 -26.18 16.90 -44.60
N ALA B 848 -30.79 20.37 -36.67
CA ALA B 848 -29.89 19.23 -36.51
C ALA B 848 -30.46 18.23 -35.51
N LYS B 849 -30.25 16.94 -35.78
CA LYS B 849 -30.70 15.88 -34.88
C LYS B 849 -29.52 15.21 -34.16
N TRP B 850 -28.33 15.80 -34.22
CA TRP B 850 -27.22 15.40 -33.36
C TRP B 850 -27.08 16.42 -32.24
N TRP B 851 -26.54 15.97 -31.11
CA TRP B 851 -26.42 16.81 -29.94
C TRP B 851 -25.07 16.57 -29.28
N HIS B 852 -24.62 17.55 -28.49
CA HIS B 852 -23.38 17.41 -27.74
C HIS B 852 -23.38 18.36 -26.56
N THR B 853 -22.44 18.12 -25.64
CA THR B 853 -22.25 18.99 -24.49
C THR B 853 -20.83 18.81 -23.97
N TYR B 854 -20.29 19.89 -23.39
CA TYR B 854 -18.96 19.89 -22.77
C TYR B 854 -19.04 20.07 -21.26
N GLN B 855 -20.22 19.87 -20.66
CA GLN B 855 -20.41 20.15 -19.25
C GLN B 855 -19.80 19.08 -18.34
N PHE B 856 -19.40 17.93 -18.86
CA PHE B 856 -18.83 16.86 -18.05
C PHE B 856 -17.34 16.69 -18.34
N ARG B 857 -16.53 16.66 -17.29
CA ARG B 857 -15.07 16.57 -17.35
C ARG B 857 -14.51 16.53 -15.93
N PRO B 858 -13.35 15.89 -15.72
CA PRO B 858 -12.71 14.99 -16.69
C PRO B 858 -13.25 13.57 -16.57
N ILE B 859 -13.76 13.04 -17.68
CA ILE B 859 -14.51 11.79 -17.67
C ILE B 859 -13.54 10.60 -17.73
N MSE B 860 -13.64 9.71 -16.74
CA MSE B 860 -13.02 8.41 -16.84
C MSE B 860 -13.79 7.57 -17.85
O MSE B 860 -13.26 7.14 -18.86
CB MSE B 860 -12.98 7.69 -15.49
CG MSE B 860 -11.85 8.12 -14.57
SE MSE B 860 -11.67 6.93 -13.02
CE MSE B 860 -10.72 5.47 -13.87
N GLY B 861 -15.08 7.36 -17.56
CA GLY B 861 -15.94 6.64 -18.48
C GLY B 861 -17.40 6.81 -18.12
N ILE B 862 -18.25 6.38 -19.06
CA ILE B 862 -19.70 6.36 -18.88
C ILE B 862 -20.16 4.95 -19.17
N VAL B 863 -20.85 4.34 -18.21
CA VAL B 863 -21.22 2.94 -18.31
C VAL B 863 -22.70 2.74 -18.02
N PRO B 864 -23.41 1.94 -18.80
CA PRO B 864 -24.85 1.77 -18.58
C PRO B 864 -25.13 0.86 -17.40
N ILE B 865 -26.26 1.13 -16.74
CA ILE B 865 -26.84 0.23 -15.76
C ILE B 865 -28.32 0.13 -16.09
N GLU B 866 -28.92 -1.00 -15.72
CA GLU B 866 -30.31 -1.26 -16.09
C GLU B 866 -31.22 -1.04 -14.90
N GLY B 867 -32.41 -0.53 -15.17
CA GLY B 867 -33.38 -0.19 -14.14
C GLY B 867 -34.11 -1.37 -13.51
N ILE B 879 -38.31 4.73 -27.95
CA ILE B 879 -36.94 4.98 -27.54
C ILE B 879 -36.71 4.51 -26.11
N PRO B 880 -35.87 3.49 -25.93
CA PRO B 880 -35.59 3.00 -24.59
C PRO B 880 -34.82 4.05 -23.78
N PRO B 881 -35.26 4.32 -22.57
CA PRO B 881 -34.50 5.25 -21.71
C PRO B 881 -33.18 4.64 -21.29
N LEU B 882 -32.22 5.50 -21.01
CA LEU B 882 -30.86 5.09 -20.71
C LEU B 882 -30.48 5.60 -19.33
N GLU B 883 -29.98 4.70 -18.48
CA GLU B 883 -29.46 5.05 -17.17
C GLU B 883 -27.98 4.70 -17.14
N VAL B 884 -27.15 5.66 -16.75
CA VAL B 884 -25.71 5.48 -16.79
C VAL B 884 -25.06 6.04 -15.53
N ALA B 885 -23.84 5.59 -15.29
CA ALA B 885 -22.96 6.17 -14.29
C ALA B 885 -21.87 6.93 -15.03
N LEU B 886 -21.75 8.20 -14.74
CA LEU B 886 -20.73 9.03 -15.35
C LEU B 886 -19.68 9.28 -14.28
N ILE B 887 -18.48 8.77 -14.48
CA ILE B 887 -17.41 8.80 -13.49
C ILE B 887 -16.43 9.88 -13.90
N GLU B 888 -16.35 10.93 -13.09
CA GLU B 888 -15.39 12.01 -13.27
C GLU B 888 -14.33 11.89 -12.18
N ARG B 889 -13.09 12.24 -12.54
CA ARG B 889 -11.96 12.13 -11.63
C ARG B 889 -11.12 13.39 -11.74
N PRO B 890 -11.61 14.50 -11.21
CA PRO B 890 -10.80 15.72 -11.18
C PRO B 890 -9.69 15.60 -10.16
N LEU B 891 -8.57 16.24 -10.44
CA LEU B 891 -7.50 16.34 -9.46
C LEU B 891 -7.46 17.70 -8.77
N SER B 892 -7.67 18.77 -9.52
CA SER B 892 -7.55 20.13 -9.03
C SER B 892 -8.61 20.99 -9.72
N GLU B 893 -8.49 22.31 -9.56
CA GLU B 893 -9.17 23.28 -10.41
C GLU B 893 -10.68 23.00 -10.55
#